data_5XMK
#
_entry.id   5XMK
#
_cell.length_a   1
_cell.length_b   1
_cell.length_c   1
_cell.angle_alpha   90.00
_cell.angle_beta   90.00
_cell.angle_gamma   90.00
#
_symmetry.space_group_name_H-M   'P 1'
#
loop_
_entity.id
_entity.type
_entity.pdbx_description
1 polymer 'Vacuolar protein sorting-associated protein 4'
2 polymer 'Vacuolar protein sorting-associated protein VTA1'
3 non-polymer "ADENOSINE-5'-TRIPHOSPHATE"
#
loop_
_entity_poly.entity_id
_entity_poly.type
_entity_poly.pdbx_seq_one_letter_code
_entity_poly.pdbx_strand_id
1 'polypeptide(L)'
;MSTGDFLTKGIELVQKAIDLDTATQYEEAYTAYYNGLDYLMLALKYEKNPKSKDLIRAKFTEYLNRAEQLKKHLESEEAN
AAKKSPSAGSGSNGGNKKISQEEGEDNGGEDNKKLRGALSSAILSEKPNVKWEDVAGLEGAKEALKEAVILPVKFPHLFK
GNRKPTSGILLYGPPGTGKSYLAKAVATEANSTFFSVSSSDLVSKWMGESEKLVKQLFAMARENKPSIIFIDQVDALTGT
RGEGESEASRRIKTELLVQMNGVGNDSQGVLVLGATNIPWQLDSAIRRRFERRIYIPLPDLAARTTMFEINVGDTPCVLT
KEDYRTLGAMTEGYSGSDIAVVVKDALMQPIRKIQSATHFKDVSTEDDETRKLTPCSPGDDGAIEMSWTDIEADELKEPD
LTIKDFLKAIKSTRPTVNEDDLLKQEQFTRDFGQEGN
;
A,B,C,D,E,F
2 'polypeptide(L)'
;MASNAARVVATAKDFDKVGLGIIGYYLQLYAVELILSEEDRSQEMTALATELLDTIEAFKKEIGGESEAEDSDKSLHVMN
TLIHDQEKAKIYMLNFTMSLYNEKLKQLKDGPWDVMLKRSLWCCIDLFSCILHLWKENISETSTNSLQKRIKYCKIYLSK
LAKGEIGSSDEKTLDYADFADDSEEIKDEDVDHQTSDLENNNNDKVEGLAPKDQTTSYEPVDEVPEFIDDADSVNEEEQT
VDKNEDAITKDEQQVVKKEVDLTRPSAPSEPAAAEHKSYTKDELTKIMDRASKIEQIQKLAKYAISALNYEDLPTAKDEL
TKALDLLNSI
;
G,H,I,J,K,L,M,N
#
# COMPACT_ATOMS: atom_id res chain seq x y z
N LEU A 119 -0.13 15.79 22.66
CA LEU A 119 -0.64 14.43 23.02
C LEU A 119 0.09 13.84 24.26
N SER A 120 -0.10 14.40 25.46
CA SER A 120 -0.83 15.66 25.71
C SER A 120 0.11 16.87 25.78
N SER A 121 1.31 16.68 26.35
CA SER A 121 2.27 17.77 26.58
C SER A 121 3.09 18.21 25.36
N ALA A 122 2.88 17.59 24.20
CA ALA A 122 3.39 18.10 22.92
C ALA A 122 2.76 19.45 22.56
N ILE A 123 1.52 19.67 23.02
CA ILE A 123 0.91 20.98 23.06
C ILE A 123 0.97 21.48 24.50
N LEU A 124 1.53 22.69 24.65
CA LEU A 124 1.76 23.23 25.97
C LEU A 124 0.53 23.98 26.46
N SER A 125 0.40 24.04 27.78
CA SER A 125 -0.51 24.97 28.43
C SER A 125 0.17 25.58 29.64
N GLU A 126 0.02 26.89 29.81
CA GLU A 126 0.54 27.58 31.01
C GLU A 126 -0.03 28.97 31.18
N LYS A 127 0.01 29.45 32.41
CA LYS A 127 -0.38 30.80 32.71
C LYS A 127 0.91 31.52 33.03
N PRO A 128 1.56 32.15 32.03
CA PRO A 128 2.85 32.81 32.35
C PRO A 128 2.73 34.11 33.15
N ASN A 129 3.83 34.53 33.75
CA ASN A 129 3.81 35.75 34.56
C ASN A 129 4.87 36.77 34.12
N VAL A 130 4.88 37.06 32.83
CA VAL A 130 5.87 37.94 32.24
C VAL A 130 5.19 39.26 31.93
N LYS A 131 5.61 40.32 32.60
CA LYS A 131 5.06 41.66 32.30
C LYS A 131 5.73 42.29 31.07
N TRP A 132 5.07 43.32 30.51
CA TRP A 132 5.63 44.17 29.45
C TRP A 132 7.08 44.57 29.77
N GLU A 133 7.29 45.06 30.99
CA GLU A 133 8.57 45.60 31.44
C GLU A 133 9.67 44.52 31.53
N ASP A 134 9.31 43.24 31.48
CA ASP A 134 10.34 42.18 31.53
C ASP A 134 10.92 41.89 30.15
N VAL A 135 10.33 42.49 29.12
CA VAL A 135 10.74 42.33 27.75
C VAL A 135 11.61 43.50 27.33
N ALA A 136 12.87 43.19 27.05
CA ALA A 136 13.85 44.11 26.48
C ALA A 136 13.33 44.77 25.21
N GLY A 137 13.33 46.10 25.20
CA GLY A 137 12.56 46.85 24.18
C GLY A 137 11.07 46.66 24.45
N LEU A 138 10.23 46.45 23.44
CA LEU A 138 10.45 46.78 22.05
C LEU A 138 9.23 47.64 21.72
N GLU A 139 9.43 48.94 21.69
CA GLU A 139 8.34 49.86 21.98
C GLU A 139 7.25 49.88 20.93
N GLY A 140 7.62 49.86 19.64
CA GLY A 140 6.64 49.91 18.59
C GLY A 140 5.77 48.66 18.62
N ALA A 141 6.41 47.52 18.82
CA ALA A 141 5.67 46.25 18.89
C ALA A 141 4.74 46.27 20.09
N LYS A 142 5.22 46.78 21.20
CA LYS A 142 4.43 46.87 22.43
C LYS A 142 3.17 47.75 22.18
N GLU A 143 3.40 48.87 21.53
CA GLU A 143 2.29 49.76 21.23
C GLU A 143 1.29 49.12 20.29
N ALA A 144 1.78 48.36 19.31
CA ALA A 144 0.91 47.62 18.41
C ALA A 144 0.05 46.63 19.18
N LEU A 145 0.67 45.93 20.13
CA LEU A 145 -0.07 44.98 20.92
C LEU A 145 -1.11 45.64 21.85
N LYS A 146 -0.77 46.80 22.37
CA LYS A 146 -1.67 47.53 23.22
C LYS A 146 -2.87 48.09 22.44
N GLU A 147 -2.64 48.51 21.22
CA GLU A 147 -3.72 48.97 20.37
C GLU A 147 -4.50 47.79 19.75
N ALA A 148 -3.86 46.65 19.55
CA ALA A 148 -4.52 45.45 19.04
C ALA A 148 -5.34 44.70 20.09
N VAL A 149 -4.95 44.76 21.36
CA VAL A 149 -5.62 44.03 22.43
C VAL A 149 -6.22 44.93 23.52
N ILE A 150 -5.42 45.84 24.04
CA ILE A 150 -5.80 46.62 25.22
C ILE A 150 -6.83 47.67 24.85
N LEU A 151 -6.73 48.29 23.69
CA LEU A 151 -7.76 49.20 23.27
C LEU A 151 -9.12 48.48 23.17
N PRO A 152 -9.13 47.25 22.63
CA PRO A 152 -10.36 46.49 22.66
C PRO A 152 -10.86 46.21 24.04
N VAL A 153 -9.92 45.89 24.93
CA VAL A 153 -10.23 45.65 26.33
C VAL A 153 -10.73 46.91 27.06
N LYS A 154 -10.15 48.04 26.71
CA LYS A 154 -10.57 49.34 27.18
C LYS A 154 -12.01 49.70 26.78
N PHE A 155 -12.36 49.48 25.53
CA PHE A 155 -13.67 49.83 25.02
C PHE A 155 -14.37 48.62 24.41
N PRO A 156 -14.84 47.67 25.26
CA PRO A 156 -15.46 46.47 24.68
C PRO A 156 -16.85 46.73 24.02
N HIS A 157 -17.61 47.70 24.55
CA HIS A 157 -18.89 48.11 23.98
C HIS A 157 -18.82 48.57 22.51
N LEU A 158 -17.60 48.84 22.02
CA LEU A 158 -17.36 49.21 20.64
C LEU A 158 -17.43 48.02 19.70
N PHE A 159 -17.52 46.81 20.24
CA PHE A 159 -17.58 45.60 19.42
C PHE A 159 -18.90 44.83 19.57
N LYS A 160 -20.00 45.52 19.32
CA LYS A 160 -21.32 44.92 19.09
C LYS A 160 -21.45 44.68 17.60
N GLY A 161 -22.27 43.72 17.19
CA GLY A 161 -22.59 43.50 15.77
C GLY A 161 -21.47 42.87 14.97
N ASN A 162 -21.16 43.44 13.80
CA ASN A 162 -20.12 42.90 12.93
C ASN A 162 -18.73 43.53 13.15
N ARG A 163 -18.58 44.24 14.25
CA ARG A 163 -17.29 44.73 14.71
C ARG A 163 -16.76 43.68 15.66
N LYS A 164 -15.57 43.16 15.37
CA LYS A 164 -15.06 42.00 16.08
C LYS A 164 -13.59 42.19 16.52
N PRO A 165 -13.23 41.67 17.71
CA PRO A 165 -11.81 41.64 18.10
C PRO A 165 -10.97 40.83 17.13
N THR A 166 -9.68 41.19 17.01
CA THR A 166 -8.75 40.52 16.11
C THR A 166 -8.48 39.08 16.55
N SER A 167 -8.52 38.14 15.59
CA SER A 167 -8.27 36.73 15.84
C SER A 167 -6.80 36.43 15.62
N GLY A 168 -6.30 36.73 14.42
CA GLY A 168 -4.97 36.33 13.99
C GLY A 168 -3.97 37.47 13.92
N ILE A 169 -2.86 37.32 14.66
CA ILE A 169 -1.72 38.22 14.45
C ILE A 169 -0.40 37.47 14.24
N LEU A 170 0.46 38.03 13.40
CA LEU A 170 1.73 37.41 13.02
C LEU A 170 2.90 38.17 13.64
N LEU A 171 3.80 37.45 14.27
CA LEU A 171 5.07 37.98 14.72
C LEU A 171 6.12 37.49 13.71
N TYR A 172 6.77 38.46 13.03
CA TYR A 172 7.73 38.09 11.95
C TYR A 172 9.10 38.77 12.11
N GLY A 173 10.15 38.05 11.78
CA GLY A 173 11.50 38.60 11.85
C GLY A 173 12.54 37.51 11.79
N PRO A 174 13.80 37.85 12.09
CA PRO A 174 14.83 36.81 12.21
C PRO A 174 14.59 35.88 13.41
N PRO A 175 15.12 34.64 13.37
CA PRO A 175 15.00 33.70 14.51
C PRO A 175 15.76 34.21 15.75
N GLY A 176 15.37 33.78 16.94
CA GLY A 176 16.14 33.99 18.17
C GLY A 176 15.83 35.27 18.94
N THR A 177 14.71 35.91 18.62
CA THR A 177 14.39 37.25 19.13
C THR A 177 13.41 37.26 20.31
N GLY A 178 13.17 36.09 20.89
CA GLY A 178 12.29 35.97 22.04
C GLY A 178 10.82 36.09 21.68
N LYS A 179 10.46 35.86 20.42
CA LYS A 179 9.04 35.88 20.05
C LYS A 179 8.21 35.07 21.03
N SER A 180 8.76 33.95 21.52
CA SER A 180 8.10 33.13 22.50
C SER A 180 7.95 33.85 23.84
N TYR A 181 9.03 34.51 24.26
CA TYR A 181 8.99 35.31 25.47
C TYR A 181 7.97 36.43 25.32
N LEU A 182 7.95 37.07 24.17
CA LEU A 182 7.00 38.14 23.89
C LEU A 182 5.55 37.63 23.97
N ALA A 183 5.31 36.45 23.42
CA ALA A 183 4.06 35.73 23.51
C ALA A 183 3.62 35.42 24.94
N LYS A 184 4.62 35.15 25.78
CA LYS A 184 4.38 35.01 27.23
C LYS A 184 3.97 36.36 27.79
N ALA A 185 4.59 37.45 27.35
CA ALA A 185 4.21 38.74 27.89
C ALA A 185 2.81 39.18 27.50
N VAL A 186 2.45 39.02 26.22
CA VAL A 186 1.09 39.28 25.78
C VAL A 186 0.10 38.33 26.44
N ALA A 187 0.52 37.07 26.63
CA ALA A 187 -0.33 36.10 27.30
C ALA A 187 -0.62 36.56 28.72
N THR A 188 0.33 37.19 29.40
CA THR A 188 0.16 37.69 30.74
C THR A 188 -0.75 38.94 30.75
N GLU A 189 -0.48 39.82 29.81
CA GLU A 189 -1.22 41.06 29.72
C GLU A 189 -2.68 40.83 29.32
N ALA A 190 -2.90 39.96 28.34
CA ALA A 190 -4.25 39.50 28.02
C ALA A 190 -4.85 38.60 29.13
N ASN A 191 -3.99 37.97 29.91
CA ASN A 191 -4.32 37.37 31.18
C ASN A 191 -5.14 36.11 30.93
N SER A 192 -4.67 35.28 30.02
CA SER A 192 -5.24 33.96 29.96
C SER A 192 -4.24 32.84 29.81
N THR A 193 -4.78 31.64 29.64
CA THR A 193 -3.98 30.46 29.38
C THR A 193 -3.30 30.54 28.01
N PHE A 194 -2.02 30.17 28.03
CA PHE A 194 -1.15 30.18 26.87
C PHE A 194 -1.00 28.74 26.43
N PHE A 195 -1.50 28.42 25.24
CA PHE A 195 -1.36 27.13 24.60
C PHE A 195 -0.40 27.30 23.42
N SER A 196 0.49 26.34 23.17
CA SER A 196 1.44 26.52 22.08
C SER A 196 1.96 25.25 21.44
N VAL A 197 2.23 25.35 20.13
CA VAL A 197 2.75 24.23 19.35
C VAL A 197 3.63 24.73 18.18
N SER A 198 4.57 23.89 17.75
CA SER A 198 5.33 24.11 16.51
C SER A 198 4.64 23.43 15.32
N SER A 199 4.51 24.18 14.22
CA SER A 199 3.72 23.73 13.06
C SER A 199 4.19 22.46 12.37
N SER A 200 5.50 22.33 12.23
CA SER A 200 6.06 21.13 11.62
C SER A 200 5.74 19.90 12.46
N ASP A 201 5.82 20.04 13.80
CA ASP A 201 5.51 18.93 14.69
C ASP A 201 4.05 18.44 14.45
N LEU A 202 3.84 17.13 14.26
CA LEU A 202 4.89 16.12 14.14
C LEU A 202 4.51 15.08 13.10
N VAL A 203 5.43 14.82 12.16
CA VAL A 203 5.31 13.67 11.26
C VAL A 203 5.49 12.33 12.00
N SER A 204 6.37 12.36 13.03
CA SER A 204 6.78 11.23 13.90
C SER A 204 6.65 9.80 13.36
N LYS A 205 5.41 9.31 13.32
CA LYS A 205 5.11 7.94 12.88
C LYS A 205 3.79 7.90 12.06
N TRP A 206 2.68 8.34 12.67
CA TRP A 206 1.46 8.62 11.92
C TRP A 206 1.45 10.04 11.36
N MET A 207 0.90 10.18 10.16
CA MET A 207 0.50 11.47 9.64
C MET A 207 -0.83 11.81 10.28
N GLY A 208 -1.76 10.85 10.20
CA GLY A 208 -3.15 11.03 10.58
C GLY A 208 -3.45 11.64 11.94
N GLU A 209 -2.62 11.38 12.93
CA GLU A 209 -2.88 11.86 14.28
C GLU A 209 -2.42 13.29 14.53
N SER A 210 -1.57 13.81 13.65
CA SER A 210 -1.29 15.26 13.69
C SER A 210 -2.57 16.06 13.44
N GLU A 211 -3.33 15.66 12.43
CA GLU A 211 -4.60 16.25 12.11
C GLU A 211 -5.58 16.06 13.27
N LYS A 212 -5.54 14.90 13.92
CA LYS A 212 -6.39 14.66 15.09
C LYS A 212 -6.09 15.69 16.18
N LEU A 213 -4.81 15.95 16.40
CA LEU A 213 -4.41 16.98 17.36
C LEU A 213 -4.88 18.35 16.92
N VAL A 214 -4.84 18.58 15.61
CA VAL A 214 -5.30 19.86 15.05
C VAL A 214 -6.78 20.07 15.38
N LYS A 215 -7.54 19.00 15.29
CA LYS A 215 -8.99 19.05 15.44
C LYS A 215 -9.43 19.43 16.87
N GLN A 216 -8.92 18.64 17.81
CA GLN A 216 -9.26 18.80 19.22
C GLN A 216 -8.93 20.23 19.71
N LEU A 217 -7.82 20.75 19.17
CA LEU A 217 -7.17 21.94 19.69
C LEU A 217 -8.12 23.11 19.72
N PHE A 218 -8.92 23.24 18.68
CA PHE A 218 -9.79 24.40 18.58
C PHE A 218 -10.94 24.36 19.59
N ALA A 219 -11.53 23.17 19.76
CA ALA A 219 -12.56 22.94 20.74
C ALA A 219 -12.00 23.14 22.15
N MET A 220 -10.84 22.54 22.42
CA MET A 220 -10.20 22.68 23.69
C MET A 220 -9.87 24.13 24.00
N ALA A 221 -9.57 24.94 23.01
CA ALA A 221 -9.32 26.35 23.20
C ALA A 221 -10.59 27.12 23.51
N ARG A 222 -11.65 26.80 22.78
CA ARG A 222 -12.97 27.35 23.01
C ARG A 222 -13.43 27.04 24.44
N GLU A 223 -13.02 25.88 24.97
CA GLU A 223 -13.39 25.49 26.33
C GLU A 223 -12.75 26.37 27.40
N ASN A 224 -11.73 27.14 27.07
CA ASN A 224 -11.22 28.19 27.99
C ASN A 224 -11.31 29.52 27.26
N LYS A 225 -12.39 30.26 27.49
CA LYS A 225 -12.53 31.65 27.00
C LYS A 225 -12.24 32.62 28.16
N PRO A 226 -11.23 33.51 28.08
CA PRO A 226 -10.33 33.71 26.94
C PRO A 226 -9.12 32.76 26.94
N SER A 227 -8.37 32.70 25.85
CA SER A 227 -7.10 31.93 25.81
C SER A 227 -6.20 32.43 24.67
N ILE A 228 -4.97 31.93 24.62
CA ILE A 228 -4.06 32.25 23.51
C ILE A 228 -3.46 31.00 22.90
N ILE A 229 -3.63 30.81 21.58
CA ILE A 229 -2.91 29.74 20.86
C ILE A 229 -1.70 30.36 20.15
N PHE A 230 -0.54 29.78 20.40
CA PHE A 230 0.70 30.16 19.73
C PHE A 230 1.14 29.05 18.79
N ILE A 231 1.20 29.41 17.51
CA ILE A 231 1.64 28.52 16.45
C ILE A 231 3.02 28.98 15.96
N ASP A 232 4.01 28.13 16.26
CA ASP A 232 5.36 28.44 15.94
C ASP A 232 5.64 27.97 14.53
N GLN A 233 6.44 28.78 13.83
CA GLN A 233 6.93 28.48 12.51
C GLN A 233 5.79 28.18 11.57
N VAL A 234 4.87 29.11 11.45
CA VAL A 234 3.71 28.94 10.55
C VAL A 234 4.10 28.70 9.08
N ASP A 235 5.25 29.25 8.68
CA ASP A 235 5.77 29.06 7.34
C ASP A 235 6.05 27.60 7.03
N ALA A 236 6.35 26.76 8.01
CA ALA A 236 6.61 25.34 7.76
C ALA A 236 5.43 24.58 7.14
N LEU A 237 4.22 25.18 7.15
CA LEU A 237 3.03 24.57 6.56
C LEU A 237 2.56 25.27 5.28
N THR A 238 3.47 25.90 4.55
CA THR A 238 3.12 26.70 3.37
C THR A 238 4.39 27.01 2.57
N GLY A 239 4.44 26.66 1.28
CA GLY A 239 5.62 26.99 0.46
C GLY A 239 5.58 26.61 -1.01
N THR A 240 6.72 26.77 -1.68
CA THR A 240 6.91 26.43 -3.12
C THR A 240 7.37 24.96 -3.36
N ARG A 241 7.26 24.11 -2.34
CA ARG A 241 7.71 22.71 -2.43
C ARG A 241 6.82 21.89 -3.35
N GLY A 242 5.52 21.93 -3.10
CA GLY A 242 4.53 21.15 -3.86
C GLY A 242 4.50 19.69 -3.47
N GLU A 243 3.63 18.93 -4.14
CA GLU A 243 3.42 17.49 -3.91
C GLU A 243 2.98 17.14 -2.47
N GLY A 244 3.90 17.22 -1.51
CA GLY A 244 3.58 17.04 -0.10
C GLY A 244 2.82 18.20 0.48
N GLU A 245 3.19 19.42 0.04
CA GLU A 245 2.49 20.64 0.42
C GLU A 245 1.06 20.70 -0.14
N SER A 246 0.90 20.25 -1.38
CA SER A 246 -0.39 20.29 -2.07
C SER A 246 -1.46 19.34 -1.50
N GLU A 247 -1.03 18.27 -0.83
CA GLU A 247 -1.96 17.30 -0.21
C GLU A 247 -2.08 17.43 1.32
N ALA A 248 -0.99 17.10 2.03
CA ALA A 248 -1.00 16.93 3.48
C ALA A 248 -1.06 18.26 4.24
N SER A 249 -0.22 19.20 3.84
CA SER A 249 -0.18 20.52 4.45
C SER A 249 -1.24 21.47 3.87
N ARG A 250 -1.89 21.05 2.78
CA ARG A 250 -3.03 21.82 2.24
C ARG A 250 -4.28 21.59 3.11
N ARG A 251 -4.53 20.31 3.42
CA ARG A 251 -5.69 19.91 4.17
C ARG A 251 -5.68 20.44 5.59
N ILE A 252 -4.50 20.50 6.20
CA ILE A 252 -4.31 21.06 7.52
C ILE A 252 -4.38 22.57 7.49
N LYS A 253 -3.88 23.19 6.43
CA LYS A 253 -3.98 24.63 6.23
C LYS A 253 -5.42 25.16 6.11
N THR A 254 -6.14 24.61 5.14
CA THR A 254 -7.54 24.95 4.94
C THR A 254 -8.37 24.57 6.16
N GLU A 255 -8.04 23.43 6.78
CA GLU A 255 -8.64 23.06 8.08
C GLU A 255 -8.41 24.15 9.10
N LEU A 256 -7.18 24.66 9.20
CA LEU A 256 -6.89 25.70 10.19
C LEU A 256 -7.72 26.94 9.93
N LEU A 257 -7.80 27.28 8.64
CA LEU A 257 -8.52 28.45 8.14
C LEU A 257 -9.97 28.38 8.58
N VAL A 258 -10.57 27.19 8.39
CA VAL A 258 -11.97 26.96 8.70
C VAL A 258 -12.21 26.95 10.22
N GLN A 259 -11.25 26.39 10.95
CA GLN A 259 -11.38 26.36 12.40
C GLN A 259 -11.34 27.76 12.97
N MET A 260 -10.47 28.61 12.42
CA MET A 260 -10.39 29.99 12.90
C MET A 260 -11.66 30.79 12.52
N ASN A 261 -12.25 30.46 11.38
CA ASN A 261 -13.46 31.11 10.90
C ASN A 261 -14.69 30.82 11.78
N GLY A 262 -14.75 29.59 12.31
CA GLY A 262 -15.94 29.06 12.98
C GLY A 262 -16.38 29.76 14.25
N VAL A 263 -15.40 30.31 14.97
CA VAL A 263 -15.67 31.12 16.14
C VAL A 263 -15.70 32.62 15.78
N GLY A 264 -15.77 32.94 14.48
CA GLY A 264 -15.62 34.31 14.00
C GLY A 264 -16.78 35.22 14.35
N ASN A 265 -17.97 34.64 14.55
CA ASN A 265 -19.20 35.41 14.79
C ASN A 265 -19.38 35.76 16.27
N ASP A 266 -18.44 36.56 16.78
CA ASP A 266 -18.47 37.09 18.15
C ASP A 266 -18.74 36.03 19.23
N SER A 267 -18.09 34.87 19.09
CA SER A 267 -18.10 33.81 20.09
C SER A 267 -16.72 33.64 20.72
N GLN A 268 -15.72 34.35 20.20
CA GLN A 268 -14.32 34.03 20.47
C GLN A 268 -13.84 34.60 21.78
N GLY A 269 -13.14 33.75 22.54
CA GLY A 269 -12.22 34.18 23.58
C GLY A 269 -10.78 33.83 23.25
N VAL A 270 -10.52 33.14 22.15
CA VAL A 270 -9.15 32.72 21.84
C VAL A 270 -8.41 33.82 21.08
N LEU A 271 -7.10 33.90 21.31
CA LEU A 271 -6.24 34.72 20.46
C LEU A 271 -5.28 33.82 19.70
N VAL A 272 -5.09 34.08 18.42
CA VAL A 272 -4.14 33.34 17.59
C VAL A 272 -2.92 34.23 17.39
N LEU A 273 -1.76 33.74 17.84
CA LEU A 273 -0.46 34.39 17.57
C LEU A 273 0.32 33.44 16.68
N GLY A 274 0.81 33.91 15.55
CA GLY A 274 1.69 33.09 14.68
C GLY A 274 3.12 33.59 14.69
N ALA A 275 4.09 32.70 14.45
CA ALA A 275 5.48 33.14 14.36
C ALA A 275 6.09 32.67 13.08
N THR A 276 6.78 33.57 12.36
CA THR A 276 7.46 33.17 11.13
C THR A 276 8.80 33.86 10.93
N ASN A 277 9.80 33.10 10.45
CA ASN A 277 11.08 33.67 10.00
C ASN A 277 11.04 34.09 8.53
N ILE A 278 10.20 33.42 7.72
CA ILE A 278 10.10 33.67 6.28
C ILE A 278 8.67 34.14 5.92
N PRO A 279 8.29 35.35 6.35
CA PRO A 279 6.90 35.75 6.08
C PRO A 279 6.51 35.75 4.59
N TRP A 280 7.49 36.04 3.73
CA TRP A 280 7.24 36.20 2.30
C TRP A 280 6.86 34.91 1.59
N GLN A 281 6.94 33.76 2.26
CA GLN A 281 6.43 32.50 1.71
C GLN A 281 4.99 32.17 2.15
N LEU A 282 4.29 33.15 2.76
CA LEU A 282 2.95 32.95 3.23
C LEU A 282 1.89 33.16 2.13
N ASP A 283 0.99 32.18 2.02
CA ASP A 283 -0.06 32.14 1.02
C ASP A 283 -1.17 33.18 1.31
N SER A 284 -1.54 33.90 0.24
CA SER A 284 -2.78 34.69 0.10
C SER A 284 -3.99 34.25 0.93
N ALA A 285 -4.28 32.94 0.94
CA ALA A 285 -5.38 32.33 1.69
C ALA A 285 -5.25 32.59 3.20
N ILE A 286 -4.06 32.34 3.75
CA ILE A 286 -3.79 32.68 5.14
C ILE A 286 -3.74 34.19 5.26
N ARG A 287 -2.96 34.82 4.39
CA ARG A 287 -2.73 36.25 4.41
C ARG A 287 -4.02 37.05 4.58
N ARG A 288 -5.03 36.75 3.76
CA ARG A 288 -6.30 37.49 3.80
C ARG A 288 -7.17 37.16 5.03
N ARG A 289 -7.07 35.93 5.54
CA ARG A 289 -7.91 35.43 6.66
C ARG A 289 -7.06 35.47 7.92
N PHE A 290 -6.99 36.66 8.49
CA PHE A 290 -5.90 37.07 9.38
C PHE A 290 -5.91 38.61 9.47
N GLU A 291 -5.30 39.21 10.52
CA GLU A 291 -5.20 40.69 10.61
C GLU A 291 -3.79 41.31 10.70
N ARG A 292 -3.26 41.44 11.90
CA ARG A 292 -2.13 42.31 12.16
C ARG A 292 -0.83 41.52 12.02
N ARG A 293 0.17 42.13 11.40
CA ARG A 293 1.55 41.63 11.39
C ARG A 293 2.50 42.62 12.09
N ILE A 294 3.39 42.09 12.92
CA ILE A 294 4.38 42.90 13.63
C ILE A 294 5.78 42.33 13.44
N TYR A 295 6.68 43.22 13.03
CA TYR A 295 8.10 42.91 12.87
C TYR A 295 8.81 42.86 14.21
N ILE A 296 9.50 41.77 14.47
CA ILE A 296 10.29 41.63 15.69
C ILE A 296 11.77 41.71 15.29
N PRO A 297 12.38 42.91 15.41
CA PRO A 297 13.79 43.09 15.01
C PRO A 297 14.77 42.46 15.98
N LEU A 298 16.01 42.31 15.53
CA LEU A 298 17.10 41.96 16.42
C LEU A 298 17.25 43.08 17.45
N PRO A 299 17.70 42.73 18.67
CA PRO A 299 17.77 43.69 19.77
C PRO A 299 18.75 44.84 19.51
N ASP A 300 18.40 46.02 19.96
CA ASP A 300 19.28 47.19 19.83
C ASP A 300 20.14 47.34 21.08
N LEU A 301 21.03 48.33 21.06
CA LEU A 301 21.95 48.61 22.17
C LEU A 301 21.33 48.41 23.55
N ALA A 302 20.23 49.09 23.80
CA ALA A 302 19.57 49.12 25.11
C ALA A 302 19.10 47.72 25.48
N ALA A 303 18.51 47.03 24.50
CA ALA A 303 17.95 45.70 24.74
C ALA A 303 19.07 44.72 25.09
N ARG A 304 20.15 44.79 24.32
CA ARG A 304 21.28 43.90 24.55
C ARG A 304 21.87 44.16 25.93
N THR A 305 22.20 45.41 26.23
CA THR A 305 22.59 45.81 27.56
C THR A 305 21.72 45.27 28.69
N THR A 306 20.41 45.42 28.58
CA THR A 306 19.51 44.87 29.57
C THR A 306 19.60 43.35 29.68
N MET A 307 19.84 42.70 28.55
CA MET A 307 20.07 41.26 28.53
C MET A 307 21.31 40.89 29.35
N PHE A 308 22.38 41.65 29.16
CA PHE A 308 23.61 41.49 29.89
C PHE A 308 23.39 41.74 31.37
N GLU A 309 22.47 42.65 31.73
CA GLU A 309 22.13 42.93 33.13
C GLU A 309 21.32 41.78 33.73
N ILE A 310 20.40 41.25 32.93
CA ILE A 310 19.58 40.13 33.41
C ILE A 310 20.45 38.90 33.63
N ASN A 311 21.36 38.69 32.67
CA ASN A 311 22.26 37.52 32.70
C ASN A 311 23.51 37.78 33.55
N VAL A 312 23.39 37.72 34.87
CA VAL A 312 24.56 37.82 35.78
C VAL A 312 24.59 36.66 36.76
N GLY A 313 23.59 36.58 37.62
CA GLY A 313 23.55 35.64 38.72
C GLY A 313 24.37 36.09 39.92
N ASP A 314 24.80 35.13 40.72
CA ASP A 314 25.56 35.39 41.95
C ASP A 314 27.05 35.72 41.69
N THR A 315 27.55 35.35 40.52
CA THR A 315 28.92 35.70 40.15
C THR A 315 29.15 37.21 40.34
N PRO A 316 30.27 37.61 40.96
CA PRO A 316 30.50 39.05 41.16
C PRO A 316 30.52 39.92 39.88
N CYS A 317 30.92 39.33 38.74
CA CYS A 317 31.00 39.99 37.44
C CYS A 317 31.93 41.21 37.41
N VAL A 318 31.68 42.13 36.47
CA VAL A 318 32.56 43.25 36.22
C VAL A 318 31.89 44.56 36.69
N LEU A 319 32.60 45.68 36.54
CA LEU A 319 32.20 46.97 37.13
C LEU A 319 30.99 47.63 36.45
N THR A 320 30.08 48.16 37.27
CA THR A 320 29.04 49.15 36.89
C THR A 320 28.11 48.80 35.73
N LYS A 321 27.41 49.82 35.23
CA LYS A 321 26.61 49.75 34.00
C LYS A 321 27.40 50.10 32.75
N GLU A 322 28.48 50.85 32.94
CA GLU A 322 29.32 51.29 31.82
C GLU A 322 29.88 50.09 31.07
N ASP A 323 30.35 49.09 31.81
CA ASP A 323 30.80 47.86 31.18
C ASP A 323 29.66 47.15 30.46
N TYR A 324 28.47 47.15 31.06
CA TYR A 324 27.32 46.56 30.40
C TYR A 324 26.99 47.31 29.10
N ARG A 325 27.08 48.63 29.13
CA ARG A 325 26.88 49.43 27.95
C ARG A 325 27.86 49.07 26.84
N THR A 326 29.12 48.92 27.24
CA THR A 326 30.21 48.53 26.36
C THR A 326 29.91 47.19 25.71
N LEU A 327 29.42 46.23 26.51
CA LEU A 327 29.08 44.91 26.07
C LEU A 327 27.93 44.90 25.07
N GLY A 328 26.87 45.65 25.38
CA GLY A 328 25.76 45.85 24.51
C GLY A 328 26.14 46.48 23.19
N ALA A 329 27.15 47.36 23.22
CA ALA A 329 27.65 48.02 22.02
C ALA A 329 28.46 47.03 21.17
N MET A 330 29.39 46.30 21.78
CA MET A 330 30.21 45.39 21.07
C MET A 330 29.41 44.23 20.46
N THR A 331 28.27 43.85 21.02
CA THR A 331 27.39 42.89 20.36
C THR A 331 26.56 43.57 19.28
N GLU A 332 26.88 43.26 18.01
CA GLU A 332 26.17 43.75 16.83
C GLU A 332 25.70 42.56 16.00
N GLY A 333 24.41 42.59 15.64
CA GLY A 333 23.78 41.54 14.83
C GLY A 333 23.33 40.27 15.54
N TYR A 334 23.62 40.17 16.85
CA TYR A 334 23.34 38.96 17.61
C TYR A 334 21.91 38.96 18.08
N SER A 335 21.38 37.76 18.31
CA SER A 335 20.04 37.58 18.84
C SER A 335 20.03 37.41 20.34
N GLY A 336 18.84 37.38 20.91
CA GLY A 336 18.69 37.07 22.33
C GLY A 336 19.43 35.80 22.70
N SER A 337 19.16 34.78 21.89
CA SER A 337 19.73 33.46 22.07
C SER A 337 21.24 33.53 22.03
N ASP A 338 21.72 34.20 21.00
CA ASP A 338 23.17 34.37 20.81
C ASP A 338 23.79 35.08 21.99
N ILE A 339 23.13 36.13 22.47
CA ILE A 339 23.62 36.86 23.61
C ILE A 339 23.73 35.97 24.84
N ALA A 340 22.70 35.16 25.04
CA ALA A 340 22.67 34.26 26.17
C ALA A 340 23.83 33.25 26.07
N VAL A 341 24.07 32.76 24.86
CA VAL A 341 25.18 31.84 24.60
C VAL A 341 26.54 32.48 24.94
N VAL A 342 26.68 33.73 24.52
CA VAL A 342 27.87 34.53 24.78
C VAL A 342 28.10 34.66 26.30
N VAL A 343 27.02 34.93 27.01
CA VAL A 343 27.05 35.07 28.45
C VAL A 343 27.53 33.76 29.10
N LYS A 344 26.94 32.65 28.63
CA LYS A 344 27.30 31.34 29.14
C LYS A 344 28.78 31.06 28.92
N ASP A 345 29.28 31.45 27.76
CA ASP A 345 30.67 31.23 27.39
C ASP A 345 31.59 32.01 28.35
N ALA A 346 31.26 33.29 28.54
CA ALA A 346 32.06 34.10 29.43
C ALA A 346 32.03 33.54 30.87
N LEU A 347 30.89 33.02 31.28
CA LEU A 347 30.79 32.37 32.58
C LEU A 347 31.73 31.14 32.62
N MET A 348 31.82 30.37 31.53
CA MET A 348 32.67 29.25 31.46
C MET A 348 34.15 29.60 31.22
N GLN A 349 34.46 30.83 30.85
CA GLN A 349 35.79 31.19 30.49
C GLN A 349 36.79 30.96 31.65
N PRO A 350 36.44 31.34 32.89
CA PRO A 350 37.31 31.00 33.99
C PRO A 350 37.47 29.50 34.13
N ILE A 351 36.39 28.77 33.87
CA ILE A 351 36.43 27.30 33.97
C ILE A 351 37.38 26.72 32.92
N ARG A 352 37.19 27.15 31.69
CA ARG A 352 38.05 26.83 30.56
C ARG A 352 39.51 27.08 30.93
N LYS A 353 39.80 28.23 31.53
CA LYS A 353 41.12 28.51 32.02
C LYS A 353 41.59 27.50 33.06
N ILE A 354 40.67 27.09 33.94
CA ILE A 354 41.02 26.18 35.05
C ILE A 354 41.46 24.83 34.48
N GLN A 355 40.70 24.33 33.52
CA GLN A 355 41.00 23.06 32.90
C GLN A 355 42.32 23.03 32.11
N SER A 356 42.51 23.99 31.22
CA SER A 356 43.67 24.00 30.29
C SER A 356 44.96 24.70 30.82
N ALA A 357 44.87 25.43 31.93
CA ALA A 357 46.03 25.81 32.72
C ALA A 357 46.68 24.58 33.33
N THR A 358 48.01 24.61 33.36
CA THR A 358 48.81 23.75 34.20
C THR A 358 49.31 24.62 35.36
N HIS A 359 50.07 25.65 35.05
CA HIS A 359 50.51 26.64 36.03
C HIS A 359 49.38 27.43 36.71
N PHE A 360 49.41 27.40 38.04
CA PHE A 360 48.54 28.21 38.87
C PHE A 360 49.39 29.14 39.78
N LYS A 361 49.02 30.42 39.86
CA LYS A 361 49.70 31.40 40.71
C LYS A 361 49.23 31.29 42.14
N ASP A 362 50.15 31.29 43.11
CA ASP A 362 49.74 31.47 44.52
C ASP A 362 49.42 32.95 44.80
N VAL A 363 48.42 33.18 45.66
CA VAL A 363 48.02 34.53 46.05
C VAL A 363 47.86 34.64 47.58
N SER A 364 46.86 33.96 48.16
CA SER A 364 46.51 34.18 49.58
C SER A 364 47.48 33.52 50.58
N THR A 365 47.61 34.14 51.74
CA THR A 365 48.46 33.66 52.83
C THR A 365 47.68 32.66 53.71
N GLU A 366 48.27 32.26 54.84
CA GLU A 366 47.62 31.30 55.76
C GLU A 366 46.42 31.85 56.56
N ASP A 367 46.11 33.14 56.42
CA ASP A 367 44.88 33.72 57.00
C ASP A 367 43.60 33.09 56.44
N ASP A 368 43.63 32.72 55.16
CA ASP A 368 42.54 31.97 54.51
C ASP A 368 42.59 30.49 54.94
N GLU A 369 41.75 29.64 54.34
CA GLU A 369 41.73 28.20 54.63
C GLU A 369 43.10 27.57 54.37
N THR A 370 43.68 27.84 53.19
CA THR A 370 45.11 27.60 52.96
C THR A 370 45.62 28.50 51.82
N ARG A 371 46.86 28.30 51.38
CA ARG A 371 47.44 29.09 50.28
C ARG A 371 46.67 28.91 48.96
N LYS A 372 46.06 29.99 48.49
CA LYS A 372 45.07 29.92 47.40
C LYS A 372 45.72 30.06 46.02
N LEU A 373 45.45 29.09 45.13
CA LEU A 373 46.06 29.06 43.79
C LEU A 373 45.08 29.37 42.63
N THR A 374 45.47 30.26 41.72
CA THR A 374 44.64 30.62 40.54
C THR A 374 45.39 30.42 39.21
N PRO A 375 44.69 30.12 38.11
CA PRO A 375 45.36 29.96 36.81
C PRO A 375 46.11 31.19 36.31
N CYS A 376 47.33 30.98 35.81
CA CYS A 376 48.17 32.04 35.26
C CYS A 376 49.09 31.49 34.19
N SER A 377 49.66 32.39 33.37
CA SER A 377 50.63 32.04 32.32
C SER A 377 51.89 31.34 32.87
N PRO A 378 52.61 30.57 32.01
CA PRO A 378 53.80 29.84 32.51
C PRO A 378 54.92 30.69 33.17
N GLY A 379 55.07 31.95 32.80
CA GLY A 379 56.12 32.78 33.37
C GLY A 379 55.84 33.48 34.69
N ASP A 380 54.76 33.14 35.42
CA ASP A 380 54.30 33.98 36.53
C ASP A 380 55.04 33.76 37.87
N ASP A 381 54.99 34.80 38.71
CA ASP A 381 55.55 34.78 40.08
C ASP A 381 54.60 34.04 41.04
N GLY A 382 55.04 32.86 41.49
CA GLY A 382 54.20 31.95 42.27
C GLY A 382 53.45 30.96 41.41
N ALA A 383 53.90 30.79 40.16
CA ALA A 383 53.30 29.83 39.24
C ALA A 383 53.77 28.40 39.51
N ILE A 384 53.00 27.67 40.33
CA ILE A 384 53.26 26.21 40.52
C ILE A 384 52.55 25.43 39.41
N GLU A 385 53.09 24.30 38.95
CA GLU A 385 52.70 23.70 37.65
C GLU A 385 51.68 22.54 37.60
N MET A 386 51.29 21.99 38.75
CA MET A 386 50.40 20.82 38.80
C MET A 386 48.99 21.02 38.23
N SER A 387 48.31 19.91 37.99
CA SER A 387 46.95 19.87 37.45
C SER A 387 45.83 20.18 38.47
N TRP A 388 44.76 20.74 37.91
CA TRP A 388 43.55 21.14 38.64
C TRP A 388 42.94 20.02 39.44
N THR A 389 43.18 18.78 39.02
CA THR A 389 42.74 17.61 39.77
C THR A 389 43.39 17.55 41.16
N ASP A 390 44.61 18.07 41.28
CA ASP A 390 45.27 18.15 42.59
C ASP A 390 44.71 19.22 43.50
N ILE A 391 43.87 20.11 42.99
CA ILE A 391 43.40 21.27 43.75
C ILE A 391 42.03 21.00 44.40
N GLU A 392 41.91 21.35 45.68
CA GLU A 392 40.68 21.32 46.48
C GLU A 392 40.21 22.74 46.83
N ALA A 393 39.01 22.82 47.40
CA ALA A 393 38.32 24.11 47.62
C ALA A 393 39.03 25.16 48.50
N ASP A 394 39.70 24.71 49.57
CA ASP A 394 40.50 25.58 50.44
C ASP A 394 41.64 26.33 49.75
N GLU A 395 42.29 25.65 48.81
CA GLU A 395 43.46 26.12 48.06
C GLU A 395 43.08 26.66 46.67
N LEU A 396 41.79 26.85 46.41
CA LEU A 396 41.26 27.22 45.09
C LEU A 396 41.01 28.72 45.02
N LYS A 397 41.44 29.36 43.92
CA LYS A 397 41.04 30.72 43.56
C LYS A 397 40.60 30.75 42.09
N GLU A 398 39.29 30.65 41.89
CA GLU A 398 38.70 30.77 40.55
C GLU A 398 39.01 32.14 39.95
N PRO A 399 39.31 32.21 38.64
CA PRO A 399 39.49 33.55 38.07
C PRO A 399 38.17 34.32 38.20
N ASP A 400 38.28 35.64 38.39
CA ASP A 400 37.11 36.52 38.44
C ASP A 400 36.61 36.71 37.01
N LEU A 401 35.51 37.42 36.85
CA LEU A 401 34.99 37.71 35.53
C LEU A 401 35.53 39.05 35.09
N THR A 402 36.37 39.02 34.06
CA THR A 402 36.97 40.22 33.48
C THR A 402 36.27 40.59 32.18
N ILE A 403 36.54 41.81 31.72
CA ILE A 403 36.04 42.29 30.43
C ILE A 403 36.54 41.36 29.31
N LYS A 404 37.77 40.87 29.47
CA LYS A 404 38.42 40.04 28.45
C LYS A 404 37.69 38.73 28.23
N ASP A 405 37.07 38.18 29.27
CA ASP A 405 36.25 37.00 29.12
C ASP A 405 35.10 37.30 28.17
N PHE A 406 34.49 38.47 28.36
CA PHE A 406 33.33 38.84 27.56
C PHE A 406 33.75 39.22 26.15
N LEU A 407 34.94 39.81 26.01
CA LEU A 407 35.46 40.22 24.69
C LEU A 407 35.77 38.99 23.84
N LYS A 408 36.44 37.99 24.42
CA LYS A 408 36.71 36.78 23.73
C LYS A 408 35.48 35.94 23.54
N ALA A 409 34.48 36.13 24.41
CA ALA A 409 33.19 35.47 24.17
C ALA A 409 32.54 36.06 22.92
N ILE A 410 32.57 37.38 22.81
CA ILE A 410 31.95 38.06 21.68
C ILE A 410 32.67 37.73 20.38
N LYS A 411 33.99 37.68 20.42
CA LYS A 411 34.77 37.34 19.25
C LYS A 411 34.52 35.90 18.77
N SER A 412 34.33 34.95 19.68
CA SER A 412 34.13 33.53 19.29
C SER A 412 32.67 33.11 19.02
N THR A 413 31.74 34.07 19.03
CA THR A 413 30.36 33.93 18.55
C THR A 413 30.18 34.66 17.20
N ARG A 414 29.92 33.86 16.17
CA ARG A 414 29.77 34.35 14.81
C ARG A 414 28.46 35.14 14.68
N PRO A 415 28.41 36.11 13.74
CA PRO A 415 27.11 36.75 13.47
C PRO A 415 26.00 35.77 13.05
N THR A 416 24.75 36.14 13.34
CA THR A 416 23.60 35.24 13.19
C THR A 416 23.10 35.21 11.75
N VAL A 417 22.50 36.31 11.35
CA VAL A 417 21.67 36.35 10.18
C VAL A 417 22.40 37.14 9.09
N ASN A 418 22.49 36.54 7.90
CA ASN A 418 22.96 37.27 6.70
C ASN A 418 22.05 38.45 6.34
N GLU A 419 22.63 39.50 5.75
CA GLU A 419 21.93 40.77 5.54
C GLU A 419 20.85 40.72 4.44
N ASP A 420 20.97 39.76 3.53
CA ASP A 420 19.94 39.55 2.55
C ASP A 420 18.61 39.19 3.22
N ASP A 421 18.68 38.34 4.24
CA ASP A 421 17.48 37.97 4.96
C ASP A 421 16.84 39.17 5.65
N LEU A 422 17.67 40.03 6.22
CA LEU A 422 17.22 41.26 6.83
C LEU A 422 16.49 42.15 5.82
N LEU A 423 17.08 42.26 4.64
CA LEU A 423 16.53 43.04 3.54
C LEU A 423 15.23 42.48 2.95
N LYS A 424 15.06 41.16 3.06
CA LYS A 424 13.82 40.51 2.71
C LYS A 424 12.69 40.63 3.78
N GLN A 425 13.15 40.73 5.02
CA GLN A 425 12.25 41.06 6.13
C GLN A 425 11.71 42.48 5.99
N GLU A 426 12.61 43.40 5.70
CA GLU A 426 12.30 44.80 5.43
C GLU A 426 11.56 45.01 4.11
N GLN A 427 11.86 44.19 3.11
CA GLN A 427 11.06 44.17 1.90
C GLN A 427 9.65 43.69 2.22
N PHE A 428 9.52 42.68 3.07
CA PHE A 428 8.17 42.27 3.49
C PHE A 428 7.49 43.43 4.23
N THR A 429 8.24 44.18 5.05
CA THR A 429 7.67 45.27 5.78
C THR A 429 7.09 46.36 4.84
N ARG A 430 7.89 46.73 3.84
CA ARG A 430 7.52 47.62 2.79
C ARG A 430 6.30 47.12 2.00
N ASP A 431 6.23 45.84 1.78
CA ASP A 431 5.06 45.23 1.16
C ASP A 431 3.82 45.13 2.08
N PHE A 432 3.93 44.50 3.24
CA PHE A 432 2.76 44.21 4.07
C PHE A 432 2.75 44.93 5.43
N GLY A 433 3.79 44.73 6.22
CA GLY A 433 4.09 45.61 7.36
C GLY A 433 3.07 45.69 8.48
N GLN A 434 2.58 46.90 8.75
CA GLN A 434 1.60 47.17 9.80
C GLN A 434 0.24 47.50 9.17
N GLU A 435 -0.29 46.54 8.41
CA GLU A 435 -1.57 46.69 7.71
C GLU A 435 -2.41 45.42 7.84
N GLY A 436 -3.71 45.56 7.58
CA GLY A 436 -4.65 44.43 7.61
C GLY A 436 -4.52 43.52 6.41
N ASN A 437 -4.50 44.12 5.22
CA ASN A 437 -4.37 43.41 3.93
C ASN A 437 -5.51 42.43 3.69
N LEU B 119 -15.50 4.77 18.53
CA LEU B 119 -16.52 4.12 17.64
C LEU B 119 -17.50 5.14 17.07
N SER B 120 -18.11 5.94 17.95
CA SER B 120 -19.17 6.87 17.56
C SER B 120 -18.66 8.03 16.69
N SER B 121 -17.62 8.71 17.17
CA SER B 121 -17.07 9.93 16.53
C SER B 121 -18.11 11.06 16.48
N ALA B 122 -18.04 11.96 17.47
CA ALA B 122 -19.13 12.91 17.77
C ALA B 122 -19.34 14.03 16.74
N ILE B 123 -20.56 14.09 16.21
CA ILE B 123 -20.96 15.08 15.24
C ILE B 123 -21.96 16.01 15.92
N LEU B 124 -21.70 17.30 15.76
CA LEU B 124 -22.57 18.33 16.31
C LEU B 124 -23.84 18.52 15.48
N SER B 125 -24.97 18.57 16.19
CA SER B 125 -26.30 18.75 15.61
C SER B 125 -27.03 19.96 16.20
N GLU B 126 -26.30 20.83 16.91
CA GLU B 126 -26.87 22.03 17.51
C GLU B 126 -27.33 23.07 16.48
N LYS B 127 -27.96 24.13 16.94
CA LYS B 127 -28.69 25.01 16.05
C LYS B 127 -27.85 26.23 15.70
N PRO B 128 -27.32 26.30 14.47
CA PRO B 128 -26.73 27.53 13.93
C PRO B 128 -27.80 28.51 13.46
N ASN B 129 -28.28 29.39 14.35
CA ASN B 129 -29.54 30.12 14.15
C ASN B 129 -29.62 31.15 13.00
N VAL B 130 -29.62 30.63 11.77
CA VAL B 130 -29.59 31.38 10.53
C VAL B 130 -30.89 31.06 9.82
N LYS B 131 -31.74 32.07 9.65
CA LYS B 131 -33.04 31.88 9.03
C LYS B 131 -32.99 31.92 7.49
N TRP B 132 -34.08 31.46 6.89
CA TRP B 132 -34.34 31.61 5.44
C TRP B 132 -34.07 33.03 4.95
N GLU B 133 -34.63 34.00 5.65
CA GLU B 133 -34.54 35.41 5.29
C GLU B 133 -33.12 35.96 5.34
N ASP B 134 -32.18 35.24 5.98
CA ASP B 134 -30.80 35.71 6.06
C ASP B 134 -30.02 35.34 4.80
N VAL B 135 -30.60 34.48 3.98
CA VAL B 135 -30.05 34.09 2.69
C VAL B 135 -30.72 34.89 1.55
N ALA B 136 -29.93 35.21 0.53
CA ALA B 136 -30.36 35.93 -0.67
C ALA B 136 -30.23 35.05 -1.93
N GLY B 137 -31.30 34.98 -2.73
CA GLY B 137 -31.26 34.36 -4.06
C GLY B 137 -31.63 32.89 -4.16
N LEU B 138 -31.58 32.38 -5.39
CA LEU B 138 -32.04 31.02 -5.72
C LEU B 138 -33.15 30.53 -4.82
N GLU B 139 -34.17 31.34 -4.83
CA GLU B 139 -35.38 30.98 -4.13
C GLU B 139 -36.02 29.69 -4.65
N GLY B 140 -35.67 29.27 -5.86
CA GLY B 140 -36.19 28.03 -6.40
C GLY B 140 -35.54 26.82 -5.75
N ALA B 141 -34.22 26.87 -5.58
CA ALA B 141 -33.56 25.85 -4.74
C ALA B 141 -34.11 25.91 -3.33
N LYS B 142 -34.37 27.11 -2.79
CA LYS B 142 -34.94 27.19 -1.47
C LYS B 142 -36.30 26.47 -1.41
N GLU B 143 -37.07 26.61 -2.46
CA GLU B 143 -38.37 25.94 -2.55
C GLU B 143 -38.18 24.43 -2.58
N ALA B 144 -37.22 23.98 -3.38
CA ALA B 144 -36.91 22.56 -3.44
C ALA B 144 -36.56 22.00 -2.06
N LEU B 145 -35.88 22.79 -1.25
CA LEU B 145 -35.48 22.43 0.08
C LEU B 145 -36.67 22.39 1.06
N LYS B 146 -37.52 23.40 0.93
CA LYS B 146 -38.78 23.46 1.66
C LYS B 146 -39.66 22.22 1.40
N GLU B 147 -39.73 21.83 0.15
CA GLU B 147 -40.43 20.63 -0.27
C GLU B 147 -39.74 19.33 0.18
N ALA B 148 -38.41 19.34 0.17
CA ALA B 148 -37.59 18.21 0.57
C ALA B 148 -37.57 17.93 2.08
N VAL B 149 -37.68 18.97 2.92
CA VAL B 149 -37.69 18.78 4.38
C VAL B 149 -39.02 19.19 5.05
N ILE B 150 -39.37 20.43 4.80
CA ILE B 150 -40.44 21.08 5.55
C ILE B 150 -41.78 20.42 5.23
N LEU B 151 -42.02 20.16 3.96
CA LEU B 151 -43.27 19.54 3.58
C LEU B 151 -43.40 18.14 4.18
N PRO B 152 -42.28 17.38 4.16
CA PRO B 152 -42.31 16.08 4.81
C PRO B 152 -42.62 16.14 6.27
N VAL B 153 -42.00 17.12 6.92
CA VAL B 153 -42.26 17.35 8.34
C VAL B 153 -43.71 17.73 8.58
N LYS B 154 -44.22 18.65 7.78
CA LYS B 154 -45.53 19.22 8.03
C LYS B 154 -46.67 18.21 7.74
N PHE B 155 -46.61 17.60 6.58
CA PHE B 155 -47.69 16.71 6.11
C PHE B 155 -47.16 15.36 5.67
N PRO B 156 -46.65 14.54 6.62
CA PRO B 156 -46.10 13.24 6.17
C PRO B 156 -47.11 12.29 5.48
N HIS B 157 -48.38 12.35 5.90
CA HIS B 157 -49.42 11.46 5.37
C HIS B 157 -49.67 11.65 3.88
N LEU B 158 -49.09 12.68 3.27
CA LEU B 158 -49.17 12.87 1.84
C LEU B 158 -48.27 11.93 1.06
N PHE B 159 -47.46 11.10 1.75
CA PHE B 159 -46.54 10.15 1.10
C PHE B 159 -46.96 8.66 1.09
N LYS B 160 -48.25 8.40 0.88
CA LYS B 160 -48.79 7.06 0.64
C LYS B 160 -48.76 6.81 -0.87
N GLY B 161 -48.62 5.54 -1.28
CA GLY B 161 -48.57 5.18 -2.70
C GLY B 161 -47.26 5.55 -3.38
N ASN B 162 -47.35 6.18 -4.55
CA ASN B 162 -46.19 6.43 -5.40
C ASN B 162 -45.53 7.80 -5.20
N ARG B 163 -45.87 8.49 -4.13
CA ARG B 163 -45.34 9.81 -3.86
C ARG B 163 -44.28 9.62 -2.80
N LYS B 164 -43.03 9.94 -3.14
CA LYS B 164 -41.91 9.56 -2.30
C LYS B 164 -40.86 10.68 -2.19
N PRO B 165 -40.28 10.87 -0.98
CA PRO B 165 -39.35 11.98 -0.75
C PRO B 165 -38.09 11.96 -1.61
N THR B 166 -37.61 13.15 -1.96
CA THR B 166 -36.30 13.29 -2.61
C THR B 166 -35.23 12.83 -1.61
N SER B 167 -34.18 12.19 -2.13
CA SER B 167 -33.17 11.49 -1.33
C SER B 167 -31.79 12.20 -1.19
N GLY B 168 -31.38 12.94 -2.20
CA GLY B 168 -30.01 13.41 -2.26
C GLY B 168 -29.93 14.72 -3.00
N ILE B 169 -29.20 15.71 -2.47
CA ILE B 169 -29.01 16.96 -3.22
C ILE B 169 -27.56 17.39 -3.17
N LEU B 170 -26.99 17.68 -4.32
CA LEU B 170 -25.64 18.22 -4.38
C LEU B 170 -25.70 19.72 -4.63
N LEU B 171 -24.96 20.48 -3.85
CA LEU B 171 -24.80 21.91 -4.10
C LEU B 171 -23.43 22.13 -4.73
N TYR B 172 -23.41 22.67 -5.96
CA TYR B 172 -22.13 22.83 -6.69
C TYR B 172 -21.91 24.26 -7.22
N GLY B 173 -20.66 24.72 -7.20
CA GLY B 173 -20.34 26.07 -7.66
C GLY B 173 -18.98 26.49 -7.18
N PRO B 174 -18.60 27.76 -7.44
CA PRO B 174 -17.32 28.27 -6.94
C PRO B 174 -17.23 28.23 -5.41
N PRO B 175 -16.00 28.22 -4.84
CA PRO B 175 -15.82 28.33 -3.38
C PRO B 175 -16.25 29.72 -2.85
N GLY B 176 -16.72 29.78 -1.61
CA GLY B 176 -17.06 31.05 -0.96
C GLY B 176 -18.46 31.60 -1.22
N THR B 177 -19.36 30.76 -1.71
CA THR B 177 -20.68 31.22 -2.17
C THR B 177 -21.82 30.94 -1.18
N GLY B 178 -21.47 30.87 0.10
CA GLY B 178 -22.43 30.60 1.15
C GLY B 178 -22.95 29.19 1.17
N LYS B 179 -22.25 28.22 0.57
CA LYS B 179 -22.65 26.81 0.66
C LYS B 179 -22.76 26.43 2.13
N SER B 180 -21.72 26.74 2.89
CA SER B 180 -21.74 26.48 4.33
C SER B 180 -22.85 27.28 5.00
N TYR B 181 -22.96 28.55 4.62
CA TYR B 181 -24.01 29.42 5.12
C TYR B 181 -25.39 28.83 4.85
N LEU B 182 -25.57 28.34 3.62
CA LEU B 182 -26.82 27.70 3.24
C LEU B 182 -27.12 26.50 4.14
N ALA B 183 -26.08 25.72 4.39
CA ALA B 183 -26.15 24.54 5.24
C ALA B 183 -26.62 24.93 6.65
N LYS B 184 -26.07 26.03 7.17
CA LYS B 184 -26.49 26.53 8.47
C LYS B 184 -27.99 26.84 8.49
N ALA B 185 -28.42 27.53 7.45
CA ALA B 185 -29.82 27.88 7.33
C ALA B 185 -30.72 26.65 7.27
N VAL B 186 -30.26 25.65 6.52
CA VAL B 186 -30.95 24.37 6.42
C VAL B 186 -31.12 23.72 7.78
N ALA B 187 -30.02 23.73 8.53
CA ALA B 187 -30.00 23.14 9.85
C ALA B 187 -31.00 23.86 10.77
N THR B 188 -30.99 25.18 10.68
CA THR B 188 -31.87 26.00 11.51
C THR B 188 -33.31 25.66 11.17
N GLU B 189 -33.55 25.49 9.86
CA GLU B 189 -34.90 25.33 9.35
C GLU B 189 -35.36 23.88 9.33
N ALA B 190 -34.48 22.93 9.63
CA ALA B 190 -34.86 21.50 9.44
C ALA B 190 -35.84 20.94 10.47
N ASN B 191 -35.76 21.42 11.73
CA ASN B 191 -36.66 21.01 12.79
C ASN B 191 -36.58 19.49 13.03
N SER B 192 -35.36 19.00 13.09
CA SER B 192 -35.09 17.57 13.15
C SER B 192 -33.62 17.42 13.48
N THR B 193 -33.13 16.18 13.55
CA THR B 193 -31.70 15.95 13.71
C THR B 193 -30.98 16.30 12.41
N PHE B 194 -29.87 17.02 12.55
CA PHE B 194 -29.04 17.46 11.43
C PHE B 194 -27.61 16.98 11.70
N PHE B 195 -27.05 16.23 10.77
CA PHE B 195 -25.65 15.81 10.83
C PHE B 195 -24.86 16.60 9.80
N SER B 196 -23.70 17.11 10.23
CA SER B 196 -22.74 17.84 9.38
C SER B 196 -21.34 17.21 9.45
N VAL B 197 -20.70 16.99 8.30
CA VAL B 197 -19.37 16.44 8.27
C VAL B 197 -18.54 17.02 7.12
N SER B 198 -17.24 17.23 7.37
CA SER B 198 -16.30 17.48 6.31
C SER B 198 -15.68 16.16 5.82
N SER B 199 -15.37 16.15 4.53
CA SER B 199 -14.56 15.11 3.92
C SER B 199 -13.19 14.95 4.59
N SER B 200 -12.67 15.99 5.23
CA SER B 200 -11.46 15.83 6.05
C SER B 200 -11.61 14.69 7.06
N ASP B 201 -12.69 14.72 7.83
CA ASP B 201 -13.03 13.64 8.77
C ASP B 201 -13.20 12.23 8.16
N LEU B 202 -12.85 11.23 8.98
CA LEU B 202 -12.99 9.82 8.61
C LEU B 202 -12.29 9.50 7.29
N VAL B 203 -11.02 9.90 7.18
CA VAL B 203 -10.18 9.51 6.03
C VAL B 203 -9.50 8.13 6.22
N SER B 204 -8.81 7.96 7.35
CA SER B 204 -8.07 6.74 7.67
C SER B 204 -7.71 6.71 9.15
N LYS B 205 -7.46 5.51 9.68
CA LYS B 205 -6.78 5.35 10.98
C LYS B 205 -5.51 4.49 10.85
N TRP B 206 -5.68 3.23 10.47
CA TRP B 206 -4.57 2.28 10.41
C TRP B 206 -4.02 2.02 9.02
N MET B 207 -4.75 2.43 7.97
CA MET B 207 -4.59 1.99 6.58
C MET B 207 -5.67 0.94 6.29
N GLY B 208 -5.91 0.03 7.24
CA GLY B 208 -7.03 -0.91 7.13
C GLY B 208 -8.41 -0.34 7.39
N GLU B 209 -8.61 0.24 8.57
CA GLU B 209 -9.95 0.58 9.05
C GLU B 209 -10.32 2.05 8.86
N SER B 210 -11.28 2.29 7.97
CA SER B 210 -11.90 3.61 7.80
C SER B 210 -13.45 3.58 7.76
N GLU B 211 -13.97 2.76 6.86
CA GLU B 211 -15.35 2.83 6.40
C GLU B 211 -16.38 2.32 7.40
N LYS B 212 -15.94 1.46 8.33
CA LYS B 212 -16.73 1.05 9.49
C LYS B 212 -17.34 2.27 10.16
N LEU B 213 -16.57 3.36 10.27
CA LEU B 213 -17.12 4.58 10.84
C LEU B 213 -18.24 5.14 10.00
N VAL B 214 -18.10 5.04 8.67
CA VAL B 214 -19.17 5.49 7.78
C VAL B 214 -20.45 4.66 7.98
N LYS B 215 -20.25 3.36 8.13
CA LYS B 215 -21.31 2.40 8.35
C LYS B 215 -22.08 2.76 9.63
N GLN B 216 -21.32 3.02 10.68
CA GLN B 216 -21.88 3.32 11.98
C GLN B 216 -22.61 4.67 11.92
N LEU B 217 -22.08 5.61 11.18
CA LEU B 217 -22.67 6.94 10.98
C LEU B 217 -24.04 6.80 10.34
N PHE B 218 -24.07 6.07 9.23
CA PHE B 218 -25.34 5.86 8.57
C PHE B 218 -26.32 5.10 9.44
N ALA B 219 -25.85 4.16 10.24
CA ALA B 219 -26.70 3.47 11.18
C ALA B 219 -27.37 4.48 12.12
N MET B 220 -26.55 5.37 12.67
CA MET B 220 -26.99 6.38 13.59
C MET B 220 -28.07 7.25 12.94
N ALA B 221 -27.81 7.64 11.67
CA ALA B 221 -28.73 8.50 10.97
C ALA B 221 -30.07 7.79 10.72
N ARG B 222 -29.99 6.53 10.28
CA ARG B 222 -31.19 5.74 10.08
C ARG B 222 -32.00 5.61 11.37
N GLU B 223 -31.30 5.48 12.50
CA GLU B 223 -31.97 5.40 13.79
C GLU B 223 -32.56 6.70 14.25
N ASN B 224 -32.23 7.80 13.60
CA ASN B 224 -32.84 9.09 13.88
C ASN B 224 -33.57 9.58 12.62
N LYS B 225 -34.85 9.23 12.51
CA LYS B 225 -35.70 9.69 11.41
C LYS B 225 -36.69 10.73 11.96
N PRO B 226 -36.82 11.91 11.35
CA PRO B 226 -36.03 12.33 10.19
C PRO B 226 -34.63 12.75 10.62
N SER B 227 -33.63 12.41 9.80
CA SER B 227 -32.31 13.08 9.89
C SER B 227 -31.82 13.62 8.55
N ILE B 228 -30.86 14.53 8.57
CA ILE B 228 -30.23 15.07 7.35
C ILE B 228 -28.72 15.02 7.46
N ILE B 229 -28.04 14.38 6.50
CA ILE B 229 -26.59 14.36 6.49
C ILE B 229 -26.09 15.39 5.47
N PHE B 230 -25.19 16.27 5.92
CA PHE B 230 -24.51 17.21 5.04
C PHE B 230 -23.04 16.83 4.92
N ILE B 231 -22.61 16.49 3.70
CA ILE B 231 -21.21 16.16 3.47
C ILE B 231 -20.51 17.28 2.69
N ASP B 232 -19.58 17.96 3.35
CA ASP B 232 -18.84 18.99 2.66
C ASP B 232 -17.71 18.42 1.80
N GLN B 233 -17.51 19.05 0.65
CA GLN B 233 -16.39 18.80 -0.23
C GLN B 233 -16.38 17.34 -0.63
N VAL B 234 -17.50 16.94 -1.23
CA VAL B 234 -17.62 15.55 -1.68
C VAL B 234 -16.68 15.20 -2.84
N ASP B 235 -16.08 16.20 -3.46
CA ASP B 235 -15.03 16.00 -4.45
C ASP B 235 -13.65 15.80 -3.83
N ALA B 236 -13.59 15.39 -2.56
CA ALA B 236 -12.31 15.01 -1.93
C ALA B 236 -12.04 13.49 -1.89
N LEU B 237 -13.04 12.71 -1.52
CA LEU B 237 -12.79 11.37 -1.01
C LEU B 237 -12.36 10.18 -1.89
N THR B 238 -12.96 9.79 -3.03
CA THR B 238 -13.73 10.51 -4.09
C THR B 238 -13.24 11.90 -4.51
N GLY B 239 -11.98 11.95 -4.95
CA GLY B 239 -11.34 13.14 -5.50
C GLY B 239 -11.86 13.52 -6.89
N THR B 240 -11.68 12.68 -7.91
CA THR B 240 -10.96 11.38 -7.87
C THR B 240 -9.90 11.23 -8.98
N ARG B 241 -8.83 10.49 -8.66
CA ARG B 241 -7.74 10.20 -9.59
C ARG B 241 -7.38 8.72 -9.50
N GLY B 242 -7.08 8.10 -10.64
CA GLY B 242 -6.79 6.66 -10.71
C GLY B 242 -5.46 6.25 -10.11
N GLU B 243 -5.15 4.96 -10.22
CA GLU B 243 -3.92 4.34 -9.67
C GLU B 243 -3.84 4.36 -8.14
N GLY B 244 -3.70 5.56 -7.56
CA GLY B 244 -3.69 5.73 -6.10
C GLY B 244 -5.02 5.47 -5.40
N GLU B 245 -6.12 5.47 -6.16
CA GLU B 245 -7.46 5.17 -5.61
C GLU B 245 -7.58 3.74 -5.07
N SER B 246 -6.89 2.79 -5.69
CA SER B 246 -7.05 1.35 -5.41
C SER B 246 -6.76 0.88 -3.97
N GLU B 247 -6.08 1.70 -3.15
CA GLU B 247 -5.77 1.36 -1.76
C GLU B 247 -7.02 1.33 -0.84
N ALA B 248 -7.26 2.41 -0.09
CA ALA B 248 -8.45 2.55 0.76
C ALA B 248 -9.56 3.36 0.07
N SER B 249 -9.16 4.22 -0.88
CA SER B 249 -10.04 5.24 -1.40
C SER B 249 -11.10 4.66 -2.32
N ARG B 250 -10.73 3.68 -3.15
CA ARG B 250 -11.72 2.95 -3.93
C ARG B 250 -12.72 2.28 -2.98
N ARG B 251 -12.21 1.68 -1.91
CA ARG B 251 -13.08 1.05 -0.93
C ARG B 251 -14.07 2.06 -0.33
N ILE B 252 -13.62 3.29 -0.12
CA ILE B 252 -14.49 4.34 0.37
C ILE B 252 -15.59 4.67 -0.65
N LYS B 253 -15.14 4.88 -1.89
CA LYS B 253 -15.99 5.16 -3.01
C LYS B 253 -17.12 4.15 -3.12
N THR B 254 -16.74 2.90 -2.97
CA THR B 254 -17.67 1.75 -2.94
C THR B 254 -18.62 1.89 -1.73
N GLU B 255 -18.05 2.21 -0.57
CA GLU B 255 -18.78 2.30 0.68
C GLU B 255 -19.92 3.30 0.58
N LEU B 256 -19.67 4.41 -0.11
CA LEU B 256 -20.71 5.41 -0.33
C LEU B 256 -21.86 4.79 -1.12
N LEU B 257 -21.51 4.25 -2.29
CA LEU B 257 -22.45 3.81 -3.28
C LEU B 257 -23.36 2.71 -2.73
N VAL B 258 -22.75 1.81 -1.96
CA VAL B 258 -23.46 0.67 -1.39
C VAL B 258 -24.31 1.20 -0.24
N GLN B 259 -23.78 2.09 0.59
CA GLN B 259 -24.56 2.51 1.75
C GLN B 259 -25.72 3.42 1.38
N MET B 260 -25.63 4.13 0.25
CA MET B 260 -26.78 4.89 -0.22
C MET B 260 -27.90 3.99 -0.77
N ASN B 261 -27.56 2.77 -1.14
CA ASN B 261 -28.49 1.79 -1.66
C ASN B 261 -29.29 1.08 -0.55
N GLY B 262 -28.89 1.28 0.73
CA GLY B 262 -29.35 0.42 1.82
C GLY B 262 -30.75 0.67 2.35
N VAL B 263 -30.94 1.87 2.89
CA VAL B 263 -32.23 2.30 3.44
C VAL B 263 -33.03 3.11 2.42
N GLY B 264 -32.52 3.26 1.19
CA GLY B 264 -33.07 4.22 0.21
C GLY B 264 -34.51 4.00 -0.20
N ASN B 265 -34.89 2.73 -0.38
CA ASN B 265 -36.25 2.36 -0.78
C ASN B 265 -37.20 2.29 0.41
N ASP B 266 -38.48 2.44 0.11
CA ASP B 266 -39.58 2.33 1.07
C ASP B 266 -39.45 3.36 2.19
N SER B 267 -38.78 3.01 3.29
CA SER B 267 -38.78 3.83 4.52
C SER B 267 -37.52 4.68 4.66
N GLN B 268 -37.65 5.96 4.35
CA GLN B 268 -36.55 6.92 4.42
C GLN B 268 -36.89 8.04 5.41
N GLY B 269 -35.94 8.37 6.28
CA GLY B 269 -35.90 9.64 7.01
C GLY B 269 -34.54 10.32 6.88
N VAL B 270 -33.77 9.91 5.86
CA VAL B 270 -32.49 10.52 5.55
C VAL B 270 -32.57 11.36 4.29
N LEU B 271 -32.06 12.57 4.38
CA LEU B 271 -31.73 13.37 3.22
C LEU B 271 -30.22 13.60 3.21
N VAL B 272 -29.63 13.42 2.04
CA VAL B 272 -28.21 13.62 1.84
C VAL B 272 -28.02 14.95 1.12
N LEU B 273 -27.26 15.86 1.73
CA LEU B 273 -26.78 17.07 1.05
C LEU B 273 -25.27 16.95 0.84
N GLY B 274 -24.85 16.99 -0.41
CA GLY B 274 -23.43 17.15 -0.74
C GLY B 274 -23.07 18.59 -1.02
N ALA B 275 -21.77 18.88 -0.90
CA ALA B 275 -21.21 20.16 -1.38
C ALA B 275 -19.94 19.90 -2.19
N THR B 276 -19.79 20.62 -3.30
CA THR B 276 -18.61 20.46 -4.17
C THR B 276 -18.23 21.76 -4.88
N ASN B 277 -16.92 22.02 -5.03
CA ASN B 277 -16.45 23.06 -5.96
C ASN B 277 -16.25 22.54 -7.39
N ILE B 278 -15.90 21.25 -7.51
CA ILE B 278 -15.49 20.64 -8.77
C ILE B 278 -16.44 19.48 -9.13
N PRO B 279 -17.65 19.80 -9.59
CA PRO B 279 -18.54 18.71 -10.02
C PRO B 279 -17.99 17.79 -11.14
N TRP B 280 -17.20 18.37 -12.06
CA TRP B 280 -16.75 17.64 -13.26
C TRP B 280 -15.78 16.49 -12.96
N GLN B 281 -15.14 16.49 -11.78
CA GLN B 281 -14.26 15.38 -11.39
C GLN B 281 -14.98 14.36 -10.50
N LEU B 282 -16.26 14.56 -10.26
CA LEU B 282 -17.07 13.60 -9.53
C LEU B 282 -17.66 12.57 -10.51
N ASP B 283 -17.41 11.30 -10.23
CA ASP B 283 -17.56 10.20 -11.19
C ASP B 283 -19.03 9.88 -11.55
N SER B 284 -19.24 9.54 -12.82
CA SER B 284 -20.42 8.88 -13.39
C SER B 284 -21.27 8.01 -12.45
N ALA B 285 -20.57 7.14 -11.71
CA ALA B 285 -21.12 6.22 -10.72
C ALA B 285 -21.88 6.96 -9.63
N ILE B 286 -21.27 8.01 -9.07
CA ILE B 286 -21.97 8.86 -8.10
C ILE B 286 -23.01 9.65 -8.88
N ARG B 287 -22.54 10.29 -9.94
CA ARG B 287 -23.34 11.23 -10.74
C ARG B 287 -24.77 10.80 -10.99
N ARG B 288 -25.00 9.63 -11.59
CA ARG B 288 -26.41 9.21 -11.85
C ARG B 288 -27.00 8.25 -10.81
N ARG B 289 -26.30 8.01 -9.71
CA ARG B 289 -26.89 7.35 -8.52
C ARG B 289 -27.37 8.41 -7.53
N PHE B 290 -26.43 9.24 -7.11
CA PHE B 290 -26.71 10.35 -6.24
C PHE B 290 -27.51 11.38 -7.05
N GLU B 291 -28.58 11.90 -6.44
CA GLU B 291 -29.68 12.60 -7.12
C GLU B 291 -29.55 14.14 -6.98
N ARG B 292 -30.44 14.88 -7.65
CA ARG B 292 -30.57 16.35 -7.69
C ARG B 292 -29.33 17.19 -7.44
N ARG B 293 -28.91 17.92 -8.45
CA ARG B 293 -27.71 18.78 -8.40
C ARG B 293 -28.10 20.23 -8.71
N ILE B 294 -27.62 21.14 -7.89
CA ILE B 294 -28.01 22.55 -8.01
C ILE B 294 -26.76 23.44 -7.97
N TYR B 295 -26.71 24.31 -8.99
CA TYR B 295 -25.64 25.30 -9.12
C TYR B 295 -25.82 26.47 -8.18
N ILE B 296 -24.79 26.78 -7.40
CA ILE B 296 -24.80 27.94 -6.54
C ILE B 296 -23.86 28.98 -7.16
N PRO B 297 -24.44 29.95 -7.89
CA PRO B 297 -23.64 30.98 -8.57
C PRO B 297 -23.10 32.03 -7.61
N LEU B 298 -22.11 32.80 -8.07
CA LEU B 298 -21.75 34.02 -7.37
C LEU B 298 -22.96 34.95 -7.34
N PRO B 299 -23.07 35.77 -6.29
CA PRO B 299 -24.18 36.73 -6.22
C PRO B 299 -24.16 37.78 -7.33
N ASP B 300 -25.32 38.19 -7.83
CA ASP B 300 -25.43 39.27 -8.82
C ASP B 300 -25.68 40.60 -8.11
N LEU B 301 -25.80 41.69 -8.85
CA LEU B 301 -25.88 43.06 -8.32
C LEU B 301 -26.87 43.11 -7.16
N ALA B 302 -28.08 42.61 -7.45
CA ALA B 302 -29.17 42.59 -6.49
C ALA B 302 -28.74 41.91 -5.19
N ALA B 303 -28.25 40.68 -5.33
CA ALA B 303 -27.88 39.83 -4.18
C ALA B 303 -26.76 40.47 -3.37
N ARG B 304 -25.78 41.04 -4.08
CA ARG B 304 -24.69 41.75 -3.42
C ARG B 304 -25.26 42.90 -2.60
N THR B 305 -26.04 43.78 -3.22
CA THR B 305 -26.68 44.87 -2.53
C THR B 305 -27.42 44.45 -1.26
N THR B 306 -28.21 43.39 -1.41
CA THR B 306 -28.97 42.87 -0.28
C THR B 306 -28.02 42.43 0.83
N MET B 307 -26.92 41.77 0.48
CA MET B 307 -25.96 41.36 1.49
C MET B 307 -25.33 42.55 2.21
N PHE B 308 -25.00 43.58 1.41
CA PHE B 308 -24.53 44.83 1.98
C PHE B 308 -25.51 45.34 3.03
N GLU B 309 -26.79 45.42 2.63
CA GLU B 309 -27.81 45.93 3.54
C GLU B 309 -27.98 45.09 4.77
N ILE B 310 -27.85 43.78 4.61
CA ILE B 310 -27.87 42.85 5.74
C ILE B 310 -26.75 43.14 6.74
N ASN B 311 -25.55 43.29 6.22
CA ASN B 311 -24.37 43.60 7.06
C ASN B 311 -24.28 45.09 7.41
N VAL B 312 -24.87 45.51 8.51
CA VAL B 312 -24.82 46.93 8.94
C VAL B 312 -24.27 47.05 10.36
N GLY B 313 -24.95 46.44 11.32
CA GLY B 313 -24.67 46.60 12.73
C GLY B 313 -25.31 47.87 13.25
N ASP B 314 -24.82 48.34 14.39
CA ASP B 314 -25.37 49.55 15.03
C ASP B 314 -24.89 50.86 14.41
N THR B 315 -23.78 50.82 13.68
CA THR B 315 -23.17 52.05 13.16
C THR B 315 -24.13 52.79 12.23
N PRO B 316 -24.34 54.09 12.47
CA PRO B 316 -25.27 54.83 11.60
C PRO B 316 -24.79 54.95 10.14
N CYS B 317 -23.47 55.06 9.95
CA CYS B 317 -22.80 54.91 8.65
C CYS B 317 -23.16 55.96 7.60
N VAL B 318 -22.83 55.68 6.36
CA VAL B 318 -23.37 56.43 5.22
C VAL B 318 -24.80 55.95 4.84
N LEU B 319 -25.65 56.91 4.41
CA LEU B 319 -27.12 56.77 4.33
C LEU B 319 -27.69 56.29 2.99
N THR B 320 -29.03 56.20 2.92
CA THR B 320 -29.86 55.84 1.75
C THR B 320 -29.63 54.42 1.22
N LYS B 321 -30.38 54.08 0.17
CA LYS B 321 -30.16 52.89 -0.68
C LYS B 321 -29.26 53.13 -1.90
N GLU B 322 -29.10 54.43 -2.21
CA GLU B 322 -28.32 54.86 -3.37
C GLU B 322 -26.87 54.38 -3.21
N ASP B 323 -26.34 54.54 -2.00
CA ASP B 323 -24.96 54.11 -1.75
C ASP B 323 -24.81 52.60 -1.87
N TYR B 324 -25.81 51.86 -1.39
CA TYR B 324 -25.85 50.43 -1.39
C TYR B 324 -25.83 49.90 -2.84
N ARG B 325 -26.74 50.44 -3.64
CA ARG B 325 -26.84 50.05 -5.03
C ARG B 325 -25.58 50.46 -5.78
N THR B 326 -24.98 51.61 -5.45
CA THR B 326 -23.68 51.96 -5.98
C THR B 326 -22.64 50.90 -5.70
N LEU B 327 -22.62 50.40 -4.48
CA LEU B 327 -21.66 49.41 -4.04
C LEU B 327 -21.82 48.04 -4.74
N GLY B 328 -23.03 47.51 -4.65
CA GLY B 328 -23.38 46.25 -5.27
C GLY B 328 -23.13 46.30 -6.76
N ALA B 329 -23.34 47.47 -7.38
CA ALA B 329 -22.95 47.64 -8.78
C ALA B 329 -21.42 47.56 -8.93
N MET B 330 -20.74 48.41 -8.19
CA MET B 330 -19.29 48.56 -8.36
C MET B 330 -18.54 47.27 -7.97
N THR B 331 -18.93 46.62 -6.90
CA THR B 331 -18.32 45.35 -6.53
C THR B 331 -19.01 44.27 -7.35
N GLU B 332 -18.26 43.57 -8.21
CA GLU B 332 -18.78 42.55 -9.12
C GLU B 332 -17.76 41.41 -9.27
N GLY B 333 -18.26 40.18 -9.33
CA GLY B 333 -17.42 38.97 -9.41
C GLY B 333 -16.86 38.49 -8.08
N TYR B 334 -17.45 38.99 -7.00
CA TYR B 334 -17.05 38.71 -5.61
C TYR B 334 -18.07 37.84 -4.91
N SER B 335 -17.63 37.20 -3.84
CA SER B 335 -18.46 36.25 -3.11
C SER B 335 -19.06 36.82 -1.84
N GLY B 336 -19.96 36.06 -1.24
CA GLY B 336 -20.49 36.45 0.06
C GLY B 336 -19.36 36.61 1.07
N SER B 337 -18.40 35.69 1.04
CA SER B 337 -17.26 35.75 1.93
C SER B 337 -16.47 37.03 1.71
N ASP B 338 -16.23 37.32 0.44
CA ASP B 338 -15.50 38.52 0.05
C ASP B 338 -16.23 39.76 0.55
N ILE B 339 -17.55 39.77 0.38
CA ILE B 339 -18.36 40.88 0.86
C ILE B 339 -18.20 41.10 2.35
N ALA B 340 -18.26 39.98 3.08
CA ALA B 340 -18.09 39.96 4.52
C ALA B 340 -16.74 40.57 4.92
N VAL B 341 -15.70 40.15 4.21
CA VAL B 341 -14.36 40.67 4.40
C VAL B 341 -14.33 42.19 4.26
N VAL B 342 -14.94 42.67 3.18
CA VAL B 342 -14.99 44.10 2.90
C VAL B 342 -15.71 44.85 4.02
N VAL B 343 -16.80 44.27 4.49
CA VAL B 343 -17.59 44.83 5.57
C VAL B 343 -16.73 44.96 6.82
N LYS B 344 -16.06 43.88 7.20
CA LYS B 344 -15.23 43.88 8.39
C LYS B 344 -14.14 44.96 8.29
N ASP B 345 -13.50 44.98 7.12
CA ASP B 345 -12.51 46.00 6.81
C ASP B 345 -13.04 47.41 7.10
N ALA B 346 -14.20 47.72 6.50
CA ALA B 346 -14.78 49.05 6.61
C ALA B 346 -15.13 49.34 8.06
N LEU B 347 -15.63 48.34 8.78
CA LEU B 347 -15.96 48.53 10.18
C LEU B 347 -14.72 48.85 11.02
N MET B 348 -13.61 48.19 10.71
CA MET B 348 -12.35 48.49 11.35
C MET B 348 -11.65 49.78 10.94
N GLN B 349 -12.00 50.35 9.81
CA GLN B 349 -11.35 51.56 9.33
C GLN B 349 -11.42 52.78 10.31
N PRO B 350 -12.55 53.00 10.99
CA PRO B 350 -12.60 54.03 12.02
C PRO B 350 -11.73 53.68 13.22
N ILE B 351 -11.67 52.41 13.56
CA ILE B 351 -10.74 51.98 14.61
C ILE B 351 -9.30 52.25 14.15
N ARG B 352 -9.04 52.00 12.88
CA ARG B 352 -7.76 52.30 12.27
C ARG B 352 -7.43 53.80 12.28
N LYS B 353 -8.47 54.62 12.11
CA LYS B 353 -8.32 56.06 12.21
C LYS B 353 -7.91 56.48 13.64
N ILE B 354 -8.60 55.87 14.60
CA ILE B 354 -8.39 56.12 16.01
C ILE B 354 -6.97 55.76 16.46
N GLN B 355 -6.53 54.57 16.07
CA GLN B 355 -5.17 54.12 16.26
C GLN B 355 -4.08 55.07 15.71
N SER B 356 -4.13 55.35 14.41
CA SER B 356 -3.04 56.08 13.73
C SER B 356 -2.95 57.59 14.01
N ALA B 357 -4.10 58.27 14.11
CA ALA B 357 -4.15 59.69 14.53
C ALA B 357 -4.27 59.79 16.04
N THR B 358 -3.33 60.48 16.68
CA THR B 358 -3.42 60.73 18.10
C THR B 358 -3.99 62.13 18.35
N HIS B 359 -4.01 63.00 17.34
CA HIS B 359 -4.84 64.20 17.41
C HIS B 359 -6.36 63.93 17.40
N PHE B 360 -7.01 64.38 18.48
CA PHE B 360 -8.45 64.33 18.62
C PHE B 360 -9.01 65.74 18.87
N LYS B 361 -10.33 65.83 18.92
CA LYS B 361 -11.06 67.10 19.02
C LYS B 361 -12.47 66.87 19.57
N ASP B 362 -12.98 67.85 20.31
CA ASP B 362 -14.35 67.85 20.86
C ASP B 362 -15.38 68.09 19.76
N VAL B 363 -16.53 67.41 19.89
CA VAL B 363 -17.68 67.56 18.99
C VAL B 363 -18.97 67.89 19.75
N SER B 364 -19.45 66.96 20.59
CA SER B 364 -20.73 67.13 21.30
C SER B 364 -20.70 68.22 22.37
N THR B 365 -21.89 68.68 22.75
CA THR B 365 -22.07 69.76 23.74
C THR B 365 -21.84 69.26 25.17
N GLU B 366 -21.82 70.19 26.13
CA GLU B 366 -21.58 69.89 27.55
C GLU B 366 -22.76 69.25 28.29
N ASP B 367 -23.92 69.12 27.63
CA ASP B 367 -25.07 68.39 28.20
C ASP B 367 -24.78 66.90 28.44
N ASP B 368 -23.89 66.33 27.64
CA ASP B 368 -23.38 64.96 27.86
C ASP B 368 -22.41 64.92 29.05
N GLU B 369 -21.86 63.74 29.35
CA GLU B 369 -20.90 63.57 30.46
C GLU B 369 -19.71 64.53 30.36
N THR B 370 -19.12 64.62 29.17
CA THR B 370 -18.02 65.56 28.91
C THR B 370 -17.82 65.76 27.39
N ARG B 371 -16.87 66.63 27.04
CA ARG B 371 -16.42 66.81 25.65
C ARG B 371 -16.11 65.46 24.98
N LYS B 372 -16.76 65.23 23.83
CA LYS B 372 -16.70 63.92 23.14
C LYS B 372 -15.70 63.94 21.96
N LEU B 373 -14.67 63.09 22.04
CA LEU B 373 -13.45 63.32 21.22
C LEU B 373 -13.26 62.35 20.05
N THR B 374 -13.03 62.89 18.85
CA THR B 374 -12.88 62.11 17.62
C THR B 374 -11.54 62.46 16.92
N PRO B 375 -10.97 61.53 16.13
CA PRO B 375 -9.70 61.83 15.46
C PRO B 375 -9.81 62.95 14.42
N CYS B 376 -8.79 63.82 14.43
CA CYS B 376 -8.69 64.87 13.40
C CYS B 376 -7.24 65.06 12.96
N SER B 377 -7.03 65.84 11.91
CA SER B 377 -5.67 66.10 11.41
C SER B 377 -4.84 66.96 12.38
N PRO B 378 -3.49 66.86 12.33
CA PRO B 378 -2.64 67.74 13.17
C PRO B 378 -2.86 69.25 12.97
N GLY B 379 -3.27 69.65 11.77
CA GLY B 379 -3.56 71.06 11.48
C GLY B 379 -4.85 71.60 12.05
N ASP B 380 -5.77 70.73 12.50
CA ASP B 380 -7.12 71.13 12.88
C ASP B 380 -7.19 71.97 14.17
N ASP B 381 -8.16 72.90 14.21
CA ASP B 381 -8.40 73.78 15.36
C ASP B 381 -9.13 73.01 16.45
N GLY B 382 -8.54 72.95 17.64
CA GLY B 382 -9.04 72.08 18.72
C GLY B 382 -8.34 70.73 18.75
N ALA B 383 -7.26 70.57 17.99
CA ALA B 383 -6.58 69.29 17.88
C ALA B 383 -5.67 69.00 19.08
N ILE B 384 -6.21 68.25 20.06
CA ILE B 384 -5.37 67.79 21.20
C ILE B 384 -4.72 66.45 20.84
N GLU B 385 -3.44 66.24 21.20
CA GLU B 385 -2.65 65.10 20.65
C GLU B 385 -2.31 63.95 21.59
N MET B 386 -2.88 63.92 22.78
CA MET B 386 -2.77 62.72 23.65
C MET B 386 -3.34 61.47 22.98
N SER B 387 -2.96 60.30 23.46
CA SER B 387 -3.33 59.05 22.81
C SER B 387 -4.59 58.40 23.41
N TRP B 388 -5.00 57.32 22.75
CA TRP B 388 -6.18 56.53 23.13
C TRP B 388 -6.15 56.10 24.60
N THR B 389 -4.95 55.91 25.13
CA THR B 389 -4.73 55.38 26.47
C THR B 389 -5.40 56.14 27.62
N ASP B 390 -5.36 57.47 27.56
CA ASP B 390 -5.97 58.27 28.61
C ASP B 390 -7.48 58.36 28.52
N ILE B 391 -8.09 57.80 27.48
CA ILE B 391 -9.44 58.22 27.07
C ILE B 391 -10.57 57.43 27.72
N GLU B 392 -11.50 58.14 28.37
CA GLU B 392 -12.61 57.53 29.08
C GLU B 392 -13.67 56.94 28.15
N ALA B 393 -14.33 55.89 28.62
CA ALA B 393 -15.37 55.17 27.87
C ALA B 393 -16.51 56.06 27.31
N ASP B 394 -17.04 56.97 28.13
CA ASP B 394 -18.11 57.86 27.70
C ASP B 394 -17.71 58.89 26.66
N GLU B 395 -16.50 59.45 26.80
CA GLU B 395 -16.05 60.57 25.96
C GLU B 395 -15.65 60.20 24.53
N LEU B 396 -16.14 59.07 24.02
CA LEU B 396 -15.66 58.46 22.78
C LEU B 396 -16.52 58.86 21.60
N LYS B 397 -15.89 59.31 20.51
CA LYS B 397 -16.57 59.59 19.23
C LYS B 397 -15.84 58.93 18.07
N GLU B 398 -16.30 57.73 17.73
CA GLU B 398 -15.81 57.01 16.56
C GLU B 398 -16.10 57.80 15.28
N PRO B 399 -15.16 57.79 14.31
CA PRO B 399 -15.52 58.35 13.02
C PRO B 399 -16.71 57.61 12.41
N ASP B 400 -17.56 58.35 11.70
CA ASP B 400 -18.66 57.73 10.94
C ASP B 400 -18.09 56.85 9.82
N LEU B 401 -18.92 55.95 9.34
CA LEU B 401 -18.51 55.06 8.27
C LEU B 401 -18.85 55.67 6.93
N THR B 402 -17.81 56.00 6.17
CA THR B 402 -17.95 56.73 4.91
C THR B 402 -17.75 55.83 3.70
N ILE B 403 -18.12 56.40 2.55
CA ILE B 403 -17.91 55.76 1.25
C ILE B 403 -16.42 55.46 1.07
N LYS B 404 -15.55 56.31 1.65
CA LYS B 404 -14.11 56.17 1.46
C LYS B 404 -13.57 54.87 2.06
N ASP B 405 -14.16 54.43 3.16
CA ASP B 405 -13.81 53.13 3.72
C ASP B 405 -14.09 52.04 2.70
N PHE B 406 -15.23 52.14 2.03
CA PHE B 406 -15.62 51.13 1.05
C PHE B 406 -14.75 51.29 -0.19
N LEU B 407 -14.33 52.49 -0.51
CA LEU B 407 -13.44 52.76 -1.65
C LEU B 407 -12.07 52.10 -1.48
N LYS B 408 -11.46 52.32 -0.32
CA LYS B 408 -10.21 51.73 0.07
C LYS B 408 -10.31 50.22 0.18
N ALA B 409 -11.46 49.76 0.64
CA ALA B 409 -11.76 48.32 0.72
C ALA B 409 -11.77 47.72 -0.70
N ILE B 410 -12.37 48.42 -1.63
CA ILE B 410 -12.39 47.96 -3.02
C ILE B 410 -10.99 47.97 -3.61
N LYS B 411 -10.19 48.98 -3.28
CA LYS B 411 -8.79 48.98 -3.73
C LYS B 411 -8.03 47.74 -3.22
N SER B 412 -8.27 47.40 -1.95
CA SER B 412 -7.74 46.23 -1.33
C SER B 412 -8.39 44.96 -1.86
N THR B 413 -9.63 44.96 -2.37
CA THR B 413 -10.31 43.74 -2.85
C THR B 413 -9.88 43.32 -4.28
N ARG B 414 -9.22 42.16 -4.38
CA ARG B 414 -8.86 41.56 -5.65
C ARG B 414 -9.82 40.45 -6.02
N PRO B 415 -10.23 40.34 -7.29
CA PRO B 415 -11.04 39.18 -7.69
C PRO B 415 -10.39 37.83 -7.40
N THR B 416 -11.22 36.81 -7.11
CA THR B 416 -10.75 35.54 -6.52
C THR B 416 -10.55 34.49 -7.62
N VAL B 417 -11.61 34.24 -8.37
CA VAL B 417 -11.71 33.05 -9.18
C VAL B 417 -11.51 33.37 -10.66
N ASN B 418 -10.63 32.61 -11.29
CA ASN B 418 -10.44 32.68 -12.75
C ASN B 418 -11.70 32.24 -13.54
N GLU B 419 -11.88 32.86 -14.70
CA GLU B 419 -13.07 32.63 -15.54
C GLU B 419 -13.09 31.26 -16.22
N ASP B 420 -11.95 30.58 -16.26
CA ASP B 420 -11.92 29.20 -16.73
C ASP B 420 -12.75 28.28 -15.84
N ASP B 421 -12.59 28.45 -14.53
CA ASP B 421 -13.44 27.77 -13.55
C ASP B 421 -14.90 28.07 -13.83
N LEU B 422 -15.22 29.32 -14.10
CA LEU B 422 -16.58 29.69 -14.49
C LEU B 422 -17.03 28.91 -15.74
N LEU B 423 -16.13 28.72 -16.70
CA LEU B 423 -16.43 28.01 -17.90
C LEU B 423 -16.71 26.55 -17.62
N LYS B 424 -15.99 25.95 -16.68
CA LYS B 424 -16.18 24.56 -16.30
C LYS B 424 -17.46 24.35 -15.50
N GLN B 425 -17.74 25.24 -14.57
CA GLN B 425 -19.02 25.24 -13.88
C GLN B 425 -20.16 25.45 -14.87
N GLU B 426 -19.95 26.35 -15.80
CA GLU B 426 -20.96 26.63 -16.84
C GLU B 426 -21.12 25.43 -17.75
N GLN B 427 -20.04 24.72 -18.04
CA GLN B 427 -20.07 23.55 -18.89
C GLN B 427 -20.85 22.42 -18.25
N PHE B 428 -20.52 22.10 -17.00
CA PHE B 428 -21.28 21.17 -16.20
C PHE B 428 -22.76 21.58 -16.21
N THR B 429 -23.01 22.88 -16.11
CA THR B 429 -24.38 23.35 -16.04
C THR B 429 -25.13 23.10 -17.35
N ARG B 430 -24.48 23.44 -18.46
CA ARG B 430 -24.97 23.09 -19.79
C ARG B 430 -25.25 21.61 -19.91
N ASP B 431 -24.44 20.80 -19.23
CA ASP B 431 -24.52 19.35 -19.26
C ASP B 431 -25.52 18.75 -18.26
N PHE B 432 -25.47 19.13 -16.99
CA PHE B 432 -26.28 18.48 -15.94
C PHE B 432 -27.20 19.48 -15.23
N GLY B 433 -26.65 20.61 -14.81
CA GLY B 433 -27.48 21.79 -14.47
C GLY B 433 -28.30 21.75 -13.19
N GLN B 434 -29.57 22.14 -13.29
CA GLN B 434 -30.48 22.26 -12.15
C GLN B 434 -31.26 20.95 -11.91
N GLU B 435 -30.56 19.82 -12.01
CA GLU B 435 -31.17 18.49 -11.89
C GLU B 435 -30.06 17.43 -11.78
N GLY B 436 -30.39 16.33 -11.11
CA GLY B 436 -29.40 15.33 -10.71
C GLY B 436 -28.72 14.65 -11.88
N ASN B 437 -29.51 13.88 -12.63
CA ASN B 437 -29.05 13.10 -13.78
C ASN B 437 -28.01 12.05 -13.34
N LEU C 119 -17.22 -12.95 16.59
CA LEU C 119 -16.60 -13.79 15.51
C LEU C 119 -17.41 -13.74 14.22
N SER C 120 -18.70 -14.08 14.30
CA SER C 120 -19.55 -14.25 13.13
C SER C 120 -19.94 -12.92 12.46
N SER C 121 -20.62 -12.06 13.21
CA SER C 121 -21.14 -10.76 12.73
C SER C 121 -22.18 -10.92 11.60
N ALA C 122 -23.45 -10.98 11.98
CA ALA C 122 -24.56 -11.23 11.05
C ALA C 122 -24.86 -10.03 10.14
N ILE C 123 -24.92 -10.28 8.84
CA ILE C 123 -25.20 -9.25 7.86
C ILE C 123 -26.57 -9.53 7.26
N LEU C 124 -27.43 -8.52 7.33
CA LEU C 124 -28.83 -8.52 6.88
C LEU C 124 -29.38 -9.58 5.91
N SER C 125 -30.54 -10.11 6.28
CA SER C 125 -31.32 -11.01 5.42
C SER C 125 -32.77 -10.50 5.31
N GLU C 126 -32.93 -9.18 5.22
CA GLU C 126 -34.25 -8.55 5.22
C GLU C 126 -34.97 -8.70 3.88
N LYS C 127 -36.29 -8.60 3.92
CA LYS C 127 -37.09 -8.94 2.79
C LYS C 127 -37.52 -7.66 2.07
N PRO C 128 -36.87 -7.35 0.94
CA PRO C 128 -37.49 -6.36 0.04
C PRO C 128 -38.78 -6.90 -0.56
N ASN C 129 -39.56 -6.05 -1.20
CA ASN C 129 -40.79 -6.52 -1.81
C ASN C 129 -40.88 -6.19 -3.29
N VAL C 130 -39.84 -6.54 -4.03
CA VAL C 130 -39.75 -6.23 -5.44
C VAL C 130 -39.99 -7.52 -6.20
N LYS C 131 -41.09 -7.59 -6.93
CA LYS C 131 -41.44 -8.78 -7.70
C LYS C 131 -40.74 -8.80 -9.05
N TRP C 132 -40.74 -9.98 -9.68
CA TRP C 132 -40.27 -10.15 -11.07
C TRP C 132 -40.92 -9.15 -12.01
N GLU C 133 -42.23 -8.99 -11.89
CA GLU C 133 -43.02 -8.11 -12.75
C GLU C 133 -42.65 -6.63 -12.57
N ASP C 134 -41.92 -6.27 -11.52
CA ASP C 134 -41.53 -4.87 -11.33
C ASP C 134 -40.28 -4.52 -12.14
N VAL C 135 -39.62 -5.56 -12.66
CA VAL C 135 -38.44 -5.42 -13.49
C VAL C 135 -38.83 -5.57 -14.96
N ALA C 136 -38.76 -4.48 -15.71
CA ALA C 136 -38.98 -4.53 -17.17
C ALA C 136 -37.66 -4.61 -17.93
N GLY C 137 -37.48 -5.69 -18.70
CA GLY C 137 -36.45 -5.77 -19.75
C GLY C 137 -35.50 -6.95 -19.74
N LEU C 138 -35.02 -7.30 -20.93
CA LEU C 138 -34.02 -8.36 -21.16
C LEU C 138 -34.15 -9.55 -20.23
N GLU C 139 -35.34 -10.09 -20.28
CA GLU C 139 -35.76 -11.14 -19.39
C GLU C 139 -35.03 -12.47 -19.61
N GLY C 140 -34.13 -12.54 -20.58
CA GLY C 140 -33.20 -13.65 -20.67
C GLY C 140 -32.37 -13.76 -19.40
N ALA C 141 -31.99 -12.63 -18.82
CA ALA C 141 -31.34 -12.65 -17.52
C ALA C 141 -32.28 -13.26 -16.50
N LYS C 142 -33.54 -12.86 -16.52
CA LYS C 142 -34.51 -13.42 -15.59
C LYS C 142 -34.61 -14.95 -15.74
N GLU C 143 -34.56 -15.40 -16.98
CA GLU C 143 -34.63 -16.82 -17.30
C GLU C 143 -33.42 -17.54 -16.69
N ALA C 144 -32.24 -16.96 -16.88
CA ALA C 144 -31.03 -17.52 -16.31
C ALA C 144 -31.15 -17.61 -14.79
N LEU C 145 -31.67 -16.56 -14.18
CA LEU C 145 -31.87 -16.53 -12.74
C LEU C 145 -32.76 -17.67 -12.27
N LYS C 146 -33.97 -17.69 -12.81
CA LYS C 146 -34.98 -18.67 -12.43
C LYS C 146 -34.50 -20.10 -12.60
N GLU C 147 -33.78 -20.36 -13.69
CA GLU C 147 -33.19 -21.66 -13.95
C GLU C 147 -32.00 -22.00 -13.04
N ALA C 148 -31.22 -20.98 -12.69
CA ALA C 148 -30.08 -21.12 -11.79
C ALA C 148 -30.46 -21.21 -10.31
N VAL C 149 -31.59 -20.65 -9.92
CA VAL C 149 -32.02 -20.62 -8.52
C VAL C 149 -33.28 -21.44 -8.23
N ILE C 150 -34.37 -21.11 -8.90
CA ILE C 150 -35.69 -21.60 -8.53
C ILE C 150 -35.89 -23.03 -9.03
N LEU C 151 -35.47 -23.30 -10.26
CA LEU C 151 -35.58 -24.63 -10.80
C LEU C 151 -34.83 -25.66 -9.95
N PRO C 152 -33.60 -25.34 -9.48
CA PRO C 152 -32.91 -26.31 -8.63
C PRO C 152 -33.66 -26.61 -7.36
N VAL C 153 -34.22 -25.55 -6.77
CA VAL C 153 -35.04 -25.71 -5.58
C VAL C 153 -36.28 -26.55 -5.88
N LYS C 154 -36.99 -26.21 -6.95
CA LYS C 154 -38.27 -26.82 -7.24
C LYS C 154 -38.16 -28.32 -7.55
N PHE C 155 -37.24 -28.64 -8.46
CA PHE C 155 -37.06 -30.01 -8.93
C PHE C 155 -35.61 -30.44 -8.75
N PRO C 156 -35.19 -30.74 -7.50
CA PRO C 156 -33.78 -31.13 -7.29
C PRO C 156 -33.27 -32.35 -8.09
N HIS C 157 -34.14 -33.33 -8.31
CA HIS C 157 -33.77 -34.56 -9.02
C HIS C 157 -33.33 -34.33 -10.47
N LEU C 158 -33.55 -33.13 -11.00
CA LEU C 158 -33.09 -32.77 -12.32
C LEU C 158 -31.61 -32.46 -12.36
N PHE C 159 -30.95 -32.37 -11.20
CA PHE C 159 -29.56 -31.96 -11.15
C PHE C 159 -28.66 -33.03 -10.54
N LYS C 160 -28.89 -34.28 -10.94
CA LYS C 160 -28.11 -35.43 -10.48
C LYS C 160 -27.05 -35.74 -11.54
N GLY C 161 -25.96 -36.40 -11.14
CA GLY C 161 -24.95 -36.88 -12.08
C GLY C 161 -24.04 -35.78 -12.61
N ASN C 162 -23.82 -35.76 -13.93
CA ASN C 162 -22.80 -34.92 -14.55
C ASN C 162 -23.25 -33.48 -14.83
N ARG C 163 -24.53 -33.20 -14.64
CA ARG C 163 -25.04 -31.84 -14.75
C ARG C 163 -25.06 -31.28 -13.33
N LYS C 164 -24.39 -30.14 -13.14
CA LYS C 164 -24.36 -29.52 -11.82
C LYS C 164 -24.77 -28.04 -11.85
N PRO C 165 -25.61 -27.61 -10.88
CA PRO C 165 -26.21 -26.27 -10.92
C PRO C 165 -25.21 -25.10 -10.95
N THR C 166 -25.61 -24.05 -11.67
CA THR C 166 -24.80 -22.81 -11.78
C THR C 166 -24.81 -22.03 -10.46
N SER C 167 -23.63 -21.63 -10.02
CA SER C 167 -23.40 -21.09 -8.67
C SER C 167 -22.72 -19.72 -8.61
N GLY C 168 -22.46 -19.11 -9.76
CA GLY C 168 -21.84 -17.80 -9.82
C GLY C 168 -22.53 -16.98 -10.87
N ILE C 169 -22.94 -15.76 -10.54
CA ILE C 169 -23.53 -14.85 -11.55
C ILE C 169 -23.11 -13.44 -11.24
N LEU C 170 -22.66 -12.68 -12.25
CA LEU C 170 -22.12 -11.33 -12.03
C LEU C 170 -22.61 -10.36 -13.09
N LEU C 171 -23.27 -9.28 -12.67
CA LEU C 171 -23.93 -8.37 -13.61
C LEU C 171 -23.14 -7.07 -13.78
N TYR C 172 -22.93 -6.65 -15.03
CA TYR C 172 -22.15 -5.44 -15.32
C TYR C 172 -22.80 -4.50 -16.32
N GLY C 173 -22.57 -3.21 -16.14
CA GLY C 173 -23.12 -2.20 -17.05
C GLY C 173 -22.96 -0.82 -16.47
N PRO C 174 -23.53 0.22 -17.11
CA PRO C 174 -23.57 1.54 -16.48
C PRO C 174 -24.34 1.52 -15.14
N PRO C 175 -24.07 2.48 -14.24
CA PRO C 175 -24.87 2.62 -13.00
C PRO C 175 -26.34 3.04 -13.29
N GLY C 176 -27.27 2.69 -12.41
CA GLY C 176 -28.66 3.09 -12.54
C GLY C 176 -29.56 2.14 -13.32
N THR C 177 -29.09 0.96 -13.71
CA THR C 177 -29.85 0.09 -14.62
C THR C 177 -30.58 -1.07 -13.94
N GLY C 178 -30.84 -0.91 -12.64
CA GLY C 178 -31.57 -1.90 -11.89
C GLY C 178 -30.81 -3.16 -11.60
N LYS C 179 -29.46 -3.13 -11.64
CA LYS C 179 -28.68 -4.28 -11.17
C LYS C 179 -28.99 -4.52 -9.67
N SER C 180 -28.90 -3.46 -8.89
CA SER C 180 -29.33 -3.55 -7.49
C SER C 180 -30.80 -3.90 -7.40
N TYR C 181 -31.62 -3.28 -8.25
CA TYR C 181 -33.04 -3.56 -8.31
C TYR C 181 -33.29 -5.04 -8.60
N LEU C 182 -32.55 -5.57 -9.57
CA LEU C 182 -32.63 -6.97 -9.94
C LEU C 182 -32.28 -7.88 -8.77
N ALA C 183 -31.25 -7.49 -8.05
CA ALA C 183 -30.78 -8.22 -6.87
C ALA C 183 -31.91 -8.27 -5.84
N LYS C 184 -32.55 -7.12 -5.60
CA LYS C 184 -33.65 -7.07 -4.64
C LYS C 184 -34.82 -7.94 -5.10
N ALA C 185 -35.09 -7.96 -6.39
CA ALA C 185 -36.12 -8.82 -6.92
C ALA C 185 -35.82 -10.30 -6.66
N VAL C 186 -34.56 -10.66 -6.88
CA VAL C 186 -34.08 -12.01 -6.63
C VAL C 186 -34.31 -12.38 -5.16
N ALA C 187 -33.94 -11.45 -4.28
CA ALA C 187 -34.08 -11.62 -2.84
C ALA C 187 -35.54 -11.89 -2.48
N THR C 188 -36.42 -11.08 -3.07
CA THR C 188 -37.86 -11.21 -2.86
C THR C 188 -38.33 -12.58 -3.31
N GLU C 189 -37.82 -12.98 -4.46
CA GLU C 189 -38.30 -14.17 -5.11
C GLU C 189 -37.64 -15.44 -4.63
N ALA C 190 -36.54 -15.35 -3.89
CA ALA C 190 -35.74 -16.55 -3.60
C ALA C 190 -36.36 -17.60 -2.66
N ASN C 191 -37.02 -17.14 -1.59
CA ASN C 191 -37.46 -18.01 -0.50
C ASN C 191 -36.27 -18.77 0.09
N SER C 192 -35.19 -18.03 0.33
CA SER C 192 -33.88 -18.57 0.66
C SER C 192 -33.18 -17.54 1.50
N THR C 193 -32.07 -17.90 2.13
CA THR C 193 -31.25 -16.90 2.82
C THR C 193 -30.47 -16.10 1.79
N PHE C 194 -30.55 -14.77 1.92
CA PHE C 194 -29.93 -13.80 1.03
C PHE C 194 -29.01 -12.95 1.88
N PHE C 195 -27.70 -13.09 1.67
CA PHE C 195 -26.69 -12.30 2.38
C PHE C 195 -26.11 -11.31 1.38
N SER C 196 -25.89 -10.08 1.82
CA SER C 196 -25.39 -9.04 0.90
C SER C 196 -24.38 -8.14 1.58
N VAL C 197 -23.23 -7.93 0.92
CA VAL C 197 -22.07 -7.35 1.55
C VAL C 197 -21.19 -6.62 0.52
N SER C 198 -20.63 -5.48 0.91
CA SER C 198 -19.68 -4.76 0.06
C SER C 198 -18.20 -4.94 0.47
N SER C 199 -17.35 -4.38 -0.37
CA SER C 199 -15.90 -4.46 -0.23
C SER C 199 -15.37 -3.79 1.02
N SER C 200 -16.04 -2.75 1.51
CA SER C 200 -15.69 -2.09 2.76
C SER C 200 -16.31 -2.79 3.98
N ASP C 201 -17.53 -3.30 3.80
CA ASP C 201 -18.31 -4.00 4.82
C ASP C 201 -17.69 -5.29 5.38
N LEU C 202 -17.34 -5.23 6.68
CA LEU C 202 -16.91 -6.37 7.47
C LEU C 202 -15.83 -7.21 6.79
N VAL C 203 -14.74 -6.54 6.41
CA VAL C 203 -13.65 -7.19 5.67
C VAL C 203 -12.33 -6.40 5.86
N SER C 204 -12.03 -6.09 7.12
CA SER C 204 -10.76 -5.46 7.52
C SER C 204 -10.44 -5.72 9.00
N LYS C 205 -9.25 -5.30 9.41
CA LYS C 205 -8.84 -5.29 10.82
C LYS C 205 -7.52 -4.51 10.92
N TRP C 206 -6.97 -4.39 12.13
CA TRP C 206 -5.52 -4.16 12.32
C TRP C 206 -4.68 -4.86 11.25
N MET C 207 -4.86 -6.18 11.19
CA MET C 207 -4.28 -7.04 10.18
C MET C 207 -4.96 -8.40 10.22
N GLY C 208 -4.92 -9.10 9.10
CA GLY C 208 -5.03 -10.56 9.11
C GLY C 208 -6.40 -11.22 9.06
N GLU C 209 -7.33 -10.76 9.89
CA GLU C 209 -8.50 -11.56 10.22
C GLU C 209 -9.74 -11.25 9.39
N SER C 210 -9.63 -10.33 8.45
CA SER C 210 -10.64 -10.17 7.40
C SER C 210 -10.83 -11.47 6.63
N GLU C 211 -9.71 -12.05 6.21
CA GLU C 211 -9.72 -13.31 5.53
C GLU C 211 -10.40 -14.36 6.39
N LYS C 212 -10.08 -14.38 7.67
CA LYS C 212 -10.72 -15.32 8.60
C LYS C 212 -12.24 -15.13 8.63
N LEU C 213 -12.68 -13.86 8.64
CA LEU C 213 -14.06 -13.50 8.53
C LEU C 213 -14.70 -14.02 7.26
N VAL C 214 -13.93 -13.97 6.16
CA VAL C 214 -14.39 -14.51 4.88
C VAL C 214 -14.59 -16.02 4.95
N LYS C 215 -13.67 -16.68 5.65
CA LYS C 215 -13.69 -18.13 5.82
C LYS C 215 -14.94 -18.53 6.61
N GLN C 216 -15.09 -17.91 7.78
CA GLN C 216 -16.22 -18.09 8.65
C GLN C 216 -17.53 -17.83 7.91
N LEU C 217 -17.55 -16.83 7.05
CA LEU C 217 -18.72 -16.52 6.26
C LEU C 217 -19.08 -17.66 5.32
N PHE C 218 -18.12 -18.03 4.47
CA PHE C 218 -18.40 -19.11 3.49
C PHE C 218 -18.77 -20.42 4.18
N ALA C 219 -18.19 -20.64 5.37
CA ALA C 219 -18.59 -21.71 6.24
C ALA C 219 -20.08 -21.55 6.50
N MET C 220 -20.51 -20.38 6.93
CA MET C 220 -21.90 -20.12 7.23
C MET C 220 -22.82 -20.29 5.99
N ALA C 221 -22.26 -19.95 4.84
CA ALA C 221 -22.99 -20.09 3.58
C ALA C 221 -23.28 -21.57 3.25
N ARG C 222 -22.24 -22.40 3.41
CA ARG C 222 -22.35 -23.84 3.31
C ARG C 222 -23.36 -24.39 4.31
N GLU C 223 -23.30 -23.83 5.53
CA GLU C 223 -24.19 -24.26 6.60
C GLU C 223 -25.64 -24.06 6.17
N ASN C 224 -25.93 -22.95 5.48
CA ASN C 224 -27.30 -22.55 5.17
C ASN C 224 -27.59 -22.81 3.69
N LYS C 225 -28.08 -24.01 3.38
CA LYS C 225 -28.42 -24.40 2.00
C LYS C 225 -29.95 -24.38 1.88
N PRO C 226 -30.55 -23.60 0.98
CA PRO C 226 -29.87 -22.71 0.03
C PRO C 226 -29.35 -21.44 0.71
N SER C 227 -28.25 -20.89 0.20
CA SER C 227 -27.93 -19.47 0.51
C SER C 227 -27.49 -18.67 -0.72
N ILE C 228 -27.62 -17.35 -0.65
CA ILE C 228 -27.08 -16.46 -1.71
C ILE C 228 -26.18 -15.39 -1.13
N ILE C 229 -24.95 -15.28 -1.62
CA ILE C 229 -24.07 -14.15 -1.24
C ILE C 229 -24.10 -13.13 -2.37
N PHE C 230 -24.40 -11.88 -2.04
CA PHE C 230 -24.37 -10.79 -3.02
C PHE C 230 -23.25 -9.81 -2.69
N ILE C 231 -22.27 -9.70 -3.61
CA ILE C 231 -21.24 -8.68 -3.50
C ILE C 231 -21.46 -7.59 -4.55
N ASP C 232 -21.78 -6.39 -4.07
CA ASP C 232 -21.76 -5.24 -4.93
C ASP C 232 -20.34 -4.75 -5.17
N GLN C 233 -20.11 -4.27 -6.38
CA GLN C 233 -18.89 -3.60 -6.78
C GLN C 233 -17.72 -4.51 -6.54
N VAL C 234 -17.82 -5.67 -7.18
CA VAL C 234 -16.79 -6.72 -7.03
C VAL C 234 -15.38 -6.28 -7.43
N ASP C 235 -15.28 -5.35 -8.36
CA ASP C 235 -13.99 -4.78 -8.76
C ASP C 235 -13.21 -4.18 -7.60
N ALA C 236 -13.90 -3.60 -6.62
CA ALA C 236 -13.24 -2.96 -5.48
C ALA C 236 -12.44 -3.91 -4.59
N LEU C 237 -12.57 -5.22 -4.81
CA LEU C 237 -11.70 -6.26 -4.26
C LEU C 237 -10.75 -6.75 -5.35
N THR C 238 -9.71 -5.96 -5.61
CA THR C 238 -8.73 -6.27 -6.66
C THR C 238 -7.30 -5.78 -6.32
N GLY C 239 -6.29 -6.45 -6.84
CA GLY C 239 -4.89 -5.97 -6.81
C GLY C 239 -3.90 -6.67 -7.75
N THR C 240 -2.99 -5.90 -8.36
CA THR C 240 -1.88 -6.46 -9.17
C THR C 240 -0.50 -5.79 -9.02
N ARG C 241 -0.36 -4.78 -8.16
CA ARG C 241 0.91 -4.01 -8.05
C ARG C 241 1.06 -3.08 -6.84
N GLY C 242 -0.01 -2.38 -6.44
CA GLY C 242 0.05 -1.35 -5.40
C GLY C 242 0.28 -1.83 -3.97
N GLU C 243 -0.08 -0.99 -3.01
CA GLU C 243 0.13 -1.27 -1.58
C GLU C 243 -0.69 -2.45 -1.08
N GLY C 244 -1.93 -2.57 -1.58
CA GLY C 244 -2.79 -3.71 -1.28
C GLY C 244 -2.27 -5.04 -1.82
N GLU C 245 -1.53 -4.99 -2.93
CA GLU C 245 -0.86 -6.16 -3.48
C GLU C 245 0.28 -6.62 -2.58
N SER C 246 0.98 -5.68 -1.95
CA SER C 246 2.00 -6.00 -0.95
C SER C 246 1.38 -6.49 0.35
N GLU C 247 0.40 -5.75 0.87
CA GLU C 247 -0.18 -6.03 2.20
C GLU C 247 -1.42 -6.97 2.22
N ALA C 248 -2.59 -6.41 1.90
CA ALA C 248 -3.88 -7.05 2.17
C ALA C 248 -4.56 -7.57 0.89
N SER C 249 -4.86 -6.66 -0.02
CA SER C 249 -5.73 -6.89 -1.14
C SER C 249 -5.31 -8.08 -1.98
N ARG C 250 -4.01 -8.36 -2.06
CA ARG C 250 -3.55 -9.61 -2.66
C ARG C 250 -4.13 -10.79 -1.89
N ARG C 251 -3.73 -10.91 -0.63
CA ARG C 251 -4.18 -11.99 0.23
C ARG C 251 -5.69 -12.12 0.36
N ILE C 252 -6.39 -10.99 0.21
CA ILE C 252 -7.84 -10.97 0.13
C ILE C 252 -8.26 -11.65 -1.16
N LYS C 253 -7.66 -11.23 -2.27
CA LYS C 253 -7.96 -11.80 -3.57
C LYS C 253 -7.72 -13.30 -3.58
N THR C 254 -6.57 -13.69 -3.05
CA THR C 254 -6.22 -15.10 -2.89
C THR C 254 -7.25 -15.87 -2.06
N GLU C 255 -7.62 -15.31 -0.93
CA GLU C 255 -8.64 -15.91 -0.09
C GLU C 255 -9.92 -16.14 -0.88
N LEU C 256 -10.33 -15.13 -1.65
CA LEU C 256 -11.51 -15.25 -2.47
C LEU C 256 -11.35 -16.44 -3.43
N LEU C 257 -10.25 -16.45 -4.19
CA LEU C 257 -10.03 -17.39 -5.25
C LEU C 257 -10.04 -18.82 -4.70
N VAL C 258 -9.33 -19.04 -3.60
CA VAL C 258 -9.30 -20.35 -2.98
C VAL C 258 -10.68 -20.78 -2.51
N GLN C 259 -11.43 -19.84 -1.95
CA GLN C 259 -12.74 -20.19 -1.42
C GLN C 259 -13.79 -20.43 -2.52
N MET C 260 -13.61 -19.82 -3.69
CA MET C 260 -14.53 -20.08 -4.81
C MET C 260 -14.17 -21.34 -5.60
N ASN C 261 -13.10 -22.02 -5.20
CA ASN C 261 -12.61 -23.21 -5.89
C ASN C 261 -13.35 -24.55 -5.66
N GLY C 262 -13.43 -24.99 -4.41
CA GLY C 262 -13.76 -26.39 -4.11
C GLY C 262 -15.23 -26.71 -3.98
N VAL C 263 -15.96 -25.73 -3.46
CA VAL C 263 -17.41 -25.82 -3.36
C VAL C 263 -17.98 -25.93 -4.78
N GLY C 264 -17.45 -25.11 -5.71
CA GLY C 264 -17.78 -25.18 -7.13
C GLY C 264 -17.57 -26.56 -7.72
N ASN C 265 -16.58 -27.30 -7.19
CA ASN C 265 -16.47 -28.75 -7.41
C ASN C 265 -17.52 -29.51 -6.59
N ASP C 266 -18.34 -30.29 -7.28
CA ASP C 266 -19.39 -31.12 -6.68
C ASP C 266 -20.57 -30.33 -6.04
N SER C 267 -20.72 -30.39 -4.71
CA SER C 267 -22.00 -30.01 -4.06
C SER C 267 -22.00 -28.59 -3.53
N GLN C 268 -23.10 -27.88 -3.78
CA GLN C 268 -23.24 -26.50 -3.35
C GLN C 268 -24.71 -26.12 -3.11
N GLY C 269 -24.97 -25.40 -2.00
CA GLY C 269 -26.21 -24.66 -1.80
C GLY C 269 -25.97 -23.17 -1.57
N VAL C 270 -24.78 -22.69 -1.96
CA VAL C 270 -24.49 -21.26 -2.03
C VAL C 270 -24.52 -20.78 -3.47
N LEU C 271 -25.10 -19.59 -3.67
CA LEU C 271 -24.98 -18.88 -4.93
C LEU C 271 -24.19 -17.60 -4.72
N VAL C 272 -23.25 -17.32 -5.61
CA VAL C 272 -22.48 -16.08 -5.55
C VAL C 272 -23.05 -15.15 -6.61
N LEU C 273 -23.47 -13.95 -6.17
CA LEU C 273 -24.00 -12.91 -7.05
C LEU C 273 -23.04 -11.72 -7.00
N GLY C 274 -22.49 -11.38 -8.14
CA GLY C 274 -21.62 -10.19 -8.26
C GLY C 274 -22.35 -8.99 -8.82
N ALA C 275 -21.79 -7.81 -8.57
CA ALA C 275 -22.20 -6.62 -9.37
C ALA C 275 -21.01 -5.68 -9.59
N THR C 276 -20.91 -5.10 -10.79
CA THR C 276 -19.85 -4.11 -11.09
C THR C 276 -20.27 -3.12 -12.18
N ASN C 277 -19.85 -1.86 -12.08
CA ASN C 277 -19.92 -0.92 -13.22
C ASN C 277 -18.68 -1.00 -14.15
N ILE C 278 -17.53 -1.33 -13.56
CA ILE C 278 -16.24 -1.31 -14.21
C ILE C 278 -15.66 -2.74 -14.20
N PRO C 279 -16.11 -3.60 -15.15
CA PRO C 279 -15.48 -4.93 -15.21
C PRO C 279 -13.95 -4.90 -15.48
N TRP C 280 -13.50 -3.99 -16.34
CA TRP C 280 -12.11 -3.98 -16.82
C TRP C 280 -11.08 -3.68 -15.74
N GLN C 281 -11.48 -3.10 -14.61
CA GLN C 281 -10.55 -2.86 -13.49
C GLN C 281 -10.56 -4.02 -12.47
N LEU C 282 -11.41 -5.02 -12.68
CA LEU C 282 -11.31 -6.28 -11.96
C LEU C 282 -10.33 -7.21 -12.70
N ASP C 283 -9.28 -7.64 -12.00
CA ASP C 283 -8.17 -8.32 -12.64
C ASP C 283 -8.56 -9.70 -13.19
N SER C 284 -7.77 -10.13 -14.16
CA SER C 284 -8.03 -11.34 -14.93
C SER C 284 -8.17 -12.61 -14.10
N ALA C 285 -7.52 -12.65 -12.93
CA ALA C 285 -7.45 -13.81 -12.05
C ALA C 285 -8.80 -14.34 -11.62
N ILE C 286 -9.70 -13.43 -11.22
CA ILE C 286 -11.05 -13.83 -10.88
C ILE C 286 -11.77 -14.33 -12.13
N ARG C 287 -11.65 -13.55 -13.21
CA ARG C 287 -12.54 -13.73 -14.38
C ARG C 287 -12.83 -15.17 -14.81
N ARG C 288 -11.83 -15.87 -15.32
CA ARG C 288 -12.05 -17.23 -15.80
C ARG C 288 -12.38 -18.25 -14.69
N ARG C 289 -12.05 -17.93 -13.44
CA ARG C 289 -12.37 -18.83 -12.30
C ARG C 289 -13.82 -18.70 -11.87
N PHE C 290 -14.49 -17.65 -12.33
CA PHE C 290 -15.86 -17.35 -11.99
C PHE C 290 -16.76 -17.85 -13.13
N GLU C 291 -18.05 -18.06 -12.86
CA GLU C 291 -18.97 -18.64 -13.85
C GLU C 291 -19.55 -17.72 -14.92
N ARG C 292 -20.65 -17.02 -14.60
CA ARG C 292 -21.63 -16.50 -15.57
C ARG C 292 -21.79 -14.99 -15.40
N ARG C 293 -21.67 -14.28 -16.51
CA ARG C 293 -21.68 -12.82 -16.56
C ARG C 293 -22.63 -12.34 -17.65
N ILE C 294 -23.44 -11.32 -17.34
CA ILE C 294 -24.31 -10.65 -18.30
C ILE C 294 -24.14 -9.14 -18.22
N TYR C 295 -24.01 -8.53 -19.40
CA TYR C 295 -24.13 -7.08 -19.59
C TYR C 295 -25.56 -6.57 -19.41
N ILE C 296 -25.75 -5.58 -18.55
CA ILE C 296 -27.04 -4.95 -18.35
C ILE C 296 -27.01 -3.58 -19.03
N PRO C 297 -27.57 -3.50 -20.25
CA PRO C 297 -27.59 -2.22 -20.99
C PRO C 297 -28.63 -1.26 -20.43
N LEU C 298 -28.53 0.01 -20.83
CA LEU C 298 -29.61 0.95 -20.60
C LEU C 298 -30.87 0.45 -21.29
N PRO C 299 -32.04 0.77 -20.72
CA PRO C 299 -33.32 0.33 -21.29
C PRO C 299 -33.57 0.87 -22.70
N ASP C 300 -34.17 0.07 -23.57
CA ASP C 300 -34.55 0.51 -24.92
C ASP C 300 -35.99 1.03 -24.91
N LEU C 301 -36.47 1.52 -26.04
CA LEU C 301 -37.82 2.09 -26.18
C LEU C 301 -38.88 1.34 -25.38
N ALA C 302 -38.97 0.04 -25.64
CA ALA C 302 -40.03 -0.79 -25.05
C ALA C 302 -39.88 -0.81 -23.52
N ALA C 303 -38.65 -0.99 -23.07
CA ALA C 303 -38.37 -1.09 -21.65
C ALA C 303 -38.71 0.23 -20.95
N ARG C 304 -38.34 1.33 -21.58
CA ARG C 304 -38.66 2.64 -21.01
C ARG C 304 -40.18 2.74 -20.92
N THR C 305 -40.89 2.43 -22.00
CA THR C 305 -42.33 2.53 -22.01
C THR C 305 -43.04 1.75 -20.93
N THR C 306 -42.67 0.47 -20.80
CA THR C 306 -43.17 -0.38 -19.75
C THR C 306 -42.89 0.29 -18.38
N MET C 307 -41.67 0.79 -18.21
CA MET C 307 -41.32 1.40 -16.95
C MET C 307 -42.17 2.60 -16.63
N PHE C 308 -42.52 3.39 -17.64
CA PHE C 308 -43.44 4.50 -17.47
C PHE C 308 -44.77 4.05 -16.84
N GLU C 309 -45.34 3.04 -17.48
CA GLU C 309 -46.61 2.47 -17.07
C GLU C 309 -46.52 1.96 -15.64
N ILE C 310 -45.41 1.27 -15.34
CA ILE C 310 -45.17 0.77 -13.98
C ILE C 310 -45.11 1.94 -12.99
N ASN C 311 -44.41 3.00 -13.43
CA ASN C 311 -44.18 4.17 -12.61
C ASN C 311 -45.41 5.03 -12.40
N VAL C 312 -46.51 4.81 -13.12
CA VAL C 312 -47.74 5.56 -12.92
C VAL C 312 -48.58 5.07 -11.73
N GLY C 313 -48.59 3.77 -11.47
CA GLY C 313 -49.40 3.19 -10.42
C GLY C 313 -50.86 3.64 -10.41
N ASP C 314 -51.35 3.95 -9.21
CA ASP C 314 -52.78 4.16 -8.97
C ASP C 314 -53.31 5.57 -9.34
N THR C 315 -52.41 6.53 -9.48
CA THR C 315 -52.83 7.94 -9.60
C THR C 315 -53.50 8.17 -10.96
N PRO C 316 -54.75 8.69 -10.97
CA PRO C 316 -55.51 8.78 -12.21
C PRO C 316 -55.18 10.03 -13.03
N CYS C 317 -55.43 9.94 -14.33
CA CYS C 317 -55.37 11.08 -15.28
C CYS C 317 -54.01 11.81 -15.47
N VAL C 318 -53.31 11.67 -16.61
CA VAL C 318 -53.79 10.97 -17.82
C VAL C 318 -53.18 9.56 -18.00
N LEU C 319 -54.05 8.56 -18.23
CA LEU C 319 -53.64 7.16 -18.47
C LEU C 319 -53.54 6.79 -19.97
N THR C 320 -53.54 7.80 -20.82
CA THR C 320 -53.30 7.65 -22.28
C THR C 320 -52.24 6.62 -22.70
N LYS C 321 -52.74 5.43 -23.04
CA LYS C 321 -51.93 4.33 -23.54
C LYS C 321 -51.11 4.78 -24.74
N GLU C 322 -51.74 5.57 -25.62
CA GLU C 322 -51.09 6.10 -26.83
C GLU C 322 -49.85 6.96 -26.55
N ASP C 323 -49.89 7.78 -25.49
CA ASP C 323 -48.75 8.63 -25.17
C ASP C 323 -47.63 7.94 -24.41
N TYR C 324 -47.85 6.74 -23.89
CA TYR C 324 -46.79 6.04 -23.19
C TYR C 324 -45.61 5.74 -24.11
N ARG C 325 -45.95 5.28 -25.31
CA ARG C 325 -44.94 5.02 -26.31
C ARG C 325 -44.24 6.29 -26.75
N THR C 326 -44.93 7.43 -26.78
CA THR C 326 -44.29 8.71 -27.00
C THR C 326 -43.34 9.05 -25.85
N LEU C 327 -43.72 8.67 -24.63
CA LEU C 327 -42.89 8.93 -23.47
C LEU C 327 -41.58 8.14 -23.55
N GLY C 328 -41.69 6.84 -23.78
CA GLY C 328 -40.56 6.01 -23.99
C GLY C 328 -39.75 6.45 -25.18
N ALA C 329 -40.40 7.01 -26.21
CA ALA C 329 -39.64 7.53 -27.35
C ALA C 329 -38.75 8.71 -26.97
N MET C 330 -39.38 9.75 -26.44
CA MET C 330 -38.72 10.98 -26.07
C MET C 330 -37.53 10.76 -25.13
N THR C 331 -37.69 9.94 -24.10
CA THR C 331 -36.56 9.58 -23.27
C THR C 331 -35.72 8.58 -24.05
N GLU C 332 -34.44 8.89 -24.29
CA GLU C 332 -33.53 7.96 -24.96
C GLU C 332 -32.22 7.92 -24.19
N GLY C 333 -31.78 6.70 -23.86
CA GLY C 333 -30.51 6.47 -23.16
C GLY C 333 -30.49 6.66 -21.65
N TYR C 334 -31.62 7.04 -21.06
CA TYR C 334 -31.68 7.34 -19.63
C TYR C 334 -31.87 6.07 -18.84
N SER C 335 -31.45 6.09 -17.58
CA SER C 335 -31.47 4.91 -16.73
C SER C 335 -32.77 4.73 -15.98
N GLY C 336 -32.89 3.58 -15.32
CA GLY C 336 -33.99 3.37 -14.42
C GLY C 336 -34.09 4.46 -13.37
N SER C 337 -32.94 4.80 -12.81
CA SER C 337 -32.85 5.83 -11.80
C SER C 337 -33.34 7.17 -12.36
N ASP C 338 -32.86 7.47 -13.56
CA ASP C 338 -33.23 8.71 -14.26
C ASP C 338 -34.72 8.74 -14.47
N ILE C 339 -35.28 7.62 -14.93
CA ILE C 339 -36.72 7.54 -15.16
C ILE C 339 -37.50 7.80 -13.87
N ALA C 340 -37.03 7.22 -12.78
CA ALA C 340 -37.62 7.39 -11.47
C ALA C 340 -37.65 8.87 -11.07
N VAL C 341 -36.49 9.51 -11.29
CA VAL C 341 -36.32 10.91 -10.96
C VAL C 341 -37.31 11.76 -11.75
N VAL C 342 -37.43 11.44 -13.05
CA VAL C 342 -38.34 12.22 -13.90
C VAL C 342 -39.78 12.02 -13.43
N VAL C 343 -40.12 10.81 -13.04
CA VAL C 343 -41.45 10.51 -12.54
C VAL C 343 -41.74 11.35 -11.30
N LYS C 344 -40.84 11.31 -10.33
CA LYS C 344 -40.99 12.04 -9.09
C LYS C 344 -41.18 13.54 -9.38
N ASP C 345 -40.38 14.01 -10.33
CA ASP C 345 -40.37 15.41 -10.73
C ASP C 345 -41.74 15.78 -11.26
N ALA C 346 -42.33 14.93 -12.10
CA ALA C 346 -43.67 15.18 -12.61
C ALA C 346 -44.69 15.15 -11.47
N LEU C 347 -44.46 14.27 -10.47
CA LEU C 347 -45.40 14.09 -9.39
C LEU C 347 -45.44 15.28 -8.47
N MET C 348 -44.39 16.08 -8.37
CA MET C 348 -44.45 17.28 -7.57
C MET C 348 -45.09 18.45 -8.28
N GLN C 349 -45.35 18.36 -9.57
CA GLN C 349 -45.91 19.47 -10.30
C GLN C 349 -47.29 19.92 -9.78
N PRO C 350 -48.25 19.00 -9.60
CA PRO C 350 -49.54 19.43 -9.02
C PRO C 350 -49.36 20.04 -7.62
N ILE C 351 -48.39 19.50 -6.91
CA ILE C 351 -48.10 19.97 -5.56
C ILE C 351 -47.57 21.41 -5.63
N ARG C 352 -46.64 21.63 -6.55
CA ARG C 352 -46.11 22.99 -6.73
C ARG C 352 -47.17 23.97 -7.20
N LYS C 353 -48.10 23.51 -8.04
CA LYS C 353 -49.27 24.28 -8.41
C LYS C 353 -50.02 24.74 -7.17
N ILE C 354 -50.31 23.77 -6.31
CA ILE C 354 -51.07 23.98 -5.08
C ILE C 354 -50.37 25.01 -4.19
N GLN C 355 -49.05 24.90 -4.12
CA GLN C 355 -48.24 25.82 -3.33
C GLN C 355 -48.38 27.23 -3.95
N SER C 356 -48.21 27.37 -5.26
CA SER C 356 -48.42 28.63 -5.90
C SER C 356 -49.91 28.98 -6.01
N ALA C 357 -50.82 28.04 -5.81
CA ALA C 357 -52.25 28.32 -5.90
C ALA C 357 -52.71 29.21 -4.75
N THR C 358 -53.67 30.07 -5.08
CA THR C 358 -54.39 30.92 -4.16
C THR C 358 -55.89 30.61 -4.30
N HIS C 359 -56.41 30.78 -5.52
CA HIS C 359 -57.82 30.53 -5.83
C HIS C 359 -58.23 29.07 -5.96
N PHE C 360 -59.14 28.64 -5.08
CA PHE C 360 -59.68 27.27 -5.13
C PHE C 360 -61.19 27.31 -5.29
N LYS C 361 -61.78 26.18 -5.70
CA LYS C 361 -63.22 26.05 -5.98
C LYS C 361 -63.70 24.62 -5.64
N ASP C 362 -64.99 24.51 -5.32
CA ASP C 362 -65.65 23.22 -5.08
C ASP C 362 -65.86 22.45 -6.39
N VAL C 363 -65.72 21.13 -6.31
CA VAL C 363 -66.00 20.22 -7.43
C VAL C 363 -66.95 19.07 -7.04
N SER C 364 -66.65 18.32 -5.97
CA SER C 364 -67.51 17.19 -5.55
C SER C 364 -68.92 17.64 -5.08
N THR C 365 -69.94 17.11 -5.74
CA THR C 365 -71.34 17.50 -5.48
C THR C 365 -71.84 17.01 -4.12
N GLU C 366 -73.03 17.46 -3.72
CA GLU C 366 -73.63 17.11 -2.43
C GLU C 366 -74.05 15.64 -2.29
N ASP C 367 -74.07 14.89 -3.40
CA ASP C 367 -74.22 13.43 -3.36
C ASP C 367 -73.08 12.73 -2.61
N ASP C 368 -71.87 13.30 -2.70
CA ASP C 368 -70.72 12.85 -1.91
C ASP C 368 -70.86 13.26 -0.43
N GLU C 369 -69.94 12.78 0.40
CA GLU C 369 -69.99 13.04 1.85
C GLU C 369 -69.92 14.52 2.23
N THR C 370 -69.09 15.29 1.54
CA THR C 370 -68.94 16.72 1.81
C THR C 370 -68.32 17.49 0.63
N ARG C 371 -68.26 18.82 0.79
CA ARG C 371 -67.62 19.72 -0.18
C ARG C 371 -66.14 19.39 -0.37
N LYS C 372 -65.61 19.56 -1.58
CA LYS C 372 -64.19 19.25 -1.90
C LYS C 372 -63.58 20.26 -2.89
N LEU C 373 -62.55 21.00 -2.44
CA LEU C 373 -62.01 22.12 -3.23
C LEU C 373 -60.72 21.84 -4.00
N THR C 374 -60.65 22.34 -5.24
CA THR C 374 -59.46 22.19 -6.10
C THR C 374 -58.94 23.56 -6.60
N PRO C 375 -57.63 23.65 -6.93
CA PRO C 375 -57.10 24.89 -7.49
C PRO C 375 -57.72 25.29 -8.82
N CYS C 376 -58.10 26.56 -8.97
CA CYS C 376 -58.84 26.97 -10.17
C CYS C 376 -58.44 28.35 -10.66
N SER C 377 -58.69 28.61 -11.95
CA SER C 377 -58.38 29.89 -12.60
C SER C 377 -58.89 31.08 -11.79
N PRO C 378 -58.05 32.13 -11.63
CA PRO C 378 -58.32 33.17 -10.65
C PRO C 378 -59.57 34.01 -10.95
N GLY C 379 -59.96 34.10 -12.23
CA GLY C 379 -61.14 34.85 -12.62
C GLY C 379 -62.49 34.20 -12.39
N ASP C 380 -62.54 32.89 -12.11
CA ASP C 380 -63.79 32.13 -12.21
C ASP C 380 -64.84 32.47 -11.13
N ASP C 381 -66.11 32.20 -11.45
CA ASP C 381 -67.21 32.26 -10.48
C ASP C 381 -67.04 31.05 -9.55
N GLY C 382 -66.73 31.32 -8.28
CA GLY C 382 -66.37 30.26 -7.34
C GLY C 382 -64.88 30.24 -7.03
N ALA C 383 -64.10 31.08 -7.71
CA ALA C 383 -62.67 31.24 -7.40
C ALA C 383 -62.44 32.09 -6.13
N ILE C 384 -62.38 31.42 -4.99
CA ILE C 384 -62.08 32.09 -3.70
C ILE C 384 -60.60 31.87 -3.34
N GLU C 385 -59.95 32.93 -2.85
CA GLU C 385 -58.48 32.94 -2.68
C GLU C 385 -58.06 32.78 -1.22
N MET C 386 -57.25 31.76 -0.97
CA MET C 386 -56.59 31.60 0.34
C MET C 386 -55.29 30.79 0.25
N SER C 387 -54.70 30.55 1.42
CA SER C 387 -53.57 29.63 1.55
C SER C 387 -53.95 28.14 1.56
N TRP C 388 -53.21 27.38 0.75
CA TRP C 388 -53.33 25.92 0.65
C TRP C 388 -53.26 25.23 2.01
N THR C 389 -52.53 25.83 2.94
CA THR C 389 -52.42 25.33 4.29
C THR C 389 -53.78 25.35 5.01
N ASP C 390 -54.68 26.26 4.63
CA ASP C 390 -56.03 26.27 5.19
C ASP C 390 -56.90 25.10 4.73
N ILE C 391 -56.49 24.39 3.69
CA ILE C 391 -57.31 23.31 3.15
C ILE C 391 -56.95 21.98 3.80
N GLU C 392 -57.93 21.36 4.46
CA GLU C 392 -57.80 20.07 5.11
C GLU C 392 -57.94 18.90 4.14
N ALA C 393 -57.43 17.75 4.58
CA ALA C 393 -57.34 16.53 3.75
C ALA C 393 -58.69 15.98 3.22
N ASP C 394 -59.75 16.04 4.04
CA ASP C 394 -61.07 15.58 3.61
C ASP C 394 -61.66 16.35 2.45
N GLU C 395 -61.43 17.66 2.44
CA GLU C 395 -61.91 18.59 1.41
C GLU C 395 -60.86 18.84 0.30
N LEU C 396 -59.87 17.96 0.19
CA LEU C 396 -58.66 18.21 -0.60
C LEU C 396 -58.79 17.65 -2.01
N LYS C 397 -58.36 18.43 -3.00
CA LYS C 397 -58.27 17.99 -4.40
C LYS C 397 -57.08 18.66 -5.11
N GLU C 398 -56.46 17.88 -6.00
CA GLU C 398 -55.18 18.21 -6.64
C GLU C 398 -55.38 18.33 -8.16
N PRO C 399 -54.65 19.24 -8.84
CA PRO C 399 -54.67 19.21 -10.30
C PRO C 399 -54.33 17.82 -10.83
N ASP C 400 -54.95 17.45 -11.94
CA ASP C 400 -54.66 16.20 -12.61
C ASP C 400 -53.25 16.23 -13.20
N LEU C 401 -52.78 15.05 -13.59
CA LEU C 401 -51.46 14.98 -14.20
C LEU C 401 -51.62 15.09 -15.70
N THR C 402 -51.02 16.14 -16.26
CA THR C 402 -51.00 16.34 -17.71
C THR C 402 -49.71 15.85 -18.33
N ILE C 403 -49.75 15.73 -19.66
CA ILE C 403 -48.55 15.49 -20.46
C ILE C 403 -47.57 16.60 -20.18
N LYS C 404 -48.08 17.80 -19.90
CA LYS C 404 -47.24 18.98 -19.70
C LYS C 404 -46.32 18.85 -18.48
N ASP C 405 -46.85 18.22 -17.43
CA ASP C 405 -46.07 17.95 -16.24
C ASP C 405 -44.86 17.09 -16.58
N PHE C 406 -45.09 16.05 -17.37
CA PHE C 406 -44.05 15.15 -17.82
C PHE C 406 -43.03 15.81 -18.75
N LEU C 407 -43.54 16.69 -19.62
CA LEU C 407 -42.73 17.48 -20.51
C LEU C 407 -41.72 18.36 -19.73
N LYS C 408 -42.25 19.07 -18.75
CA LYS C 408 -41.47 19.85 -17.83
C LYS C 408 -40.43 18.99 -17.13
N ALA C 409 -40.89 17.83 -16.66
CA ALA C 409 -39.97 16.94 -15.98
C ALA C 409 -38.77 16.56 -16.86
N ILE C 410 -39.10 16.27 -18.12
CA ILE C 410 -38.09 15.93 -19.11
C ILE C 410 -37.11 17.10 -19.31
N LYS C 411 -37.68 18.31 -19.33
CA LYS C 411 -36.90 19.52 -19.53
C LYS C 411 -35.83 19.68 -18.43
N SER C 412 -36.14 19.37 -17.17
CA SER C 412 -35.12 19.42 -16.11
C SER C 412 -34.04 18.32 -16.27
N THR C 413 -34.43 17.16 -16.77
CA THR C 413 -33.49 16.12 -17.20
C THR C 413 -32.68 16.53 -18.47
N ARG C 414 -31.36 16.25 -18.44
CA ARG C 414 -30.40 16.69 -19.45
C ARG C 414 -29.74 15.45 -20.06
N PRO C 415 -28.76 15.62 -20.96
CA PRO C 415 -27.99 14.44 -21.38
C PRO C 415 -27.23 13.78 -20.20
N THR C 416 -27.82 12.72 -19.65
CA THR C 416 -27.45 12.18 -18.32
C THR C 416 -26.26 11.24 -18.38
N VAL C 417 -26.24 10.42 -19.42
CA VAL C 417 -25.28 9.33 -19.50
C VAL C 417 -24.19 9.69 -20.51
N ASN C 418 -22.94 9.72 -20.05
CA ASN C 418 -21.81 10.01 -20.94
C ASN C 418 -21.55 8.86 -21.92
N GLU C 419 -21.15 9.22 -23.14
CA GLU C 419 -20.77 8.22 -24.15
C GLU C 419 -19.54 7.41 -23.74
N ASP C 420 -18.70 8.00 -22.88
CA ASP C 420 -17.45 7.36 -22.49
C ASP C 420 -17.73 6.04 -21.82
N ASP C 421 -18.85 5.93 -21.10
CA ASP C 421 -19.27 4.64 -20.56
C ASP C 421 -19.50 3.63 -21.70
N LEU C 422 -20.20 4.13 -22.72
CA LEU C 422 -20.57 3.32 -23.87
C LEU C 422 -19.36 2.85 -24.62
N LEU C 423 -18.28 3.64 -24.62
CA LEU C 423 -17.06 3.18 -25.31
C LEU C 423 -16.49 1.91 -24.67
N LYS C 424 -16.21 1.94 -23.36
CA LYS C 424 -15.57 0.79 -22.75
C LYS C 424 -16.59 -0.31 -22.47
N GLN C 425 -17.80 0.08 -22.06
CA GLN C 425 -18.83 -0.94 -21.83
C GLN C 425 -19.19 -1.63 -23.13
N GLU C 426 -19.26 -0.92 -24.24
CA GLU C 426 -19.51 -1.60 -25.51
C GLU C 426 -18.29 -2.32 -26.04
N GLN C 427 -17.11 -1.99 -25.57
CA GLN C 427 -15.91 -2.71 -25.99
C GLN C 427 -15.85 -4.07 -25.29
N PHE C 428 -15.90 -4.04 -23.97
CA PHE C 428 -16.09 -5.25 -23.18
C PHE C 428 -17.30 -6.03 -23.72
N THR C 429 -18.33 -5.35 -24.20
CA THR C 429 -19.46 -6.10 -24.73
C THR C 429 -19.11 -6.86 -26.01
N ARG C 430 -18.42 -6.19 -26.93
CA ARG C 430 -18.00 -6.79 -28.17
C ARG C 430 -17.05 -7.95 -27.93
N ASP C 431 -16.25 -7.86 -26.88
CA ASP C 431 -15.21 -8.84 -26.57
C ASP C 431 -15.74 -10.01 -25.71
N PHE C 432 -16.52 -9.69 -24.68
CA PHE C 432 -17.07 -10.67 -23.75
C PHE C 432 -18.62 -10.61 -23.84
N GLY C 433 -19.27 -9.61 -23.25
CA GLY C 433 -20.69 -9.39 -23.49
C GLY C 433 -21.64 -10.27 -22.69
N GLN C 434 -22.29 -11.21 -23.39
CA GLN C 434 -23.12 -12.24 -22.77
C GLN C 434 -22.27 -13.43 -22.30
N GLU C 435 -21.00 -13.45 -22.73
CA GLU C 435 -19.93 -14.32 -22.18
C GLU C 435 -20.09 -14.69 -20.71
N GLY C 436 -19.84 -15.96 -20.39
CA GLY C 436 -19.86 -16.44 -19.02
C GLY C 436 -18.82 -15.78 -18.13
N ASN C 437 -17.58 -15.75 -18.63
CA ASN C 437 -16.41 -15.18 -17.94
C ASN C 437 -16.07 -16.03 -16.73
N LEU D 119 -4.04 -24.88 18.70
CA LEU D 119 -2.60 -25.06 18.35
C LEU D 119 -2.42 -25.70 16.97
N SER D 120 -3.04 -26.86 16.76
CA SER D 120 -2.80 -27.70 15.58
C SER D 120 -3.59 -27.33 14.32
N SER D 121 -4.58 -26.42 14.44
CA SER D 121 -5.44 -26.00 13.31
C SER D 121 -6.31 -27.18 12.80
N ALA D 122 -6.84 -27.07 11.58
CA ALA D 122 -7.63 -28.17 10.98
C ALA D 122 -7.55 -28.20 9.46
N ILE D 123 -6.75 -29.11 8.94
CA ILE D 123 -6.64 -29.36 7.50
C ILE D 123 -7.28 -30.72 7.23
N LEU D 124 -8.21 -30.73 6.29
CA LEU D 124 -8.90 -31.94 5.88
C LEU D 124 -8.08 -32.73 4.85
N SER D 125 -8.22 -34.06 4.97
CA SER D 125 -7.45 -35.04 4.19
C SER D 125 -8.28 -35.93 3.26
N GLU D 126 -9.59 -36.06 3.49
CA GLU D 126 -10.43 -36.92 2.66
C GLU D 126 -10.56 -36.36 1.25
N LYS D 127 -10.70 -37.28 0.27
CA LYS D 127 -10.48 -36.93 -1.14
C LYS D 127 -11.64 -37.23 -2.12
N PRO D 128 -11.59 -36.62 -3.31
CA PRO D 128 -12.44 -36.99 -4.43
C PRO D 128 -12.12 -38.34 -5.09
N ASN D 129 -12.75 -38.60 -6.23
CA ASN D 129 -12.45 -39.77 -7.01
C ASN D 129 -12.01 -39.42 -8.43
N VAL D 130 -10.96 -38.62 -8.51
CA VAL D 130 -10.45 -38.12 -9.78
C VAL D 130 -9.21 -38.93 -10.13
N LYS D 131 -9.28 -39.63 -11.26
CA LYS D 131 -8.19 -40.48 -11.75
C LYS D 131 -7.25 -39.75 -12.73
N TRP D 132 -6.09 -40.36 -12.97
CA TRP D 132 -5.12 -39.84 -13.96
C TRP D 132 -5.75 -39.64 -15.34
N GLU D 133 -6.54 -40.62 -15.77
CA GLU D 133 -7.24 -40.57 -17.06
C GLU D 133 -8.28 -39.44 -17.16
N ASP D 134 -8.67 -38.83 -16.04
CA ASP D 134 -9.63 -37.73 -16.09
C ASP D 134 -8.95 -36.40 -16.41
N VAL D 135 -7.62 -36.40 -16.36
CA VAL D 135 -6.81 -35.24 -16.68
C VAL D 135 -6.28 -35.41 -18.10
N ALA D 136 -6.76 -34.60 -19.03
CA ALA D 136 -6.15 -34.54 -20.37
C ALA D 136 -4.97 -33.58 -20.36
N GLY D 137 -3.76 -34.11 -20.55
CA GLY D 137 -2.58 -33.28 -20.80
C GLY D 137 -1.27 -33.67 -20.15
N LEU D 138 -0.22 -33.03 -20.64
CA LEU D 138 1.14 -33.18 -20.12
C LEU D 138 1.43 -34.52 -19.45
N GLU D 139 1.58 -35.51 -20.29
CA GLU D 139 1.99 -36.80 -19.80
C GLU D 139 3.37 -36.73 -19.15
N GLY D 140 4.24 -35.80 -19.55
CA GLY D 140 5.53 -35.69 -18.96
C GLY D 140 5.43 -35.14 -17.56
N ALA D 141 4.56 -34.16 -17.38
CA ALA D 141 4.29 -33.66 -16.02
C ALA D 141 3.66 -34.73 -15.15
N LYS D 142 2.73 -35.51 -15.70
CA LYS D 142 2.17 -36.64 -15.04
C LYS D 142 3.26 -37.63 -14.58
N GLU D 143 4.22 -37.85 -15.45
CA GLU D 143 5.32 -38.74 -15.18
C GLU D 143 6.16 -38.23 -14.01
N ALA D 144 6.45 -36.92 -14.05
CA ALA D 144 7.17 -36.28 -12.95
C ALA D 144 6.43 -36.46 -11.62
N LEU D 145 5.11 -36.26 -11.67
CA LEU D 145 4.29 -36.40 -10.51
C LEU D 145 4.42 -37.81 -9.94
N LYS D 146 4.16 -38.80 -10.78
CA LYS D 146 4.11 -40.20 -10.36
C LYS D 146 5.50 -40.74 -10.02
N GLU D 147 6.53 -40.23 -10.68
CA GLU D 147 7.89 -40.61 -10.39
C GLU D 147 8.42 -39.98 -9.09
N ALA D 148 7.96 -38.77 -8.80
CA ALA D 148 8.35 -38.04 -7.59
C ALA D 148 7.50 -38.42 -6.40
N VAL D 149 6.30 -38.96 -6.61
CA VAL D 149 5.44 -39.39 -5.50
C VAL D 149 5.24 -40.90 -5.36
N ILE D 150 4.67 -41.53 -6.39
CA ILE D 150 4.22 -42.92 -6.29
C ILE D 150 5.39 -43.90 -6.36
N LEU D 151 6.33 -43.65 -7.28
CA LEU D 151 7.50 -44.53 -7.35
C LEU D 151 8.26 -44.58 -6.03
N PRO D 152 8.49 -43.43 -5.35
CA PRO D 152 9.14 -43.51 -4.03
C PRO D 152 8.41 -44.37 -3.04
N VAL D 153 7.09 -44.25 -3.03
CA VAL D 153 6.23 -44.99 -2.10
C VAL D 153 6.20 -46.47 -2.45
N LYS D 154 6.15 -46.78 -3.74
CA LYS D 154 6.05 -48.15 -4.19
C LYS D 154 7.35 -48.94 -3.91
N PHE D 155 8.46 -48.34 -4.31
CA PHE D 155 9.77 -48.96 -4.19
C PHE D 155 10.74 -48.07 -3.43
N PRO D 156 10.62 -48.01 -2.10
CA PRO D 156 11.54 -47.11 -1.35
C PRO D 156 13.04 -47.39 -1.52
N HIS D 157 13.39 -48.68 -1.63
CA HIS D 157 14.78 -49.11 -1.72
C HIS D 157 15.53 -48.55 -2.94
N LEU D 158 14.79 -48.00 -3.91
CA LEU D 158 15.40 -47.36 -5.06
C LEU D 158 16.18 -46.13 -4.66
N PHE D 159 15.76 -45.48 -3.56
CA PHE D 159 16.14 -44.11 -3.29
C PHE D 159 16.95 -43.98 -2.00
N LYS D 160 17.94 -44.87 -1.89
CA LYS D 160 19.01 -44.79 -0.90
C LYS D 160 20.19 -44.06 -1.55
N GLY D 161 21.15 -43.64 -0.72
CA GLY D 161 22.38 -43.03 -1.22
C GLY D 161 22.19 -41.60 -1.72
N ASN D 162 22.73 -41.31 -2.91
CA ASN D 162 22.71 -39.94 -3.43
C ASN D 162 21.52 -39.65 -4.35
N ARG D 163 20.61 -40.61 -4.52
CA ARG D 163 19.51 -40.41 -5.44
C ARG D 163 18.28 -40.11 -4.59
N LYS D 164 17.73 -38.92 -4.74
CA LYS D 164 16.65 -38.45 -3.87
C LYS D 164 15.48 -37.86 -4.66
N PRO D 165 14.22 -38.21 -4.29
CA PRO D 165 13.08 -37.60 -4.98
C PRO D 165 12.98 -36.08 -4.89
N THR D 166 12.38 -35.50 -5.92
CA THR D 166 11.91 -34.11 -5.94
C THR D 166 11.24 -33.72 -4.61
N SER D 167 11.50 -32.49 -4.18
CA SER D 167 11.02 -31.89 -2.92
C SER D 167 10.04 -30.71 -3.11
N GLY D 168 10.13 -30.05 -4.26
CA GLY D 168 9.33 -28.88 -4.55
C GLY D 168 8.81 -28.96 -5.96
N ILE D 169 7.51 -28.71 -6.14
CA ILE D 169 6.97 -28.56 -7.51
C ILE D 169 6.15 -27.29 -7.58
N LEU D 170 6.46 -26.46 -8.56
CA LEU D 170 5.63 -25.31 -8.88
C LEU D 170 4.76 -25.65 -10.08
N LEU D 171 3.45 -25.46 -9.94
CA LEU D 171 2.58 -25.40 -11.11
C LEU D 171 2.28 -23.93 -11.37
N TYR D 172 2.63 -23.45 -12.57
CA TYR D 172 2.35 -22.07 -12.97
C TYR D 172 1.66 -21.98 -14.34
N GLY D 173 0.84 -20.94 -14.48
CA GLY D 173 0.15 -20.66 -15.73
C GLY D 173 -1.04 -19.76 -15.55
N PRO D 174 -1.91 -19.68 -16.57
CA PRO D 174 -3.15 -18.92 -16.38
C PRO D 174 -4.09 -19.62 -15.40
N PRO D 175 -5.01 -18.88 -14.76
CA PRO D 175 -6.02 -19.47 -13.86
C PRO D 175 -6.98 -20.41 -14.60
N GLY D 176 -7.58 -21.37 -13.87
CA GLY D 176 -8.72 -22.15 -14.36
C GLY D 176 -8.42 -23.34 -15.26
N THR D 177 -7.20 -23.87 -15.12
CA THR D 177 -6.67 -24.91 -16.01
C THR D 177 -6.55 -26.27 -15.30
N GLY D 178 -7.34 -26.44 -14.25
CA GLY D 178 -7.33 -27.66 -13.45
C GLY D 178 -6.01 -28.02 -12.80
N LYS D 179 -5.23 -27.04 -12.37
CA LYS D 179 -4.07 -27.34 -11.50
C LYS D 179 -4.58 -27.96 -10.20
N SER D 180 -5.57 -27.30 -9.59
CA SER D 180 -6.21 -27.88 -8.41
C SER D 180 -6.84 -29.22 -8.73
N TYR D 181 -7.48 -29.34 -9.90
CA TYR D 181 -8.03 -30.58 -10.38
C TYR D 181 -6.95 -31.66 -10.44
N LEU D 182 -5.78 -31.27 -10.98
CA LEU D 182 -4.65 -32.17 -11.06
C LEU D 182 -4.24 -32.68 -9.67
N ALA D 183 -4.19 -31.74 -8.73
CA ALA D 183 -3.86 -32.00 -7.35
C ALA D 183 -4.81 -33.02 -6.76
N LYS D 184 -6.10 -32.84 -7.02
CA LYS D 184 -7.12 -33.78 -6.57
C LYS D 184 -6.84 -35.16 -7.11
N ALA D 185 -6.43 -35.24 -8.37
CA ALA D 185 -6.12 -36.54 -8.95
C ALA D 185 -4.94 -37.23 -8.26
N VAL D 186 -3.91 -36.40 -8.05
CA VAL D 186 -2.68 -36.81 -7.42
C VAL D 186 -3.01 -37.43 -6.05
N ALA D 187 -3.66 -36.66 -5.18
CA ALA D 187 -3.90 -37.11 -3.85
C ALA D 187 -4.97 -38.18 -3.82
N THR D 188 -5.84 -38.29 -4.82
CA THR D 188 -6.78 -39.42 -4.90
C THR D 188 -5.94 -40.71 -5.09
N GLU D 189 -4.95 -40.61 -5.96
CA GLU D 189 -4.27 -41.82 -6.42
C GLU D 189 -3.19 -42.23 -5.46
N ALA D 190 -2.31 -41.26 -5.18
CA ALA D 190 -1.20 -41.48 -4.26
C ALA D 190 -1.72 -41.87 -2.88
N ASN D 191 -2.83 -41.24 -2.47
CA ASN D 191 -3.58 -41.62 -1.29
C ASN D 191 -2.73 -41.64 -0.02
N SER D 192 -1.99 -40.56 0.19
CA SER D 192 -1.14 -40.39 1.36
C SER D 192 -1.53 -39.11 2.10
N THR D 193 -0.93 -38.88 3.26
CA THR D 193 -1.33 -37.70 4.05
C THR D 193 -1.19 -36.37 3.28
N PHE D 194 -2.34 -35.86 2.85
CA PHE D 194 -2.40 -34.71 1.99
C PHE D 194 -2.82 -33.50 2.79
N PHE D 195 -1.97 -32.50 2.80
CA PHE D 195 -2.29 -31.19 3.36
C PHE D 195 -2.49 -30.22 2.21
N SER D 196 -3.55 -29.42 2.28
CA SER D 196 -3.73 -28.24 1.41
C SER D 196 -4.05 -26.99 2.25
N VAL D 197 -3.49 -25.86 1.84
CA VAL D 197 -3.43 -24.69 2.69
C VAL D 197 -3.56 -23.39 1.88
N SER D 198 -4.24 -22.46 2.57
CA SER D 198 -4.59 -21.14 2.15
C SER D 198 -3.72 -20.22 3.02
N SER D 199 -3.40 -19.02 2.53
CA SER D 199 -2.72 -18.00 3.33
C SER D 199 -3.52 -17.58 4.57
N SER D 200 -4.85 -17.58 4.44
CA SER D 200 -5.72 -17.37 5.59
C SER D 200 -5.37 -18.29 6.74
N ASP D 201 -5.29 -19.59 6.47
CA ASP D 201 -4.72 -20.53 7.46
C ASP D 201 -3.28 -20.09 7.76
N LEU D 202 -2.91 -20.10 9.03
CA LEU D 202 -1.63 -19.50 9.49
C LEU D 202 -1.63 -17.97 9.31
N VAL D 203 -2.55 -17.35 10.06
CA VAL D 203 -2.79 -15.88 10.05
C VAL D 203 -2.17 -15.16 11.28
N SER D 204 -1.75 -13.91 11.09
CA SER D 204 -1.09 -13.16 12.15
C SER D 204 -2.00 -12.14 12.87
N LYS D 205 -2.03 -12.24 14.21
CA LYS D 205 -2.66 -11.26 15.11
C LYS D 205 -1.68 -10.76 16.19
N TRP D 206 -1.15 -11.69 16.99
CA TRP D 206 -0.28 -11.37 18.12
C TRP D 206 1.21 -11.34 17.82
N MET D 207 1.57 -11.00 16.57
CA MET D 207 2.93 -10.68 16.14
C MET D 207 3.92 -11.84 16.31
N GLY D 208 3.95 -12.73 15.30
CA GLY D 208 4.78 -13.92 15.32
C GLY D 208 4.01 -15.22 15.44
N GLU D 209 2.68 -15.16 15.40
CA GLU D 209 1.90 -16.37 15.43
C GLU D 209 2.09 -17.23 14.18
N SER D 210 2.08 -16.58 13.01
CA SER D 210 2.21 -17.28 11.75
C SER D 210 3.43 -18.18 11.65
N GLU D 211 4.60 -17.62 11.93
CA GLU D 211 5.84 -18.37 11.84
C GLU D 211 5.83 -19.58 12.77
N LYS D 212 5.33 -19.37 13.99
CA LYS D 212 5.17 -20.45 14.95
C LYS D 212 4.27 -21.56 14.37
N LEU D 213 3.17 -21.14 13.74
CA LEU D 213 2.26 -22.05 13.09
C LEU D 213 2.92 -22.77 11.92
N VAL D 214 3.84 -22.09 11.23
CA VAL D 214 4.60 -22.74 10.15
C VAL D 214 5.49 -23.85 10.72
N LYS D 215 6.15 -23.53 11.83
CA LYS D 215 7.03 -24.46 12.53
C LYS D 215 6.25 -25.71 12.98
N GLN D 216 5.12 -25.47 13.62
CA GLN D 216 4.22 -26.52 14.04
C GLN D 216 3.76 -27.36 12.86
N LEU D 217 3.41 -26.71 11.77
CA LEU D 217 2.94 -27.37 10.57
C LEU D 217 3.98 -28.33 10.02
N PHE D 218 5.18 -27.82 9.81
CA PHE D 218 6.22 -28.73 9.29
C PHE D 218 6.62 -29.82 10.29
N ALA D 219 6.49 -29.52 11.58
CA ALA D 219 6.69 -30.57 12.58
C ALA D 219 5.69 -31.70 12.35
N MET D 220 4.43 -31.33 12.16
CA MET D 220 3.35 -32.25 11.89
C MET D 220 3.58 -33.03 10.61
N ALA D 221 4.12 -32.38 9.60
CA ALA D 221 4.48 -33.03 8.35
C ALA D 221 5.52 -34.14 8.60
N ARG D 222 6.53 -33.79 9.38
CA ARG D 222 7.56 -34.74 9.77
C ARG D 222 6.91 -35.94 10.52
N GLU D 223 6.01 -35.60 11.42
CA GLU D 223 5.33 -36.60 12.22
C GLU D 223 4.62 -37.60 11.29
N ASN D 224 4.11 -37.14 10.15
CA ASN D 224 3.21 -37.92 9.32
C ASN D 224 3.67 -38.18 7.87
N LYS D 225 4.91 -38.70 7.78
CA LYS D 225 5.50 -39.13 6.52
C LYS D 225 4.87 -40.46 6.05
N PRO D 226 4.62 -40.61 4.74
CA PRO D 226 4.89 -39.59 3.73
C PRO D 226 3.82 -38.52 3.78
N SER D 227 4.23 -37.25 3.69
CA SER D 227 3.26 -36.11 3.74
C SER D 227 3.35 -35.28 2.46
N ILE D 228 2.24 -34.68 2.01
CA ILE D 228 2.23 -33.89 0.77
C ILE D 228 1.53 -32.55 1.04
N ILE D 229 2.24 -31.45 0.83
CA ILE D 229 1.72 -30.13 1.22
C ILE D 229 1.44 -29.31 -0.03
N PHE D 230 0.20 -28.86 -0.16
CA PHE D 230 -0.20 -28.00 -1.30
C PHE D 230 -0.51 -26.61 -0.77
N ILE D 231 0.23 -25.61 -1.24
CA ILE D 231 -0.12 -24.21 -0.99
C ILE D 231 -0.78 -23.60 -2.24
N ASP D 232 -2.04 -23.18 -2.07
CA ASP D 232 -2.72 -22.48 -3.11
C ASP D 232 -2.22 -21.05 -3.24
N GLN D 233 -2.08 -20.58 -4.48
CA GLN D 233 -1.62 -19.25 -4.83
C GLN D 233 -0.45 -18.81 -3.96
N VAL D 234 0.67 -19.47 -4.19
CA VAL D 234 1.87 -19.19 -3.37
C VAL D 234 2.38 -17.74 -3.42
N ASP D 235 2.09 -17.02 -4.49
CA ASP D 235 2.41 -15.59 -4.56
C ASP D 235 1.80 -14.79 -3.40
N ALA D 236 0.65 -15.18 -2.87
CA ALA D 236 0.07 -14.49 -1.71
C ALA D 236 1.02 -14.30 -0.52
N LEU D 237 1.91 -15.28 -0.35
CA LEU D 237 2.90 -15.31 0.75
C LEU D 237 4.33 -15.16 0.21
N THR D 238 4.56 -14.05 -0.48
CA THR D 238 5.76 -13.90 -1.32
C THR D 238 6.06 -12.41 -1.62
N GLY D 239 7.26 -12.14 -2.14
CA GLY D 239 7.65 -10.81 -2.62
C GLY D 239 8.76 -10.12 -1.84
N THR D 240 9.31 -9.04 -2.41
CA THR D 240 10.40 -8.29 -1.80
C THR D 240 10.36 -6.82 -2.21
N ARG D 241 10.13 -5.93 -1.23
CA ARG D 241 10.13 -4.48 -1.44
C ARG D 241 10.21 -3.72 -0.11
N GLY D 242 9.15 -3.83 0.69
CA GLY D 242 9.03 -3.08 1.95
C GLY D 242 7.59 -2.87 2.39
N GLU D 243 7.38 -1.82 3.19
CA GLU D 243 6.07 -1.47 3.76
C GLU D 243 5.46 -2.59 4.63
N GLY D 244 4.47 -3.32 4.11
CA GLY D 244 3.89 -4.46 4.83
C GLY D 244 4.78 -5.69 4.78
N GLU D 245 5.69 -5.73 3.81
CA GLU D 245 6.72 -6.78 3.76
C GLU D 245 7.57 -6.71 5.03
N SER D 246 8.15 -5.53 5.28
CA SER D 246 9.01 -5.30 6.45
C SER D 246 8.38 -5.64 7.81
N GLU D 247 7.05 -5.53 7.92
CA GLU D 247 6.34 -5.84 9.17
C GLU D 247 6.33 -7.35 9.53
N ALA D 248 5.29 -8.08 9.10
CA ALA D 248 5.13 -9.49 9.47
C ALA D 248 5.54 -10.39 8.29
N SER D 249 5.36 -9.91 7.06
CA SER D 249 5.38 -10.76 5.91
C SER D 249 6.79 -11.17 5.54
N ARG D 250 7.76 -10.31 5.79
CA ARG D 250 9.15 -10.65 5.46
C ARG D 250 9.63 -11.79 6.36
N ARG D 251 9.40 -11.62 7.67
CA ARG D 251 9.73 -12.63 8.65
C ARG D 251 8.97 -13.94 8.42
N ILE D 252 7.72 -13.82 7.97
CA ILE D 252 6.98 -15.02 7.52
C ILE D 252 7.67 -15.76 6.38
N LYS D 253 8.06 -15.02 5.35
CA LYS D 253 8.77 -15.56 4.22
C LYS D 253 10.05 -16.27 4.68
N THR D 254 10.73 -15.62 5.60
CA THR D 254 12.01 -16.13 6.13
C THR D 254 11.77 -17.50 6.82
N GLU D 255 10.79 -17.52 7.71
CA GLU D 255 10.38 -18.74 8.37
C GLU D 255 10.09 -19.85 7.40
N LEU D 256 9.33 -19.51 6.36
CA LEU D 256 8.95 -20.45 5.33
C LEU D 256 10.21 -21.06 4.78
N LEU D 257 11.12 -20.19 4.34
CA LEU D 257 12.27 -20.63 3.59
C LEU D 257 13.15 -21.55 4.43
N VAL D 258 13.37 -21.12 5.67
CA VAL D 258 14.23 -21.89 6.58
C VAL D 258 13.58 -23.27 6.85
N GLN D 259 12.27 -23.26 7.03
CA GLN D 259 11.57 -24.48 7.36
C GLN D 259 11.66 -25.45 6.18
N MET D 260 11.50 -24.92 4.97
CA MET D 260 11.43 -25.81 3.81
C MET D 260 12.75 -26.44 3.39
N ASN D 261 13.78 -25.65 3.18
CA ASN D 261 14.99 -26.15 2.53
C ASN D 261 15.96 -26.79 3.54
N GLY D 262 15.75 -26.54 4.83
CA GLY D 262 16.57 -27.13 5.88
C GLY D 262 16.38 -28.62 6.08
N VAL D 263 15.12 -29.04 6.01
CA VAL D 263 14.74 -30.44 5.98
C VAL D 263 14.70 -30.93 4.52
N GLY D 264 14.21 -30.08 3.61
CA GLY D 264 13.92 -30.45 2.23
C GLY D 264 15.03 -31.16 1.47
N ASN D 265 16.21 -30.56 1.50
CA ASN D 265 17.43 -31.19 0.95
C ASN D 265 17.97 -32.14 2.01
N ASP D 266 18.53 -33.24 1.54
CA ASP D 266 18.92 -34.40 2.37
C ASP D 266 17.69 -35.22 2.83
N SER D 267 17.30 -35.16 4.11
CA SER D 267 16.30 -36.11 4.67
C SER D 267 14.90 -35.53 4.65
N GLN D 268 14.04 -36.11 3.81
CA GLN D 268 12.64 -35.67 3.64
C GLN D 268 11.63 -36.83 3.75
N GLY D 269 10.38 -36.48 4.10
CA GLY D 269 9.21 -37.34 3.86
C GLY D 269 8.04 -36.50 3.36
N VAL D 270 8.38 -35.37 2.74
CA VAL D 270 7.46 -34.27 2.39
C VAL D 270 7.72 -33.83 0.95
N LEU D 271 6.65 -33.58 0.23
CA LEU D 271 6.69 -32.90 -1.06
C LEU D 271 5.83 -31.64 -0.95
N VAL D 272 6.40 -30.53 -1.42
CA VAL D 272 5.72 -29.26 -1.46
C VAL D 272 5.28 -29.04 -2.91
N LEU D 273 3.98 -28.82 -3.11
CA LEU D 273 3.39 -28.50 -4.41
C LEU D 273 2.90 -27.05 -4.37
N GLY D 274 3.46 -26.24 -5.27
CA GLY D 274 3.12 -24.83 -5.34
C GLY D 274 2.16 -24.56 -6.48
N ALA D 275 1.21 -23.64 -6.29
CA ALA D 275 0.38 -23.20 -7.41
C ALA D 275 0.42 -21.69 -7.50
N THR D 276 0.62 -21.16 -8.70
CA THR D 276 0.63 -19.71 -8.88
C THR D 276 0.16 -19.29 -10.26
N ASN D 277 -0.61 -18.20 -10.33
CA ASN D 277 -0.93 -17.53 -11.60
C ASN D 277 0.12 -16.47 -11.98
N ILE D 278 0.82 -15.91 -11.00
CA ILE D 278 1.86 -14.91 -11.19
C ILE D 278 3.24 -15.47 -10.79
N PRO D 279 3.87 -16.28 -11.66
CA PRO D 279 5.25 -16.64 -11.38
C PRO D 279 6.24 -15.44 -11.36
N TRP D 280 5.99 -14.43 -12.20
CA TRP D 280 6.96 -13.37 -12.48
C TRP D 280 7.23 -12.47 -11.27
N GLN D 281 6.35 -12.46 -10.27
CA GLN D 281 6.55 -11.68 -9.04
C GLN D 281 6.97 -12.58 -7.88
N LEU D 282 7.58 -13.73 -8.17
CA LEU D 282 8.01 -14.65 -7.13
C LEU D 282 9.43 -14.32 -6.63
N ASP D 283 9.53 -14.06 -5.33
CA ASP D 283 10.79 -13.80 -4.64
C ASP D 283 11.90 -14.72 -5.15
N SER D 284 12.98 -14.09 -5.61
CA SER D 284 14.17 -14.82 -6.05
C SER D 284 14.59 -15.95 -5.10
N ALA D 285 14.71 -15.58 -3.82
CA ALA D 285 15.15 -16.51 -2.78
C ALA D 285 14.26 -17.73 -2.74
N ILE D 286 12.95 -17.50 -2.85
CA ILE D 286 11.99 -18.60 -2.88
C ILE D 286 12.23 -19.36 -4.15
N ARG D 287 12.32 -18.66 -5.28
CA ARG D 287 12.40 -19.25 -6.61
C ARG D 287 13.52 -20.32 -6.60
N ARG D 288 14.66 -19.93 -6.02
CA ARG D 288 15.84 -20.76 -6.06
C ARG D 288 15.80 -21.92 -5.04
N ARG D 289 15.14 -21.70 -3.91
CA ARG D 289 14.95 -22.74 -2.91
C ARG D 289 13.83 -23.71 -3.26
N PHE D 290 13.06 -23.36 -4.29
CA PHE D 290 12.03 -24.23 -4.80
C PHE D 290 12.55 -25.08 -5.95
N GLU D 291 12.01 -26.30 -6.08
CA GLU D 291 12.43 -27.26 -7.10
C GLU D 291 11.34 -27.32 -8.17
N ARG D 292 11.65 -28.00 -9.27
CA ARG D 292 10.73 -28.39 -10.35
C ARG D 292 9.56 -27.46 -10.70
N ARG D 293 9.68 -26.69 -11.78
CA ARG D 293 8.54 -25.90 -12.24
C ARG D 293 7.92 -26.48 -13.51
N ILE D 294 6.59 -26.51 -13.54
CA ILE D 294 5.88 -27.00 -14.71
C ILE D 294 4.81 -25.99 -15.10
N TYR D 295 4.87 -25.57 -16.36
CA TYR D 295 3.89 -24.69 -16.97
C TYR D 295 2.65 -25.47 -17.36
N ILE D 296 1.49 -24.99 -16.95
CA ILE D 296 0.23 -25.60 -17.31
C ILE D 296 -0.45 -24.80 -18.41
N PRO D 297 -0.28 -25.20 -19.68
CA PRO D 297 -0.77 -24.42 -20.83
C PRO D 297 -2.26 -24.60 -21.04
N LEU D 298 -2.85 -23.70 -21.82
CA LEU D 298 -4.19 -23.92 -22.34
C LEU D 298 -4.20 -25.20 -23.16
N PRO D 299 -5.33 -25.93 -23.13
CA PRO D 299 -5.44 -27.23 -23.81
C PRO D 299 -5.33 -27.10 -25.33
N ASP D 300 -4.68 -28.05 -25.99
CA ASP D 300 -4.62 -28.08 -27.45
C ASP D 300 -5.76 -28.93 -27.99
N LEU D 301 -5.90 -28.99 -29.31
CA LEU D 301 -6.96 -29.76 -29.97
C LEU D 301 -7.34 -31.05 -29.23
N ALA D 302 -6.34 -31.92 -29.08
CA ALA D 302 -6.55 -33.27 -28.57
C ALA D 302 -7.12 -33.18 -27.15
N ALA D 303 -6.50 -32.33 -26.34
CA ALA D 303 -6.92 -32.16 -24.95
C ALA D 303 -8.35 -31.67 -24.88
N ARG D 304 -8.65 -30.70 -25.75
CA ARG D 304 -10.02 -30.14 -25.82
C ARG D 304 -11.02 -31.26 -26.13
N THR D 305 -10.67 -32.06 -27.13
CA THR D 305 -11.50 -33.17 -27.54
C THR D 305 -11.78 -34.13 -26.39
N THR D 306 -10.70 -34.44 -25.68
CA THR D 306 -10.80 -35.36 -24.55
C THR D 306 -11.72 -34.80 -23.48
N MET D 307 -11.60 -33.48 -23.24
CA MET D 307 -12.44 -32.81 -22.26
C MET D 307 -13.91 -32.87 -22.66
N PHE D 308 -14.19 -32.69 -23.94
CA PHE D 308 -15.55 -32.87 -24.45
C PHE D 308 -16.03 -34.27 -24.15
N GLU D 309 -15.22 -35.27 -24.51
CA GLU D 309 -15.58 -36.67 -24.32
C GLU D 309 -15.81 -37.02 -22.87
N ILE D 310 -15.15 -36.30 -21.96
CA ILE D 310 -15.34 -36.52 -20.53
C ILE D 310 -16.81 -36.34 -20.14
N ASN D 311 -17.43 -35.30 -20.67
CA ASN D 311 -18.83 -34.99 -20.38
C ASN D 311 -19.74 -35.63 -21.42
N VAL D 312 -20.13 -36.90 -21.21
CA VAL D 312 -21.14 -37.56 -22.08
C VAL D 312 -22.44 -37.81 -21.31
N GLY D 313 -22.32 -38.53 -20.19
CA GLY D 313 -23.47 -38.84 -19.35
C GLY D 313 -24.46 -39.79 -20.00
N ASP D 314 -25.67 -39.82 -19.44
CA ASP D 314 -26.75 -40.69 -19.93
C ASP D 314 -27.41 -40.15 -21.22
N THR D 315 -27.32 -38.84 -21.42
CA THR D 315 -27.78 -38.24 -22.67
C THR D 315 -27.15 -38.98 -23.87
N PRO D 316 -27.96 -39.30 -24.89
CA PRO D 316 -27.41 -39.90 -26.09
C PRO D 316 -26.28 -39.06 -26.71
N CYS D 317 -25.11 -39.69 -26.84
CA CYS D 317 -23.91 -39.10 -27.45
C CYS D 317 -24.04 -38.46 -28.83
N VAL D 318 -25.16 -38.70 -29.53
CA VAL D 318 -25.32 -38.41 -30.97
C VAL D 318 -24.12 -39.02 -31.77
N LEU D 319 -23.76 -38.49 -32.95
CA LEU D 319 -22.98 -39.29 -33.92
C LEU D 319 -21.47 -39.17 -33.78
N THR D 320 -20.80 -40.33 -33.69
CA THR D 320 -19.34 -40.51 -33.85
C THR D 320 -18.35 -39.65 -33.03
N LYS D 321 -17.08 -39.79 -33.39
CA LYS D 321 -16.00 -38.94 -32.89
C LYS D 321 -15.74 -37.69 -33.73
N GLU D 322 -16.24 -37.72 -34.97
CA GLU D 322 -16.09 -36.57 -35.85
C GLU D 322 -16.64 -35.31 -35.23
N ASP D 323 -17.74 -35.44 -34.47
CA ASP D 323 -18.30 -34.29 -33.76
C ASP D 323 -17.35 -33.76 -32.68
N TYR D 324 -16.83 -34.67 -31.89
CA TYR D 324 -15.97 -34.35 -30.75
C TYR D 324 -14.71 -33.65 -31.24
N ARG D 325 -14.12 -34.20 -32.30
CA ARG D 325 -12.90 -33.60 -32.85
C ARG D 325 -13.20 -32.30 -33.56
N THR D 326 -14.36 -32.20 -34.22
CA THR D 326 -14.79 -30.92 -34.79
C THR D 326 -14.84 -29.81 -33.72
N LEU D 327 -15.52 -30.13 -32.63
CA LEU D 327 -15.64 -29.22 -31.50
C LEU D 327 -14.27 -28.79 -30.97
N GLY D 328 -13.42 -29.81 -30.81
CA GLY D 328 -12.07 -29.63 -30.33
C GLY D 328 -11.35 -28.61 -31.17
N ALA D 329 -11.50 -28.76 -32.48
CA ALA D 329 -10.89 -27.83 -33.46
C ALA D 329 -11.48 -26.40 -33.31
N MET D 330 -12.81 -26.31 -33.33
CA MET D 330 -13.48 -25.05 -33.29
C MET D 330 -13.24 -24.24 -32.00
N THR D 331 -12.81 -24.88 -30.91
CA THR D 331 -12.74 -24.21 -29.61
C THR D 331 -11.33 -23.81 -29.12
N GLU D 332 -10.50 -23.41 -30.08
CA GLU D 332 -9.13 -23.02 -29.81
C GLU D 332 -9.12 -21.79 -28.91
N GLY D 333 -8.28 -21.83 -27.88
CA GLY D 333 -8.17 -20.74 -26.92
C GLY D 333 -9.13 -20.79 -25.75
N TYR D 334 -10.05 -21.77 -25.72
CA TYR D 334 -10.86 -21.99 -24.52
C TYR D 334 -10.06 -22.70 -23.42
N SER D 335 -10.47 -22.49 -22.17
CA SER D 335 -9.88 -23.15 -21.02
C SER D 335 -10.70 -24.31 -20.56
N GLY D 336 -10.14 -25.05 -19.62
CA GLY D 336 -10.88 -26.12 -18.98
C GLY D 336 -12.20 -25.61 -18.42
N SER D 337 -12.10 -24.49 -17.71
CA SER D 337 -13.27 -23.89 -17.11
C SER D 337 -14.31 -23.52 -18.13
N ASP D 338 -13.82 -22.89 -19.20
CA ASP D 338 -14.70 -22.49 -20.31
C ASP D 338 -15.41 -23.68 -20.90
N ILE D 339 -14.64 -24.76 -21.10
CA ILE D 339 -15.20 -25.99 -21.67
C ILE D 339 -16.30 -26.53 -20.77
N ALA D 340 -16.03 -26.53 -19.47
CA ALA D 340 -16.97 -26.99 -18.46
C ALA D 340 -18.27 -26.20 -18.54
N VAL D 341 -18.11 -24.89 -18.65
CA VAL D 341 -19.24 -23.96 -18.76
C VAL D 341 -20.10 -24.28 -19.99
N VAL D 342 -19.41 -24.38 -21.13
CA VAL D 342 -20.09 -24.63 -22.39
C VAL D 342 -20.85 -25.96 -22.32
N VAL D 343 -20.25 -26.96 -21.70
CA VAL D 343 -20.92 -28.21 -21.40
C VAL D 343 -22.20 -27.94 -20.64
N LYS D 344 -22.15 -27.18 -19.55
CA LYS D 344 -23.33 -26.92 -18.75
C LYS D 344 -24.44 -26.26 -19.59
N ASP D 345 -24.01 -25.34 -20.45
CA ASP D 345 -24.90 -24.58 -21.29
C ASP D 345 -25.65 -25.56 -22.18
N ALA D 346 -24.90 -26.41 -22.86
CA ALA D 346 -25.49 -27.36 -23.80
C ALA D 346 -26.41 -28.35 -23.05
N LEU D 347 -26.01 -28.74 -21.84
CA LEU D 347 -26.84 -29.61 -21.01
C LEU D 347 -28.19 -29.01 -20.69
N MET D 348 -28.17 -27.71 -20.34
CA MET D 348 -29.37 -27.06 -20.00
C MET D 348 -30.25 -26.64 -21.17
N GLN D 349 -29.72 -26.71 -22.39
CA GLN D 349 -30.47 -26.37 -23.56
C GLN D 349 -31.80 -27.17 -23.74
N PRO D 350 -31.76 -28.52 -23.67
CA PRO D 350 -33.02 -29.26 -23.75
C PRO D 350 -33.91 -28.94 -22.57
N ILE D 351 -33.34 -28.69 -21.41
CA ILE D 351 -34.16 -28.32 -20.27
C ILE D 351 -34.86 -26.99 -20.52
N ARG D 352 -34.13 -26.04 -21.08
CA ARG D 352 -34.70 -24.76 -21.47
C ARG D 352 -35.84 -24.90 -22.47
N LYS D 353 -35.62 -25.78 -23.44
CA LYS D 353 -36.61 -26.08 -24.44
C LYS D 353 -37.90 -26.62 -23.79
N ILE D 354 -37.71 -27.54 -22.85
CA ILE D 354 -38.80 -28.13 -22.09
C ILE D 354 -39.59 -27.08 -21.31
N GLN D 355 -38.84 -26.16 -20.72
CA GLN D 355 -39.40 -24.98 -20.04
C GLN D 355 -40.34 -24.15 -20.92
N SER D 356 -39.95 -23.75 -22.13
CA SER D 356 -40.85 -23.09 -23.08
C SER D 356 -41.85 -23.99 -23.89
N ALA D 357 -41.84 -25.30 -23.64
CA ALA D 357 -42.63 -26.28 -24.39
C ALA D 357 -44.12 -26.20 -24.09
N THR D 358 -44.93 -26.29 -25.14
CA THR D 358 -46.38 -26.35 -25.04
C THR D 358 -46.84 -27.72 -25.55
N HIS D 359 -46.64 -27.99 -26.83
CA HIS D 359 -47.04 -29.25 -27.45
C HIS D 359 -46.10 -30.43 -27.21
N PHE D 360 -46.68 -31.52 -26.70
CA PHE D 360 -45.95 -32.76 -26.49
C PHE D 360 -46.63 -33.91 -27.24
N LYS D 361 -45.89 -35.02 -27.32
CA LYS D 361 -46.29 -36.23 -28.07
C LYS D 361 -45.62 -37.47 -27.44
N ASP D 362 -46.31 -38.61 -27.52
CA ASP D 362 -45.79 -39.89 -26.99
C ASP D 362 -44.69 -40.47 -27.90
N VAL D 363 -43.69 -41.07 -27.24
CA VAL D 363 -42.60 -41.80 -27.92
C VAL D 363 -42.61 -43.28 -27.51
N SER D 364 -42.39 -43.58 -26.23
CA SER D 364 -42.24 -44.98 -25.76
C SER D 364 -43.52 -45.86 -25.87
N THR D 365 -43.40 -46.96 -26.61
CA THR D 365 -44.51 -47.90 -26.84
C THR D 365 -44.85 -48.69 -25.56
N GLU D 366 -45.89 -49.52 -25.62
CA GLU D 366 -46.38 -50.28 -24.46
C GLU D 366 -45.42 -51.35 -23.92
N ASP D 367 -44.34 -51.66 -24.66
CA ASP D 367 -43.25 -52.50 -24.15
C ASP D 367 -42.59 -51.91 -22.90
N ASP D 368 -42.46 -50.58 -22.85
CA ASP D 368 -41.98 -49.88 -21.67
C ASP D 368 -43.04 -49.85 -20.56
N GLU D 369 -42.65 -49.36 -19.38
CA GLU D 369 -43.55 -49.32 -18.21
C GLU D 369 -44.77 -48.42 -18.40
N THR D 370 -44.60 -47.30 -19.11
CA THR D 370 -45.70 -46.36 -19.38
C THR D 370 -45.44 -45.48 -20.59
N ARG D 371 -46.52 -44.89 -21.11
CA ARG D 371 -46.45 -43.87 -22.19
C ARG D 371 -45.57 -42.70 -21.79
N LYS D 372 -44.67 -42.29 -22.69
CA LYS D 372 -43.64 -41.26 -22.41
C LYS D 372 -43.67 -40.08 -23.41
N LEU D 373 -44.02 -38.90 -22.92
CA LEU D 373 -44.25 -37.75 -23.78
C LEU D 373 -43.04 -36.82 -23.91
N THR D 374 -42.78 -36.37 -25.15
CA THR D 374 -41.68 -35.42 -25.44
C THR D 374 -42.20 -34.17 -26.16
N PRO D 375 -41.53 -33.01 -25.96
CA PRO D 375 -41.89 -31.79 -26.67
C PRO D 375 -41.85 -31.86 -28.18
N CYS D 376 -42.89 -31.33 -28.83
CA CYS D 376 -42.94 -31.33 -30.30
C CYS D 376 -43.51 -30.03 -30.87
N SER D 377 -43.43 -29.88 -32.19
CA SER D 377 -43.99 -28.71 -32.88
C SER D 377 -45.54 -28.74 -32.90
N PRO D 378 -46.21 -27.57 -32.99
CA PRO D 378 -47.69 -27.54 -33.02
C PRO D 378 -48.40 -28.41 -34.07
N GLY D 379 -47.79 -28.64 -35.22
CA GLY D 379 -48.40 -29.45 -36.27
C GLY D 379 -48.32 -30.96 -36.11
N ASP D 380 -47.83 -31.47 -34.96
CA ASP D 380 -47.45 -32.89 -34.86
C ASP D 380 -48.62 -33.88 -34.61
N ASP D 381 -48.43 -35.11 -35.08
CA ASP D 381 -49.42 -36.19 -34.92
C ASP D 381 -49.67 -36.52 -33.43
N GLY D 382 -50.72 -35.92 -32.88
CA GLY D 382 -51.05 -36.09 -31.46
C GLY D 382 -50.35 -35.07 -30.58
N ALA D 383 -50.16 -33.88 -31.14
CA ALA D 383 -49.55 -32.77 -30.40
C ALA D 383 -50.52 -32.14 -29.39
N ILE D 384 -50.43 -32.60 -28.14
CA ILE D 384 -51.26 -32.05 -27.03
C ILE D 384 -50.53 -30.91 -26.31
N GLU D 385 -51.23 -29.83 -25.96
CA GLU D 385 -50.59 -28.51 -25.67
C GLU D 385 -50.44 -28.02 -24.22
N MET D 386 -50.55 -28.93 -23.25
CA MET D 386 -50.46 -28.57 -21.81
C MET D 386 -49.03 -28.19 -21.36
N SER D 387 -48.77 -28.00 -20.08
CA SER D 387 -47.43 -27.51 -19.68
C SER D 387 -46.55 -28.61 -19.08
N TRP D 388 -45.23 -28.45 -19.20
CA TRP D 388 -44.26 -29.40 -18.63
C TRP D 388 -44.52 -29.70 -17.16
N THR D 389 -44.98 -28.68 -16.44
CA THR D 389 -45.35 -28.77 -15.04
C THR D 389 -46.48 -29.76 -14.81
N ASP D 390 -47.38 -29.89 -15.78
CA ASP D 390 -48.50 -30.83 -15.72
C ASP D 390 -48.04 -32.30 -15.80
N ILE D 391 -46.84 -32.55 -16.32
CA ILE D 391 -46.44 -33.92 -16.62
C ILE D 391 -45.54 -34.51 -15.53
N GLU D 392 -45.76 -35.77 -15.19
CA GLU D 392 -45.00 -36.45 -14.13
C GLU D 392 -43.57 -36.76 -14.57
N ALA D 393 -42.64 -36.76 -13.62
CA ALA D 393 -41.19 -36.79 -13.91
C ALA D 393 -40.70 -38.00 -14.74
N ASP D 394 -41.13 -39.21 -14.37
CA ASP D 394 -40.74 -40.42 -15.08
C ASP D 394 -41.31 -40.55 -16.49
N GLU D 395 -42.56 -40.12 -16.66
CA GLU D 395 -43.28 -40.19 -17.92
C GLU D 395 -42.98 -39.01 -18.87
N LEU D 396 -41.92 -38.26 -18.59
CA LEU D 396 -41.39 -37.23 -19.50
C LEU D 396 -40.28 -37.84 -20.34
N LYS D 397 -40.26 -37.53 -21.63
CA LYS D 397 -39.11 -37.84 -22.48
C LYS D 397 -38.45 -36.52 -22.87
N GLU D 398 -37.13 -36.45 -22.72
CA GLU D 398 -36.36 -35.21 -22.94
C GLU D 398 -35.75 -35.24 -24.35
N PRO D 399 -35.78 -34.10 -25.06
CA PRO D 399 -35.02 -34.00 -26.30
C PRO D 399 -33.56 -34.35 -26.09
N ASP D 400 -32.98 -34.99 -27.10
CA ASP D 400 -31.58 -35.39 -27.07
C ASP D 400 -30.70 -34.17 -27.26
N LEU D 401 -29.40 -34.38 -27.15
CA LEU D 401 -28.45 -33.32 -27.38
C LEU D 401 -28.01 -33.40 -28.82
N THR D 402 -28.31 -32.34 -29.56
CA THR D 402 -27.89 -32.17 -30.95
C THR D 402 -26.67 -31.24 -31.03
N ILE D 403 -26.07 -31.20 -32.22
CA ILE D 403 -24.94 -30.33 -32.49
C ILE D 403 -25.31 -28.89 -32.23
N LYS D 404 -26.55 -28.53 -32.55
CA LYS D 404 -26.99 -27.14 -32.45
C LYS D 404 -26.91 -26.61 -31.03
N ASP D 405 -27.22 -27.50 -30.06
CA ASP D 405 -27.13 -27.15 -28.65
C ASP D 405 -25.71 -26.77 -28.28
N PHE D 406 -24.73 -27.50 -28.83
CA PHE D 406 -23.33 -27.22 -28.56
C PHE D 406 -22.87 -25.98 -29.29
N LEU D 407 -23.41 -25.75 -30.48
CA LEU D 407 -23.13 -24.59 -31.29
C LEU D 407 -23.54 -23.28 -30.59
N LYS D 408 -24.77 -23.27 -30.09
CA LYS D 408 -25.30 -22.21 -29.30
C LYS D 408 -24.50 -22.01 -28.02
N ALA D 409 -24.06 -23.11 -27.42
CA ALA D 409 -23.24 -23.01 -26.21
C ALA D 409 -21.91 -22.31 -26.52
N ILE D 410 -21.34 -22.61 -27.68
CA ILE D 410 -20.10 -21.99 -28.08
C ILE D 410 -20.32 -20.47 -28.32
N LYS D 411 -21.35 -20.17 -29.10
CA LYS D 411 -21.70 -18.82 -29.41
C LYS D 411 -21.88 -18.00 -28.12
N SER D 412 -22.51 -18.60 -27.13
CA SER D 412 -22.79 -17.92 -25.89
C SER D 412 -21.53 -17.60 -25.11
N THR D 413 -20.50 -18.45 -25.14
CA THR D 413 -19.28 -18.23 -24.36
C THR D 413 -18.10 -17.83 -25.25
N ARG D 414 -17.74 -16.57 -25.16
CA ARG D 414 -16.67 -16.00 -25.97
C ARG D 414 -15.34 -16.49 -25.40
N PRO D 415 -14.28 -16.53 -26.22
CA PRO D 415 -12.96 -16.77 -25.59
C PRO D 415 -12.68 -15.82 -24.41
N THR D 416 -12.24 -16.39 -23.28
CA THR D 416 -12.16 -15.66 -22.01
C THR D 416 -10.83 -14.93 -21.86
N VAL D 417 -9.80 -15.47 -22.49
CA VAL D 417 -8.43 -15.01 -22.25
C VAL D 417 -7.93 -14.16 -23.40
N ASN D 418 -7.55 -12.92 -23.11
CA ASN D 418 -6.81 -12.08 -24.09
C ASN D 418 -5.38 -12.60 -24.27
N GLU D 419 -4.90 -12.66 -25.51
CA GLU D 419 -3.66 -13.38 -25.84
C GLU D 419 -2.38 -12.63 -25.46
N ASP D 420 -2.47 -11.31 -25.32
CA ASP D 420 -1.32 -10.50 -24.89
C ASP D 420 -1.08 -10.58 -23.38
N ASP D 421 -2.03 -11.18 -22.66
CA ASP D 421 -1.86 -11.49 -21.24
C ASP D 421 -0.85 -12.62 -20.98
N LEU D 422 -0.81 -13.60 -21.88
CA LEU D 422 0.06 -14.77 -21.78
C LEU D 422 1.50 -14.47 -22.12
N LEU D 423 1.83 -13.26 -22.60
CA LEU D 423 3.17 -12.94 -22.96
C LEU D 423 4.13 -13.05 -21.77
N LYS D 424 3.66 -12.74 -20.57
CA LYS D 424 4.48 -12.89 -19.39
C LYS D 424 4.62 -14.37 -18.97
N GLN D 425 3.58 -15.15 -19.20
CA GLN D 425 3.75 -16.60 -18.98
C GLN D 425 4.77 -17.17 -19.94
N GLU D 426 4.80 -16.66 -21.17
CA GLU D 426 5.68 -17.14 -22.22
C GLU D 426 7.08 -16.63 -22.03
N GLN D 427 7.22 -15.46 -21.40
CA GLN D 427 8.53 -14.89 -21.09
C GLN D 427 9.17 -15.69 -19.95
N PHE D 428 8.40 -15.88 -18.89
CA PHE D 428 8.72 -16.82 -17.81
C PHE D 428 9.07 -18.20 -18.40
N THR D 429 8.29 -18.64 -19.39
CA THR D 429 8.59 -19.89 -20.04
C THR D 429 9.98 -19.86 -20.71
N ARG D 430 10.30 -18.75 -21.36
CA ARG D 430 11.58 -18.58 -21.98
C ARG D 430 12.71 -18.50 -20.98
N ASP D 431 12.47 -18.05 -19.75
CA ASP D 431 13.48 -18.01 -18.71
C ASP D 431 13.59 -19.32 -17.92
N PHE D 432 12.45 -19.95 -17.57
CA PHE D 432 12.44 -21.15 -16.74
C PHE D 432 11.79 -22.34 -17.46
N GLY D 433 10.51 -22.27 -17.75
CA GLY D 433 9.85 -23.26 -18.62
C GLY D 433 9.53 -24.64 -18.05
N GLN D 434 9.62 -25.68 -18.89
CA GLN D 434 9.46 -27.06 -18.43
C GLN D 434 10.70 -27.43 -17.63
N GLU D 435 10.66 -27.07 -16.35
CA GLU D 435 11.84 -26.71 -15.57
C GLU D 435 12.06 -27.62 -14.36
N GLY D 436 13.20 -28.31 -14.34
CA GLY D 436 13.62 -29.09 -13.17
C GLY D 436 14.04 -28.26 -11.97
N ASN D 437 14.54 -27.05 -12.22
CA ASN D 437 15.12 -26.16 -11.19
C ASN D 437 16.35 -26.77 -10.52
N LEU E 119 11.13 -22.34 29.05
CA LEU E 119 12.12 -21.24 29.24
C LEU E 119 13.32 -21.34 28.28
N SER E 120 13.82 -22.57 28.09
CA SER E 120 15.02 -22.80 27.26
C SER E 120 14.77 -22.66 25.76
N SER E 121 13.73 -23.35 25.27
CA SER E 121 13.41 -23.43 23.83
C SER E 121 14.57 -24.05 23.03
N ALA E 122 14.56 -25.39 22.95
CA ALA E 122 15.75 -26.19 22.57
C ALA E 122 16.20 -26.11 21.10
N ILE E 123 17.45 -25.68 20.93
CA ILE E 123 18.11 -25.70 19.64
C ILE E 123 19.18 -26.80 19.71
N LEU E 124 19.18 -27.63 18.68
CA LEU E 124 20.13 -28.74 18.58
C LEU E 124 21.45 -28.28 17.97
N SER E 125 22.53 -28.89 18.48
CA SER E 125 23.90 -28.63 18.07
C SER E 125 24.63 -29.84 17.49
N GLU E 126 24.10 -31.05 17.68
CA GLU E 126 24.67 -32.25 17.06
C GLU E 126 24.34 -32.29 15.57
N LYS E 127 25.36 -32.49 14.75
CA LYS E 127 25.29 -32.26 13.30
C LYS E 127 25.70 -33.45 12.41
N PRO E 128 25.35 -33.37 11.11
CA PRO E 128 25.89 -34.32 10.15
C PRO E 128 27.37 -34.09 9.82
N ASN E 129 27.87 -34.91 8.90
CA ASN E 129 29.26 -34.93 8.46
C ASN E 129 29.51 -34.31 7.06
N VAL E 130 29.47 -32.99 7.03
CA VAL E 130 29.80 -32.24 5.84
C VAL E 130 31.21 -31.71 6.03
N LYS E 131 32.13 -32.19 5.20
CA LYS E 131 33.54 -31.87 5.33
C LYS E 131 33.90 -30.59 4.57
N TRP E 132 35.07 -30.03 4.90
CA TRP E 132 35.64 -28.91 4.13
C TRP E 132 35.70 -29.21 2.65
N GLU E 133 36.18 -30.40 2.29
CA GLU E 133 36.29 -30.84 0.90
C GLU E 133 34.95 -30.94 0.16
N ASP E 134 33.82 -30.91 0.87
CA ASP E 134 32.53 -30.96 0.18
C ASP E 134 32.10 -29.57 -0.32
N VAL E 135 32.81 -28.54 0.15
CA VAL E 135 32.58 -27.17 -0.25
C VAL E 135 33.60 -26.78 -1.31
N ALA E 136 33.12 -26.46 -2.50
CA ALA E 136 34.00 -26.09 -3.61
C ALA E 136 34.25 -24.58 -3.66
N GLY E 137 35.51 -24.18 -3.50
CA GLY E 137 35.96 -22.79 -3.72
C GLY E 137 36.06 -21.90 -2.50
N LEU E 138 36.71 -20.76 -2.69
CA LEU E 138 36.97 -19.79 -1.63
C LEU E 138 37.63 -20.40 -0.42
N GLU E 139 38.76 -20.98 -0.71
CA GLU E 139 39.63 -21.41 0.32
C GLU E 139 40.02 -20.27 1.26
N GLY E 140 39.97 -19.02 0.81
CA GLY E 140 40.27 -17.90 1.68
C GLY E 140 39.20 -17.69 2.73
N ALA E 141 37.95 -17.89 2.32
CA ALA E 141 36.85 -17.86 3.31
C ALA E 141 36.96 -19.06 4.26
N LYS E 142 37.27 -20.24 3.74
CA LYS E 142 37.54 -21.38 4.57
C LYS E 142 38.65 -21.08 5.61
N GLU E 143 39.71 -20.47 5.14
CA GLU E 143 40.80 -20.07 5.99
C GLU E 143 40.32 -19.14 7.13
N ALA E 144 39.49 -18.17 6.75
CA ALA E 144 38.91 -17.25 7.68
C ALA E 144 38.05 -17.97 8.74
N LEU E 145 37.35 -19.01 8.30
CA LEU E 145 36.53 -19.78 9.22
C LEU E 145 37.39 -20.57 10.21
N LYS E 146 38.39 -21.25 9.68
CA LYS E 146 39.34 -22.00 10.45
C LYS E 146 40.09 -21.11 11.44
N GLU E 147 40.52 -19.96 10.97
CA GLU E 147 41.28 -19.02 11.77
C GLU E 147 40.42 -18.30 12.82
N ALA E 148 39.16 -18.05 12.50
CA ALA E 148 38.19 -17.51 13.46
C ALA E 148 37.72 -18.56 14.48
N VAL E 149 37.69 -19.84 14.10
CA VAL E 149 37.19 -20.89 15.02
C VAL E 149 38.23 -21.92 15.52
N ILE E 150 38.76 -22.70 14.59
CA ILE E 150 39.48 -23.91 14.98
C ILE E 150 40.84 -23.54 15.57
N LEU E 151 41.54 -22.66 14.85
CA LEU E 151 42.87 -22.29 15.22
C LEU E 151 42.90 -21.63 16.59
N PRO E 152 41.94 -20.73 16.90
CA PRO E 152 41.88 -20.16 18.21
C PRO E 152 41.74 -21.20 19.31
N VAL E 153 40.86 -22.16 19.07
CA VAL E 153 40.66 -23.21 20.04
C VAL E 153 41.90 -24.08 20.19
N LYS E 154 42.53 -24.37 19.05
CA LYS E 154 43.75 -25.17 18.99
C LYS E 154 44.91 -24.58 19.81
N PHE E 155 45.26 -23.36 19.48
CA PHE E 155 46.37 -22.64 20.08
C PHE E 155 45.87 -21.33 20.69
N PRO E 156 45.29 -21.39 21.90
CA PRO E 156 44.77 -20.14 22.49
C PRO E 156 45.83 -19.04 22.75
N HIS E 157 47.06 -19.46 23.05
CA HIS E 157 48.17 -18.53 23.33
C HIS E 157 48.50 -17.60 22.17
N LEU E 158 47.98 -17.89 20.98
CA LEU E 158 48.13 -17.00 19.83
C LEU E 158 47.45 -15.68 20.07
N PHE E 159 46.37 -15.69 20.87
CA PHE E 159 45.55 -14.51 21.09
C PHE E 159 45.69 -13.87 22.48
N LYS E 160 46.93 -13.80 22.96
CA LYS E 160 47.31 -12.98 24.10
C LYS E 160 47.68 -11.58 23.59
N GLY E 161 47.53 -10.57 24.44
CA GLY E 161 47.86 -9.20 24.05
C GLY E 161 46.80 -8.57 23.14
N ASN E 162 47.24 -7.89 22.08
CA ASN E 162 46.34 -7.03 21.29
C ASN E 162 45.74 -7.68 20.05
N ARG E 163 46.03 -8.96 19.82
CA ARG E 163 45.45 -9.67 18.69
C ARG E 163 44.30 -10.51 19.23
N LYS E 164 43.12 -10.26 18.71
CA LYS E 164 41.90 -10.83 19.27
C LYS E 164 40.99 -11.45 18.19
N PRO E 165 40.36 -12.61 18.50
CA PRO E 165 39.54 -13.34 17.52
C PRO E 165 38.37 -12.53 16.92
N THR E 166 38.06 -12.84 15.66
CA THR E 166 36.86 -12.34 14.98
C THR E 166 35.61 -12.64 15.82
N SER E 167 34.65 -11.73 15.77
CA SER E 167 33.36 -11.84 16.49
C SER E 167 32.12 -11.99 15.58
N GLY E 168 32.20 -11.44 14.37
CA GLY E 168 31.07 -11.41 13.47
C GLY E 168 31.49 -11.76 12.06
N ILE E 169 30.71 -12.62 11.40
CA ILE E 169 30.93 -12.84 9.95
C ILE E 169 29.58 -12.85 9.25
N LEU E 170 29.44 -12.05 8.22
CA LEU E 170 28.27 -12.08 7.36
C LEU E 170 28.57 -12.89 6.11
N LEU E 171 27.71 -13.85 5.81
CA LEU E 171 27.74 -14.59 4.57
C LEU E 171 26.64 -14.04 3.69
N TYR E 172 26.99 -13.50 2.52
CA TYR E 172 25.96 -13.02 1.58
C TYR E 172 26.15 -13.38 0.13
N GLY E 173 25.05 -13.34 -0.62
CA GLY E 173 25.07 -13.45 -2.08
C GLY E 173 23.74 -13.95 -2.61
N PRO E 174 23.74 -14.57 -3.81
CA PRO E 174 22.50 -15.18 -4.30
C PRO E 174 22.12 -16.42 -3.46
N PRO E 175 20.84 -16.80 -3.43
CA PRO E 175 20.43 -18.07 -2.81
C PRO E 175 20.97 -19.32 -3.55
N GLY E 176 21.11 -20.44 -2.85
CA GLY E 176 21.49 -21.72 -3.46
C GLY E 176 22.98 -22.01 -3.50
N THR E 177 23.77 -21.20 -2.79
CA THR E 177 25.23 -21.20 -2.96
C THR E 177 25.97 -21.89 -1.80
N GLY E 178 25.26 -22.71 -1.04
CA GLY E 178 25.81 -23.41 0.09
C GLY E 178 26.25 -22.55 1.25
N LYS E 179 25.65 -21.37 1.46
CA LYS E 179 25.85 -20.67 2.75
C LYS E 179 25.39 -21.57 3.91
N SER E 180 24.18 -22.11 3.76
CA SER E 180 23.71 -23.10 4.74
C SER E 180 24.62 -24.32 4.73
N TYR E 181 25.03 -24.75 3.55
CA TYR E 181 25.93 -25.88 3.39
C TYR E 181 27.25 -25.61 4.13
N LEU E 182 27.77 -24.40 3.96
CA LEU E 182 28.98 -23.98 4.63
C LEU E 182 28.85 -24.01 6.15
N ALA E 183 27.70 -23.54 6.61
CA ALA E 183 27.34 -23.55 8.03
C ALA E 183 27.39 -24.98 8.56
N LYS E 184 26.83 -25.93 7.81
CA LYS E 184 26.89 -27.33 8.20
C LYS E 184 28.35 -27.85 8.22
N ALA E 185 29.13 -27.36 7.28
CA ALA E 185 30.51 -27.80 7.15
C ALA E 185 31.40 -27.35 8.33
N VAL E 186 31.33 -26.07 8.64
CA VAL E 186 31.93 -25.50 9.79
C VAL E 186 31.47 -26.25 11.07
N ALA E 187 30.16 -26.47 11.16
CA ALA E 187 29.60 -27.17 12.28
C ALA E 187 30.19 -28.56 12.45
N THR E 188 30.39 -29.26 11.35
CA THR E 188 31.07 -30.54 11.36
C THR E 188 32.54 -30.42 11.86
N GLU E 189 33.25 -29.46 11.27
CA GLU E 189 34.67 -29.31 11.48
C GLU E 189 35.07 -28.66 12.79
N ALA E 190 34.23 -27.81 13.36
CA ALA E 190 34.65 -27.02 14.53
C ALA E 190 34.59 -27.84 15.83
N ASN E 191 33.56 -28.68 15.92
CA ASN E 191 33.33 -29.57 17.04
C ASN E 191 33.23 -28.81 18.36
N SER E 192 32.47 -27.72 18.33
CA SER E 192 32.13 -26.92 19.50
C SER E 192 30.65 -26.60 19.43
N THR E 193 30.08 -26.07 20.50
CA THR E 193 28.65 -25.75 20.50
C THR E 193 28.25 -24.81 19.34
N PHE E 194 27.63 -25.41 18.32
CA PHE E 194 27.15 -24.71 17.15
C PHE E 194 25.65 -24.55 17.29
N PHE E 195 25.19 -23.32 17.53
CA PHE E 195 23.78 -23.01 17.61
C PHE E 195 23.35 -22.28 16.35
N SER E 196 22.17 -22.62 15.86
CA SER E 196 21.69 -22.03 14.61
C SER E 196 20.18 -21.82 14.66
N VAL E 197 19.76 -20.65 14.17
CA VAL E 197 18.42 -20.15 14.41
C VAL E 197 17.93 -19.32 13.21
N SER E 198 16.64 -19.41 12.96
CA SER E 198 15.95 -18.53 12.04
C SER E 198 15.74 -17.18 12.74
N SER E 199 15.84 -16.08 11.98
CA SER E 199 15.50 -14.76 12.50
C SER E 199 14.05 -14.62 12.98
N SER E 200 13.14 -15.30 12.31
CA SER E 200 11.75 -15.35 12.74
C SER E 200 11.66 -15.99 14.12
N ASP E 201 12.31 -17.14 14.30
CA ASP E 201 12.25 -17.90 15.54
C ASP E 201 12.54 -17.17 16.86
N LEU E 202 11.70 -17.46 17.86
CA LEU E 202 11.71 -16.81 19.17
C LEU E 202 11.49 -15.31 19.08
N VAL E 203 10.28 -14.93 18.66
CA VAL E 203 9.89 -13.50 18.54
C VAL E 203 9.13 -12.96 19.78
N SER E 204 7.92 -13.47 20.05
CA SER E 204 7.07 -12.96 21.12
C SER E 204 5.80 -13.79 21.25
N LYS E 205 5.01 -13.52 22.29
CA LYS E 205 3.62 -14.03 22.40
C LYS E 205 2.61 -12.93 22.71
N TRP E 206 2.74 -12.27 23.87
CA TRP E 206 1.72 -11.31 24.34
C TRP E 206 2.00 -9.85 24.00
N MET E 207 2.78 -9.62 22.94
CA MET E 207 3.12 -8.28 22.45
C MET E 207 3.93 -7.45 23.46
N GLY E 208 5.24 -7.70 23.50
CA GLY E 208 6.17 -6.99 24.36
C GLY E 208 6.89 -7.80 25.42
N GLU E 209 6.85 -9.13 25.33
CA GLU E 209 7.54 -9.98 26.28
C GLU E 209 8.83 -10.54 25.70
N SER E 210 9.35 -9.90 24.66
CA SER E 210 10.28 -10.54 23.73
C SER E 210 11.69 -10.80 24.26
N GLU E 211 12.22 -9.87 25.05
CA GLU E 211 13.68 -9.78 25.29
C GLU E 211 14.24 -10.83 26.24
N LYS E 212 13.38 -11.44 27.04
CA LYS E 212 13.81 -12.39 28.06
C LYS E 212 14.55 -13.51 27.37
N LEU E 213 13.94 -14.10 26.33
CA LEU E 213 14.53 -15.20 25.61
C LEU E 213 15.80 -14.80 24.92
N VAL E 214 15.89 -13.54 24.47
CA VAL E 214 17.07 -13.03 23.79
C VAL E 214 18.23 -13.03 24.80
N LYS E 215 18.01 -12.39 25.95
CA LYS E 215 19.03 -12.25 26.96
C LYS E 215 19.48 -13.64 27.45
N GLN E 216 18.49 -14.48 27.74
CA GLN E 216 18.78 -15.86 28.13
C GLN E 216 19.62 -16.56 27.09
N LEU E 217 19.38 -16.27 25.80
CA LEU E 217 20.13 -16.94 24.74
C LEU E 217 21.56 -16.46 24.78
N PHE E 218 21.72 -15.15 24.88
CA PHE E 218 23.12 -14.65 24.92
C PHE E 218 23.89 -15.22 26.14
N ALA E 219 23.15 -15.38 27.23
CA ALA E 219 23.66 -16.02 28.42
C ALA E 219 24.14 -17.45 28.10
N MET E 220 23.27 -18.17 27.37
CA MET E 220 23.55 -19.53 26.96
C MET E 220 24.78 -19.60 26.08
N ALA E 221 24.98 -18.65 25.20
CA ALA E 221 26.21 -18.55 24.43
C ALA E 221 27.41 -18.40 25.37
N ARG E 222 27.22 -17.58 26.41
CA ARG E 222 28.31 -17.35 27.37
C ARG E 222 28.66 -18.65 28.11
N GLU E 223 27.66 -19.46 28.37
CA GLU E 223 27.79 -20.60 29.24
C GLU E 223 28.77 -21.60 28.68
N ASN E 224 28.66 -21.87 27.37
CA ASN E 224 29.48 -22.88 26.69
C ASN E 224 30.43 -22.33 25.59
N LYS E 225 31.42 -21.60 26.10
CA LYS E 225 32.52 -21.11 25.27
C LYS E 225 33.48 -22.27 24.92
N PRO E 226 33.95 -22.34 23.68
CA PRO E 226 33.66 -21.35 22.61
C PRO E 226 32.43 -21.69 21.78
N SER E 227 31.39 -20.85 21.81
CA SER E 227 30.15 -21.19 21.11
C SER E 227 30.13 -20.55 19.73
N ILE E 228 29.22 -20.98 18.86
CA ILE E 228 28.99 -20.33 17.56
C ILE E 228 27.49 -20.10 17.36
N ILE E 229 27.08 -18.87 17.10
CA ILE E 229 25.66 -18.60 16.81
C ILE E 229 25.52 -18.34 15.32
N PHE E 230 24.64 -19.08 14.65
CA PHE E 230 24.27 -18.79 13.25
C PHE E 230 22.85 -18.23 13.18
N ILE E 231 22.73 -16.97 12.72
CA ILE E 231 21.43 -16.38 12.48
C ILE E 231 21.16 -16.29 10.97
N ASP E 232 20.16 -17.05 10.52
CA ASP E 232 19.75 -17.00 9.16
C ASP E 232 18.88 -15.80 8.86
N GLN E 233 19.14 -15.25 7.68
CA GLN E 233 18.39 -14.14 7.09
C GLN E 233 18.30 -13.00 8.07
N VAL E 234 19.47 -12.49 8.40
CA VAL E 234 19.55 -11.39 9.39
C VAL E 234 18.79 -10.12 8.98
N ASP E 235 18.62 -9.90 7.68
CA ASP E 235 17.83 -8.78 7.19
C ASP E 235 16.35 -8.83 7.60
N ALA E 236 15.82 -10.00 7.96
CA ALA E 236 14.44 -10.09 8.46
C ALA E 236 14.21 -9.34 9.79
N LEU E 237 15.30 -9.15 10.56
CA LEU E 237 15.31 -8.33 11.77
C LEU E 237 16.13 -7.07 11.50
N THR E 238 15.61 -6.19 10.66
CA THR E 238 16.40 -5.05 10.18
C THR E 238 15.52 -3.93 9.59
N GLY E 239 16.13 -2.77 9.35
CA GLY E 239 15.47 -1.63 8.68
C GLY E 239 14.67 -0.69 9.58
N THR E 240 13.80 0.10 8.94
CA THR E 240 13.05 1.15 9.65
C THR E 240 11.86 1.71 8.84
N ARG E 241 10.71 1.81 9.52
CA ARG E 241 9.49 2.40 8.96
C ARG E 241 8.48 2.61 10.09
N GLY E 242 7.96 1.52 10.65
CA GLY E 242 6.98 1.59 11.73
C GLY E 242 6.37 0.28 12.19
N GLU E 243 5.42 0.40 13.12
CA GLU E 243 4.71 -0.73 13.74
C GLU E 243 5.63 -1.67 14.53
N GLY E 244 6.38 -2.51 13.82
CA GLY E 244 7.40 -3.37 14.43
C GLY E 244 8.68 -2.58 14.64
N GLU E 245 9.08 -1.83 13.61
CA GLU E 245 10.23 -0.93 13.69
C GLU E 245 9.91 0.39 14.41
N SER E 246 8.68 0.55 14.90
CA SER E 246 8.35 1.54 15.93
C SER E 246 8.51 0.92 17.30
N GLU E 247 7.88 -0.23 17.52
CA GLU E 247 7.87 -0.91 18.83
C GLU E 247 8.63 -2.23 18.95
N ALA E 248 8.04 -3.32 18.46
CA ALA E 248 8.55 -4.69 18.76
C ALA E 248 9.88 -5.01 18.06
N SER E 249 9.83 -5.02 16.74
CA SER E 249 11.07 -5.21 15.96
C SER E 249 12.13 -4.13 16.25
N ARG E 250 11.67 -2.93 16.61
CA ARG E 250 12.55 -1.90 17.12
C ARG E 250 13.30 -2.41 18.36
N ARG E 251 12.54 -2.63 19.44
CA ARG E 251 13.12 -3.00 20.72
C ARG E 251 14.00 -4.24 20.57
N ILE E 252 13.55 -5.18 19.77
CA ILE E 252 14.27 -6.44 19.57
C ILE E 252 15.57 -6.18 18.84
N LYS E 253 15.51 -5.36 17.78
CA LYS E 253 16.72 -4.99 17.06
C LYS E 253 17.72 -4.33 18.01
N THR E 254 17.20 -3.42 18.85
CA THR E 254 18.02 -2.69 19.78
C THR E 254 18.75 -3.67 20.74
N GLU E 255 17.98 -4.53 21.37
CA GLU E 255 18.51 -5.53 22.29
C GLU E 255 19.59 -6.37 21.62
N LEU E 256 19.31 -6.75 20.35
CA LEU E 256 20.26 -7.51 19.55
C LEU E 256 21.57 -6.74 19.50
N LEU E 257 21.46 -5.44 19.15
CA LEU E 257 22.61 -4.61 18.96
C LEU E 257 23.43 -4.54 20.25
N VAL E 258 22.74 -4.33 21.37
CA VAL E 258 23.42 -4.21 22.64
C VAL E 258 24.15 -5.50 23.00
N GLN E 259 23.50 -6.63 22.74
CA GLN E 259 24.13 -7.92 23.00
C GLN E 259 25.38 -8.14 22.14
N MET E 260 25.27 -7.83 20.85
CA MET E 260 26.27 -8.31 19.90
C MET E 260 27.64 -7.72 20.12
N ASN E 261 27.71 -6.41 20.34
CA ASN E 261 28.98 -5.80 20.73
C ASN E 261 29.15 -5.87 22.25
N GLY E 262 28.06 -6.13 22.99
CA GLY E 262 28.10 -6.13 24.46
C GLY E 262 29.24 -6.93 25.07
N VAL E 263 29.30 -8.20 24.67
CA VAL E 263 30.36 -9.13 25.06
C VAL E 263 31.47 -9.14 24.01
N GLY E 264 31.10 -8.90 22.74
CA GLY E 264 32.03 -9.00 21.61
C GLY E 264 33.41 -8.38 21.77
N ASN E 265 33.43 -7.09 22.09
CA ASN E 265 34.68 -6.38 22.40
C ASN E 265 35.00 -6.62 23.87
N ASP E 266 36.30 -6.62 24.16
CA ASP E 266 36.88 -7.17 25.41
C ASP E 266 36.84 -8.71 25.35
N SER E 267 36.30 -9.39 26.37
CA SER E 267 36.41 -10.86 26.47
C SER E 267 35.22 -11.58 25.83
N GLN E 268 35.52 -12.51 24.92
CA GLN E 268 34.52 -13.20 24.12
C GLN E 268 34.77 -14.71 24.04
N GLY E 269 33.69 -15.49 23.94
CA GLY E 269 33.73 -16.87 23.51
C GLY E 269 32.68 -17.26 22.48
N VAL E 270 31.96 -16.27 21.93
CA VAL E 270 30.99 -16.50 20.87
C VAL E 270 31.47 -15.95 19.52
N LEU E 271 31.15 -16.68 18.46
CA LEU E 271 31.22 -16.15 17.12
C LEU E 271 29.80 -16.05 16.58
N VAL E 272 29.50 -14.88 15.99
CA VAL E 272 28.19 -14.68 15.35
C VAL E 272 28.40 -14.81 13.84
N LEU E 273 27.66 -15.73 13.22
CA LEU E 273 27.58 -15.83 11.76
C LEU E 273 26.19 -15.39 11.32
N GLY E 274 26.14 -14.38 10.47
CA GLY E 274 24.88 -13.97 9.84
C GLY E 274 24.73 -14.56 8.45
N ALA E 275 23.49 -14.62 7.97
CA ALA E 275 23.25 -14.93 6.55
C ALA E 275 22.33 -13.88 5.92
N THR E 276 22.61 -13.47 4.68
CA THR E 276 21.66 -12.63 3.96
C THR E 276 21.75 -12.75 2.45
N ASN E 277 20.61 -12.80 1.75
CA ASN E 277 20.57 -12.61 0.29
C ASN E 277 20.43 -11.15 -0.15
N ILE E 278 19.91 -10.29 0.73
CA ILE E 278 19.70 -8.87 0.46
C ILE E 278 20.61 -8.02 1.38
N PRO E 279 21.92 -7.96 1.08
CA PRO E 279 22.79 -7.17 1.95
C PRO E 279 22.48 -5.65 1.97
N TRP E 280 22.00 -5.12 0.85
CA TRP E 280 21.76 -3.67 0.70
C TRP E 280 20.65 -3.16 1.60
N GLN E 281 19.82 -4.06 2.17
CA GLN E 281 18.77 -3.65 3.10
C GLN E 281 19.23 -3.75 4.57
N LEU E 282 20.49 -4.10 4.81
CA LEU E 282 21.01 -4.27 6.16
C LEU E 282 21.19 -2.91 6.86
N ASP E 283 20.52 -2.76 8.01
CA ASP E 283 20.57 -1.54 8.82
C ASP E 283 22.03 -1.08 9.00
N SER E 284 22.27 0.17 8.64
CA SER E 284 23.57 0.80 8.82
C SER E 284 24.20 0.56 10.20
N ALA E 285 23.41 0.74 11.25
CA ALA E 285 23.89 0.54 12.61
C ALA E 285 24.38 -0.88 12.81
N ILE E 286 23.53 -1.82 12.40
CA ILE E 286 23.90 -3.23 12.45
C ILE E 286 25.15 -3.48 11.64
N ARG E 287 25.22 -2.86 10.45
CA ARG E 287 26.38 -2.98 9.58
C ARG E 287 27.66 -2.63 10.35
N ARG E 288 27.65 -1.46 10.99
CA ARG E 288 28.82 -0.99 11.71
C ARG E 288 29.11 -1.80 12.98
N ARG E 289 28.09 -2.36 13.60
CA ARG E 289 28.30 -3.30 14.68
C ARG E 289 28.90 -4.64 14.28
N PHE E 290 28.81 -5.02 13.01
CA PHE E 290 29.15 -6.37 12.58
C PHE E 290 30.52 -6.44 11.91
N GLU E 291 31.27 -7.50 12.19
CA GLU E 291 32.57 -7.73 11.55
C GLU E 291 32.43 -8.55 10.27
N ARG E 292 33.56 -8.62 9.55
CA ARG E 292 33.80 -9.46 8.35
C ARG E 292 32.63 -9.86 7.41
N ARG E 293 32.53 -9.16 6.30
CA ARG E 293 31.67 -9.54 5.18
C ARG E 293 32.39 -10.57 4.32
N ILE E 294 31.73 -11.67 3.96
CA ILE E 294 32.23 -12.53 2.89
C ILE E 294 31.18 -12.71 1.79
N TYR E 295 31.58 -12.26 0.60
CA TYR E 295 30.80 -12.38 -0.62
C TYR E 295 30.91 -13.80 -1.15
N ILE E 296 29.77 -14.39 -1.46
CA ILE E 296 29.73 -15.71 -2.06
C ILE E 296 29.36 -15.54 -3.54
N PRO E 297 30.37 -15.56 -4.42
CA PRO E 297 30.13 -15.45 -5.87
C PRO E 297 29.60 -16.76 -6.38
N LEU E 298 28.99 -16.74 -7.56
CA LEU E 298 28.54 -17.97 -8.18
C LEU E 298 29.79 -18.79 -8.48
N PRO E 299 29.67 -20.13 -8.45
CA PRO E 299 30.81 -21.03 -8.62
C PRO E 299 31.42 -20.90 -10.01
N ASP E 300 32.74 -21.03 -10.09
CA ASP E 300 33.46 -20.96 -11.36
C ASP E 300 33.65 -22.38 -11.90
N LEU E 301 34.28 -22.47 -13.07
CA LEU E 301 34.47 -23.70 -13.83
C LEU E 301 34.87 -24.82 -12.89
N ALA E 302 35.97 -24.55 -12.17
CA ALA E 302 36.57 -25.53 -11.26
C ALA E 302 35.55 -26.02 -10.23
N ALA E 303 34.88 -25.07 -9.57
CA ALA E 303 33.96 -25.39 -8.47
C ALA E 303 32.83 -26.26 -9.00
N ARG E 304 32.29 -25.86 -10.15
CA ARG E 304 31.18 -26.63 -10.75
C ARG E 304 31.67 -28.05 -11.10
N THR E 305 32.87 -28.16 -11.67
CA THR E 305 33.42 -29.45 -11.97
C THR E 305 33.54 -30.35 -10.75
N THR E 306 34.01 -29.73 -9.68
CA THR E 306 34.17 -30.46 -8.43
C THR E 306 32.82 -30.94 -7.91
N MET E 307 31.81 -30.09 -8.03
CA MET E 307 30.46 -30.45 -7.62
C MET E 307 29.94 -31.65 -8.41
N PHE E 308 30.20 -31.66 -9.72
CA PHE E 308 29.89 -32.80 -10.55
C PHE E 308 30.59 -34.07 -10.04
N GLU E 309 31.88 -33.93 -9.72
CA GLU E 309 32.62 -35.09 -9.22
C GLU E 309 32.05 -35.59 -7.91
N ILE E 310 31.64 -34.66 -7.04
CA ILE E 310 30.99 -35.02 -5.78
C ILE E 310 29.71 -35.81 -6.02
N ASN E 311 28.94 -35.30 -6.98
CA ASN E 311 27.70 -35.90 -7.42
C ASN E 311 27.91 -36.98 -8.52
N VAL E 312 29.02 -37.72 -8.50
CA VAL E 312 29.19 -38.90 -9.36
C VAL E 312 28.37 -40.10 -8.86
N GLY E 313 28.38 -40.32 -7.55
CA GLY E 313 27.79 -41.51 -6.96
C GLY E 313 28.42 -42.82 -7.41
N ASP E 314 27.69 -43.91 -7.23
CA ASP E 314 28.16 -45.25 -7.61
C ASP E 314 28.05 -45.53 -9.12
N THR E 315 27.17 -44.81 -9.80
CA THR E 315 26.95 -45.04 -11.22
C THR E 315 28.28 -44.97 -12.00
N PRO E 316 28.53 -45.93 -12.90
CA PRO E 316 29.70 -45.84 -13.76
C PRO E 316 29.77 -44.51 -14.54
N CYS E 317 30.88 -43.80 -14.32
CA CYS E 317 31.14 -42.47 -14.91
C CYS E 317 31.70 -42.51 -16.34
N VAL E 318 30.88 -43.03 -17.27
CA VAL E 318 31.24 -43.17 -18.67
C VAL E 318 32.72 -42.84 -19.03
N LEU E 319 33.02 -41.64 -19.54
CA LEU E 319 34.41 -41.30 -19.91
C LEU E 319 35.01 -40.30 -18.94
N THR E 320 36.08 -40.70 -18.26
CA THR E 320 36.98 -39.82 -17.45
C THR E 320 36.33 -38.69 -16.62
N LYS E 321 37.14 -37.69 -16.29
CA LYS E 321 36.68 -36.40 -15.76
C LYS E 321 36.61 -35.28 -16.78
N GLU E 322 37.19 -35.51 -17.95
CA GLU E 322 37.11 -34.56 -19.06
C GLU E 322 35.67 -34.16 -19.35
N ASP E 323 34.75 -35.12 -19.26
CA ASP E 323 33.33 -34.81 -19.39
C ASP E 323 32.90 -33.83 -18.30
N TYR E 324 33.36 -34.03 -17.07
CA TYR E 324 32.96 -33.09 -16.01
C TYR E 324 33.54 -31.71 -16.26
N ARG E 325 34.76 -31.63 -16.78
CA ARG E 325 35.34 -30.36 -17.15
C ARG E 325 34.50 -29.64 -18.21
N THR E 326 34.08 -30.43 -19.20
CA THR E 326 33.21 -29.95 -20.27
C THR E 326 31.91 -29.36 -19.70
N LEU E 327 31.33 -30.10 -18.77
CA LEU E 327 30.07 -29.73 -18.14
C LEU E 327 30.20 -28.43 -17.34
N GLY E 328 31.17 -28.42 -16.45
CA GLY E 328 31.58 -27.27 -15.71
C GLY E 328 31.74 -26.05 -16.58
N ALA E 329 32.35 -26.23 -17.75
CA ALA E 329 32.43 -25.13 -18.71
C ALA E 329 31.02 -24.78 -19.26
N MET E 330 30.29 -25.81 -19.69
CA MET E 330 28.96 -25.63 -20.22
C MET E 330 28.02 -24.96 -19.20
N THR E 331 28.10 -25.35 -17.94
CA THR E 331 27.23 -24.78 -16.92
C THR E 331 27.67 -23.35 -16.56
N GLU E 332 26.83 -22.36 -16.87
CA GLU E 332 27.14 -20.95 -16.63
C GLU E 332 26.10 -20.32 -15.72
N GLY E 333 26.55 -19.76 -14.61
CA GLY E 333 25.72 -18.97 -13.69
C GLY E 333 24.83 -19.73 -12.71
N TYR E 334 24.96 -21.06 -12.66
CA TYR E 334 24.03 -21.88 -11.90
C TYR E 334 24.49 -22.00 -10.46
N SER E 335 23.58 -22.39 -9.60
CA SER E 335 23.89 -22.58 -8.18
C SER E 335 24.19 -24.05 -7.83
N GLY E 336 24.67 -24.22 -6.61
CA GLY E 336 24.84 -25.56 -6.07
C GLY E 336 23.56 -26.35 -6.17
N SER E 337 22.47 -25.70 -5.77
CA SER E 337 21.15 -26.31 -5.79
C SER E 337 20.77 -26.73 -7.20
N ASP E 338 21.01 -25.82 -8.13
CA ASP E 338 20.71 -26.05 -9.54
C ASP E 338 21.47 -27.26 -10.03
N ILE E 339 22.77 -27.31 -9.70
CA ILE E 339 23.63 -28.38 -10.12
C ILE E 339 23.09 -29.72 -9.58
N ALA E 340 22.74 -29.73 -8.30
CA ALA E 340 22.23 -30.92 -7.65
C ALA E 340 20.97 -31.40 -8.35
N VAL E 341 20.10 -30.46 -8.69
CA VAL E 341 18.83 -30.83 -9.33
C VAL E 341 19.09 -31.45 -10.69
N VAL E 342 19.98 -30.83 -11.49
CA VAL E 342 20.28 -31.39 -12.80
C VAL E 342 20.87 -32.80 -12.62
N VAL E 343 21.72 -32.99 -11.62
CA VAL E 343 22.29 -34.30 -11.38
C VAL E 343 21.19 -35.33 -11.09
N LYS E 344 20.25 -34.95 -10.22
CA LYS E 344 19.12 -35.78 -9.88
C LYS E 344 18.31 -36.18 -11.13
N ASP E 345 18.09 -35.18 -11.97
CA ASP E 345 17.33 -35.31 -13.20
C ASP E 345 18.00 -36.35 -14.08
N ALA E 346 19.33 -36.23 -14.24
CA ALA E 346 20.05 -37.22 -15.05
C ALA E 346 19.96 -38.61 -14.41
N LEU E 347 20.00 -38.67 -13.09
CA LEU E 347 19.94 -39.93 -12.39
C LEU E 347 18.57 -40.59 -12.52
N MET E 348 17.52 -39.82 -12.81
CA MET E 348 16.23 -40.49 -13.02
C MET E 348 16.07 -41.10 -14.44
N GLN E 349 16.94 -40.71 -15.34
CA GLN E 349 16.77 -41.08 -16.73
C GLN E 349 16.82 -42.59 -16.93
N PRO E 350 17.72 -43.30 -16.25
CA PRO E 350 17.71 -44.75 -16.41
C PRO E 350 16.43 -45.37 -15.89
N ILE E 351 15.91 -44.84 -14.79
CA ILE E 351 14.63 -45.28 -14.25
C ILE E 351 13.52 -45.10 -15.29
N ARG E 352 13.52 -43.92 -15.89
CA ARG E 352 12.57 -43.56 -16.94
C ARG E 352 12.62 -44.56 -18.11
N LYS E 353 13.84 -44.86 -18.51
CA LYS E 353 14.08 -45.80 -19.58
C LYS E 353 13.53 -47.20 -19.25
N ILE E 354 13.78 -47.63 -18.01
CA ILE E 354 13.29 -48.89 -17.51
C ILE E 354 11.75 -48.92 -17.60
N GLN E 355 11.14 -47.84 -17.14
CA GLN E 355 9.70 -47.71 -17.14
C GLN E 355 9.13 -47.76 -18.56
N SER E 356 9.81 -47.14 -19.50
CA SER E 356 9.42 -47.19 -20.88
C SER E 356 9.52 -48.53 -21.58
N ALA E 357 10.59 -49.31 -21.35
CA ALA E 357 10.82 -50.59 -22.03
C ALA E 357 9.77 -51.65 -21.74
N THR E 358 9.42 -52.37 -22.80
CA THR E 358 8.92 -53.70 -22.70
C THR E 358 10.15 -54.61 -22.75
N HIS E 359 10.94 -54.50 -23.80
CA HIS E 359 12.04 -55.42 -24.07
C HIS E 359 13.27 -55.28 -23.17
N PHE E 360 13.61 -56.38 -22.48
CA PHE E 360 14.85 -56.45 -21.71
C PHE E 360 15.74 -57.59 -22.24
N LYS E 361 17.01 -57.57 -21.83
CA LYS E 361 17.99 -58.58 -22.24
C LYS E 361 18.95 -58.93 -21.07
N ASP E 362 19.39 -60.19 -21.05
CA ASP E 362 20.28 -60.71 -20.01
C ASP E 362 21.71 -60.18 -20.15
N VAL E 363 22.29 -59.73 -19.03
CA VAL E 363 23.67 -59.27 -18.94
C VAL E 363 24.54 -60.40 -18.39
N SER E 364 24.01 -61.11 -17.39
CA SER E 364 24.77 -62.14 -16.61
C SER E 364 25.70 -63.13 -17.33
N THR E 365 27.00 -62.87 -17.22
CA THR E 365 28.03 -63.84 -17.62
C THR E 365 28.06 -65.03 -16.65
N GLU E 366 28.87 -66.04 -16.97
CA GLU E 366 28.94 -67.29 -16.17
C GLU E 366 29.47 -67.09 -14.73
N ASP E 367 30.21 -66.01 -14.48
CA ASP E 367 30.70 -65.69 -13.13
C ASP E 367 29.57 -65.35 -12.13
N ASP E 368 28.49 -64.74 -12.63
CA ASP E 368 27.35 -64.36 -11.79
C ASP E 368 26.53 -65.59 -11.35
N GLU E 369 25.78 -65.42 -10.26
CA GLU E 369 25.02 -66.51 -9.66
C GLU E 369 23.74 -66.81 -10.45
N THR E 370 22.93 -65.75 -10.68
CA THR E 370 21.66 -65.86 -11.40
C THR E 370 21.68 -64.92 -12.61
N ARG E 371 20.58 -64.91 -13.36
CA ARG E 371 20.44 -64.03 -14.54
C ARG E 371 20.34 -62.56 -14.12
N LYS E 372 20.72 -61.65 -15.02
CA LYS E 372 20.74 -60.19 -14.77
C LYS E 372 20.32 -59.37 -16.01
N LEU E 373 19.14 -58.73 -15.95
CA LEU E 373 18.48 -58.22 -17.18
C LEU E 373 18.47 -56.69 -17.32
N THR E 374 18.82 -56.17 -18.50
CA THR E 374 18.75 -54.71 -18.76
C THR E 374 17.77 -54.37 -19.92
N PRO E 375 17.08 -53.22 -19.85
CA PRO E 375 16.09 -52.96 -20.91
C PRO E 375 16.78 -52.58 -22.22
N CYS E 376 16.19 -53.03 -23.33
CA CYS E 376 16.84 -52.92 -24.64
C CYS E 376 15.84 -52.64 -25.77
N SER E 377 16.36 -52.42 -26.98
CA SER E 377 15.50 -52.22 -28.17
C SER E 377 14.83 -53.53 -28.62
N PRO E 378 13.65 -53.45 -29.29
CA PRO E 378 12.96 -54.67 -29.76
C PRO E 378 13.76 -55.63 -30.66
N GLY E 379 14.72 -55.12 -31.44
CA GLY E 379 15.53 -55.97 -32.29
C GLY E 379 16.67 -56.73 -31.63
N ASP E 380 16.82 -56.65 -30.30
CA ASP E 380 18.03 -57.14 -29.62
C ASP E 380 18.09 -58.67 -29.45
N ASP E 381 19.32 -59.19 -29.40
CA ASP E 381 19.58 -60.62 -29.22
C ASP E 381 19.24 -61.07 -27.79
N GLY E 382 18.11 -61.75 -27.65
CA GLY E 382 17.57 -62.12 -26.33
C GLY E 382 16.66 -61.05 -25.78
N ALA E 383 16.04 -60.27 -26.67
CA ALA E 383 15.08 -59.25 -26.23
C ALA E 383 13.72 -59.83 -25.84
N ILE E 384 13.56 -60.06 -24.53
CA ILE E 384 12.25 -60.57 -24.00
C ILE E 384 11.38 -59.39 -23.56
N GLU E 385 10.07 -59.42 -23.79
CA GLU E 385 9.20 -58.22 -23.66
C GLU E 385 8.19 -58.13 -22.49
N MET E 386 8.48 -58.73 -21.34
CA MET E 386 7.65 -58.56 -20.13
C MET E 386 7.82 -57.17 -19.49
N SER E 387 7.01 -56.88 -18.48
CA SER E 387 7.04 -55.59 -17.78
C SER E 387 8.06 -55.49 -16.64
N TRP E 388 8.63 -54.29 -16.47
CA TRP E 388 9.65 -54.02 -15.45
C TRP E 388 9.19 -54.42 -14.05
N THR E 389 7.89 -54.31 -13.81
CA THR E 389 7.26 -54.70 -12.56
C THR E 389 7.43 -56.19 -12.28
N ASP E 390 7.47 -56.99 -13.35
CA ASP E 390 7.65 -58.44 -13.22
C ASP E 390 9.07 -58.83 -12.83
N ILE E 391 10.03 -57.92 -12.97
CA ILE E 391 11.43 -58.27 -12.73
C ILE E 391 11.89 -57.90 -11.31
N GLU E 392 12.57 -58.81 -10.63
CA GLU E 392 13.05 -58.58 -9.27
C GLU E 392 14.21 -57.58 -9.23
N ALA E 393 14.32 -56.88 -8.11
CA ALA E 393 15.28 -55.78 -7.94
C ALA E 393 16.76 -56.14 -8.23
N ASP E 394 17.27 -57.25 -7.70
CA ASP E 394 18.63 -57.70 -7.97
C ASP E 394 18.83 -58.12 -9.43
N GLU E 395 17.92 -58.94 -9.95
CA GLU E 395 18.01 -59.45 -11.31
C GLU E 395 17.75 -58.39 -12.40
N LEU E 396 17.49 -57.12 -12.02
CA LEU E 396 17.37 -56.01 -12.96
C LEU E 396 18.68 -55.24 -13.02
N LYS E 397 19.14 -54.92 -14.23
CA LYS E 397 20.38 -54.16 -14.42
C LYS E 397 20.04 -52.82 -15.06
N GLU E 398 20.00 -51.78 -14.24
CA GLU E 398 19.78 -50.41 -14.71
C GLU E 398 20.82 -50.01 -15.76
N PRO E 399 20.38 -49.30 -16.82
CA PRO E 399 21.39 -48.82 -17.76
C PRO E 399 22.35 -47.88 -17.04
N ASP E 400 23.61 -47.90 -17.47
CA ASP E 400 24.63 -46.98 -16.96
C ASP E 400 24.32 -45.58 -17.46
N LEU E 401 24.98 -44.60 -16.87
CA LEU E 401 24.72 -43.22 -17.21
C LEU E 401 25.71 -42.77 -18.25
N THR E 402 25.19 -42.45 -19.42
CA THR E 402 25.93 -41.78 -20.49
C THR E 402 25.67 -40.27 -20.48
N ILE E 403 26.51 -39.58 -21.25
CA ILE E 403 26.51 -38.13 -21.30
C ILE E 403 25.21 -37.60 -21.84
N LYS E 404 24.51 -38.36 -22.67
CA LYS E 404 23.27 -37.91 -23.27
C LYS E 404 22.19 -37.61 -22.23
N ASP E 405 22.17 -38.41 -21.16
CA ASP E 405 21.26 -38.19 -20.06
C ASP E 405 21.49 -36.83 -19.37
N PHE E 406 22.77 -36.47 -19.27
CA PHE E 406 23.17 -35.19 -18.69
C PHE E 406 22.86 -34.07 -19.66
N LEU E 407 23.01 -34.29 -20.95
CA LEU E 407 22.62 -33.31 -21.95
C LEU E 407 21.13 -32.98 -21.86
N LYS E 408 20.32 -34.03 -21.80
CA LYS E 408 18.89 -33.93 -21.58
C LYS E 408 18.57 -33.16 -20.30
N ALA E 409 19.30 -33.53 -19.25
CA ALA E 409 19.11 -32.89 -17.97
C ALA E 409 19.30 -31.36 -18.08
N ILE E 410 20.35 -30.99 -18.81
CA ILE E 410 20.69 -29.60 -19.02
C ILE E 410 19.57 -28.89 -19.82
N LYS E 411 19.12 -29.57 -20.87
CA LYS E 411 18.09 -29.04 -21.75
C LYS E 411 16.84 -28.74 -20.92
N SER E 412 16.50 -29.66 -20.02
CA SER E 412 15.27 -29.54 -19.28
C SER E 412 15.33 -28.33 -18.35
N THR E 413 16.39 -28.18 -17.56
CA THR E 413 16.44 -27.18 -16.51
C THR E 413 17.15 -25.91 -16.99
N ARG E 414 16.34 -24.90 -17.29
CA ARG E 414 16.84 -23.63 -17.78
C ARG E 414 17.57 -22.91 -16.66
N PRO E 415 18.50 -21.99 -16.99
CA PRO E 415 19.03 -21.10 -15.96
C PRO E 415 17.98 -20.55 -14.97
N THR E 416 18.29 -20.62 -13.67
CA THR E 416 17.36 -20.26 -12.61
C THR E 416 17.54 -18.80 -12.20
N VAL E 417 18.63 -18.16 -12.62
CA VAL E 417 19.09 -16.92 -12.05
C VAL E 417 18.78 -15.73 -12.95
N ASN E 418 18.01 -14.77 -12.44
CA ASN E 418 17.84 -13.49 -13.14
C ASN E 418 19.13 -12.64 -13.01
N GLU E 419 19.46 -11.91 -14.05
CA GLU E 419 20.66 -11.06 -14.05
C GLU E 419 20.54 -9.81 -13.15
N ASP E 420 19.31 -9.43 -12.81
CA ASP E 420 19.05 -8.11 -12.19
C ASP E 420 19.35 -8.07 -10.69
N ASP E 421 19.44 -9.24 -10.06
CA ASP E 421 19.87 -9.34 -8.67
C ASP E 421 21.38 -9.10 -8.52
N LEU E 422 22.14 -9.65 -9.45
CA LEU E 422 23.58 -9.53 -9.51
C LEU E 422 24.01 -8.08 -9.64
N LEU E 423 23.15 -7.21 -10.19
CA LEU E 423 23.50 -5.80 -10.31
C LEU E 423 23.57 -5.15 -8.93
N LYS E 424 22.58 -5.42 -8.08
CA LYS E 424 22.58 -4.95 -6.72
C LYS E 424 23.64 -5.64 -5.86
N GLN E 425 23.83 -6.92 -6.11
CA GLN E 425 24.89 -7.68 -5.43
C GLN E 425 26.26 -7.12 -5.77
N GLU E 426 26.47 -6.79 -7.05
CA GLU E 426 27.70 -6.19 -7.53
C GLU E 426 27.90 -4.74 -7.04
N GLN E 427 26.82 -4.01 -6.89
CA GLN E 427 26.85 -2.70 -6.29
C GLN E 427 27.41 -2.83 -4.88
N PHE E 428 26.76 -3.68 -4.08
CA PHE E 428 27.20 -3.97 -2.73
C PHE E 428 28.70 -4.41 -2.74
N THR E 429 29.06 -5.19 -3.74
CA THR E 429 30.40 -5.72 -3.82
C THR E 429 31.45 -4.62 -4.02
N ARG E 430 31.16 -3.71 -4.94
CA ARG E 430 31.95 -2.52 -5.15
C ARG E 430 32.01 -1.63 -3.93
N ASP E 431 30.94 -1.52 -3.17
CA ASP E 431 30.85 -0.62 -2.00
C ASP E 431 31.45 -1.22 -0.71
N PHE E 432 31.10 -2.47 -0.41
CA PHE E 432 31.55 -3.17 0.78
C PHE E 432 32.36 -4.41 0.37
N GLY E 433 31.71 -5.42 -0.20
CA GLY E 433 32.42 -6.58 -0.75
C GLY E 433 33.18 -7.51 0.20
N GLN E 434 34.39 -7.89 -0.21
CA GLN E 434 35.29 -8.64 0.66
C GLN E 434 35.76 -7.67 1.74
N GLU E 435 34.98 -7.57 2.80
CA GLU E 435 35.01 -6.43 3.72
C GLU E 435 35.10 -6.86 5.19
N GLY E 436 35.82 -6.08 5.98
CA GLY E 436 35.87 -6.25 7.43
C GLY E 436 34.66 -5.66 8.13
N ASN E 437 34.52 -4.34 8.07
CA ASN E 437 33.45 -3.58 8.76
C ASN E 437 33.38 -3.87 10.25
N LEU F 119 13.05 -6.31 46.99
CA LEU F 119 12.62 -5.75 45.68
C LEU F 119 13.73 -4.88 45.07
N SER F 120 14.77 -5.54 44.57
CA SER F 120 15.95 -4.88 44.00
C SER F 120 15.95 -4.93 42.48
N SER F 121 16.01 -6.15 41.92
CA SER F 121 16.10 -6.40 40.47
C SER F 121 17.32 -5.69 39.83
N ALA F 122 18.48 -6.32 39.96
CA ALA F 122 19.77 -5.70 39.58
C ALA F 122 20.01 -5.53 38.07
N ILE F 123 20.25 -4.29 37.65
CA ILE F 123 20.45 -3.97 36.26
C ILE F 123 21.89 -3.51 36.10
N LEU F 124 22.61 -4.18 35.20
CA LEU F 124 24.07 -4.03 34.95
C LEU F 124 24.88 -2.84 35.50
N SER F 125 25.83 -3.18 36.37
CA SER F 125 26.88 -2.28 36.81
C SER F 125 28.19 -3.05 36.85
N GLU F 126 29.27 -2.46 36.35
CA GLU F 126 30.58 -3.13 36.32
C GLU F 126 31.73 -2.16 36.11
N LYS F 127 32.94 -2.64 36.30
CA LYS F 127 34.09 -1.79 36.28
C LYS F 127 34.81 -1.95 34.95
N PRO F 128 34.54 -1.07 33.96
CA PRO F 128 35.40 -1.10 32.76
C PRO F 128 36.78 -0.54 33.07
N ASN F 129 37.75 -0.78 32.21
CA ASN F 129 39.09 -0.27 32.46
C ASN F 129 39.64 0.57 31.30
N VAL F 130 38.82 1.51 30.85
CA VAL F 130 39.17 2.32 29.70
C VAL F 130 39.53 3.70 30.21
N LYS F 131 40.79 4.09 30.06
CA LYS F 131 41.23 5.43 30.46
C LYS F 131 40.87 6.49 29.43
N TRP F 132 40.88 7.77 29.85
CA TRP F 132 40.79 8.92 28.94
C TRP F 132 41.72 8.79 27.74
N GLU F 133 42.99 8.48 28.02
CA GLU F 133 44.02 8.35 27.00
C GLU F 133 43.76 7.22 26.00
N ASP F 134 42.86 6.29 26.29
CA ASP F 134 42.57 5.20 25.34
C ASP F 134 41.58 5.64 24.28
N VAL F 135 40.97 6.81 24.48
CA VAL F 135 40.09 7.44 23.52
C VAL F 135 40.90 8.50 22.78
N ALA F 136 41.13 8.28 21.50
CA ALA F 136 41.98 9.18 20.71
C ALA F 136 41.13 10.23 19.98
N GLY F 137 41.44 11.50 20.22
CA GLY F 137 40.72 12.63 19.61
C GLY F 137 39.59 13.17 20.45
N LEU F 138 38.74 13.96 19.79
CA LEU F 138 37.53 14.54 20.37
C LEU F 138 37.80 15.25 21.68
N GLU F 139 38.91 15.95 21.72
CA GLU F 139 39.33 16.59 22.94
C GLU F 139 38.34 17.66 23.39
N GLY F 140 37.63 18.29 22.45
CA GLY F 140 36.68 19.31 22.79
C GLY F 140 35.48 18.75 23.55
N ALA F 141 34.90 17.68 23.04
CA ALA F 141 33.92 16.90 23.79
C ALA F 141 34.46 16.37 25.08
N LYS F 142 35.64 15.79 25.12
CA LYS F 142 36.25 15.28 26.33
C LYS F 142 36.30 16.36 27.43
N GLU F 143 36.75 17.53 27.07
CA GLU F 143 36.79 18.68 27.93
C GLU F 143 35.37 18.98 28.42
N ALA F 144 34.42 19.01 27.48
CA ALA F 144 33.04 19.29 27.82
C ALA F 144 32.51 18.30 28.87
N LEU F 145 32.97 17.06 28.81
CA LEU F 145 32.48 15.99 29.63
C LEU F 145 33.10 15.99 31.01
N LYS F 146 34.38 16.34 31.04
CA LYS F 146 35.08 16.63 32.29
C LYS F 146 34.39 17.80 33.00
N GLU F 147 33.98 18.81 32.25
CA GLU F 147 33.12 19.85 32.79
C GLU F 147 31.69 19.36 33.09
N ALA F 148 31.18 18.38 32.37
CA ALA F 148 29.86 17.83 32.61
C ALA F 148 29.75 16.93 33.84
N VAL F 149 30.82 16.22 34.17
CA VAL F 149 30.84 15.27 35.27
C VAL F 149 31.77 15.66 36.41
N ILE F 150 33.06 15.80 36.12
CA ILE F 150 34.06 15.86 37.20
C ILE F 150 34.08 17.23 37.89
N LEU F 151 34.09 18.28 37.08
CA LEU F 151 34.06 19.63 37.66
C LEU F 151 32.85 19.83 38.58
N PRO F 152 31.63 19.40 38.16
CA PRO F 152 30.49 19.54 39.08
C PRO F 152 30.71 18.86 40.42
N VAL F 153 31.27 17.66 40.38
CA VAL F 153 31.50 16.85 41.57
C VAL F 153 32.60 17.44 42.42
N LYS F 154 33.64 17.95 41.79
CA LYS F 154 34.78 18.48 42.53
C LYS F 154 34.42 19.79 43.26
N PHE F 155 33.83 20.70 42.50
CA PHE F 155 33.51 22.03 43.01
C PHE F 155 32.04 22.37 42.80
N PRO F 156 31.14 21.78 43.59
CA PRO F 156 29.70 22.08 43.35
C PRO F 156 29.29 23.56 43.52
N HIS F 157 29.95 24.25 44.45
CA HIS F 157 29.61 25.65 44.76
C HIS F 157 29.83 26.60 43.59
N LEU F 158 30.51 26.13 42.54
CA LEU F 158 30.68 26.90 41.31
C LEU F 158 29.40 27.07 40.53
N PHE F 159 28.41 26.19 40.80
CA PHE F 159 27.10 26.29 40.15
C PHE F 159 25.98 26.93 40.99
N LYS F 160 26.33 27.94 41.79
CA LYS F 160 25.36 28.91 42.29
C LYS F 160 25.20 30.00 41.22
N GLY F 161 24.01 30.58 41.10
CA GLY F 161 23.75 31.61 40.08
C GLY F 161 23.20 31.06 38.77
N ASN F 162 23.48 31.77 37.69
CA ASN F 162 22.91 31.44 36.37
C ASN F 162 23.78 30.52 35.52
N ARG F 163 24.89 30.04 36.08
CA ARG F 163 25.61 28.91 35.52
C ARG F 163 25.05 27.69 36.25
N LYS F 164 24.56 26.74 35.46
CA LYS F 164 23.68 25.68 35.93
C LYS F 164 24.26 24.25 35.74
N PRO F 165 24.03 23.35 36.72
CA PRO F 165 24.46 21.95 36.61
C PRO F 165 23.75 21.22 35.48
N THR F 166 24.31 21.34 34.28
CA THR F 166 23.79 20.62 33.12
C THR F 166 23.95 19.12 33.41
N SER F 167 23.02 18.31 32.91
CA SER F 167 22.91 16.92 33.29
C SER F 167 22.53 16.07 32.09
N GLY F 168 21.34 16.29 31.52
CA GLY F 168 20.93 15.47 30.37
C GLY F 168 21.85 15.75 29.19
N ILE F 169 22.60 14.76 28.73
CA ILE F 169 23.56 14.98 27.65
C ILE F 169 23.41 13.89 26.62
N LEU F 170 23.27 14.31 25.37
CA LEU F 170 23.13 13.41 24.26
C LEU F 170 24.48 13.26 23.58
N LEU F 171 24.90 12.03 23.35
CA LEU F 171 25.90 11.73 22.35
C LEU F 171 25.19 11.25 21.08
N TYR F 172 25.40 12.00 19.98
CA TYR F 172 24.79 11.67 18.68
C TYR F 172 25.78 11.71 17.53
N GLY F 173 25.56 10.83 16.54
CA GLY F 173 26.43 10.77 15.36
C GLY F 173 26.35 9.43 14.67
N PRO F 174 27.25 9.17 13.70
CA PRO F 174 27.30 7.84 13.09
C PRO F 174 27.70 6.74 14.09
N PRO F 175 27.32 5.48 13.82
CA PRO F 175 27.80 4.34 14.63
C PRO F 175 29.33 4.08 14.48
N GLY F 176 29.92 3.46 15.50
CA GLY F 176 31.32 3.00 15.43
C GLY F 176 32.35 3.98 15.95
N THR F 177 31.90 5.05 16.60
CA THR F 177 32.77 6.18 16.97
C THR F 177 33.11 6.23 18.46
N GLY F 178 32.97 5.10 19.14
CA GLY F 178 33.34 4.98 20.53
C GLY F 178 32.44 5.72 21.49
N LYS F 179 31.18 5.94 21.13
CA LYS F 179 30.22 6.52 22.09
C LYS F 179 30.09 5.58 23.30
N SER F 180 29.85 4.31 23.02
CA SER F 180 29.88 3.30 24.10
C SER F 180 31.24 3.26 24.76
N TYR F 181 32.30 3.32 23.97
CA TYR F 181 33.67 3.36 24.45
C TYR F 181 33.90 4.55 25.34
N LEU F 182 33.33 5.69 25.00
CA LEU F 182 33.42 6.88 25.82
C LEU F 182 32.68 6.74 27.16
N ALA F 183 31.49 6.15 27.08
CA ALA F 183 30.71 5.81 28.25
C ALA F 183 31.54 4.93 29.20
N LYS F 184 32.27 3.96 28.64
CA LYS F 184 33.14 3.15 29.47
C LYS F 184 34.27 4.01 30.06
N ALA F 185 34.80 4.91 29.26
CA ALA F 185 35.90 5.72 29.72
C ALA F 185 35.58 6.66 30.89
N VAL F 186 34.48 7.40 30.76
CA VAL F 186 34.06 8.26 31.87
C VAL F 186 33.67 7.42 33.09
N ALA F 187 33.00 6.28 32.86
CA ALA F 187 32.73 5.33 33.92
C ALA F 187 34.00 4.88 34.63
N THR F 188 35.06 4.59 33.89
CA THR F 188 36.34 4.23 34.51
C THR F 188 36.89 5.43 35.32
N GLU F 189 36.85 6.59 34.67
CA GLU F 189 37.56 7.76 35.12
C GLU F 189 36.90 8.58 36.21
N ALA F 190 35.57 8.63 36.26
CA ALA F 190 34.88 9.64 37.09
C ALA F 190 34.65 9.16 38.52
N ASN F 191 34.66 7.84 38.71
CA ASN F 191 34.47 7.20 39.99
C ASN F 191 33.13 7.59 40.62
N SER F 192 32.09 7.55 39.78
CA SER F 192 30.71 7.85 40.16
C SER F 192 29.87 6.66 39.70
N THR F 193 28.83 6.31 40.43
CA THR F 193 28.09 5.07 40.11
C THR F 193 27.43 5.12 38.73
N PHE F 194 27.85 4.20 37.86
CA PHE F 194 27.47 4.22 36.45
C PHE F 194 26.44 3.11 36.24
N PHE F 195 25.20 3.49 35.95
CA PHE F 195 24.13 2.56 35.67
C PHE F 195 23.91 2.60 34.16
N SER F 196 23.82 1.41 33.57
CA SER F 196 23.88 1.24 32.10
C SER F 196 22.74 0.35 31.64
N VAL F 197 21.86 0.86 30.78
CA VAL F 197 20.60 0.20 30.54
C VAL F 197 20.10 0.41 29.09
N SER F 198 19.46 -0.61 28.56
CA SER F 198 18.67 -0.45 27.36
C SER F 198 17.23 -0.11 27.78
N SER F 199 16.60 0.75 27.00
CA SER F 199 15.16 0.94 27.08
C SER F 199 14.37 -0.36 26.89
N SER F 200 14.89 -1.30 26.10
CA SER F 200 14.23 -2.59 25.98
C SER F 200 14.06 -3.26 27.35
N ASP F 201 15.14 -3.30 28.13
CA ASP F 201 15.13 -3.92 29.46
C ASP F 201 13.96 -3.51 30.39
N LEU F 202 13.31 -4.54 30.93
CA LEU F 202 12.20 -4.38 31.88
C LEU F 202 11.09 -3.49 31.30
N VAL F 203 10.61 -3.81 30.12
CA VAL F 203 9.41 -3.13 29.58
C VAL F 203 8.12 -3.45 30.36
N SER F 204 7.98 -4.68 30.83
CA SER F 204 6.75 -5.15 31.49
C SER F 204 6.86 -6.62 31.92
N LYS F 205 5.91 -7.03 32.78
CA LYS F 205 5.57 -8.44 33.04
C LYS F 205 4.18 -8.77 32.47
N TRP F 206 3.19 -7.98 32.88
CA TRP F 206 1.78 -8.15 32.48
C TRP F 206 1.57 -7.25 31.23
N MET F 207 0.41 -7.11 30.58
CA MET F 207 -0.97 -7.40 31.04
C MET F 207 -1.41 -6.53 32.23
N GLY F 208 -0.75 -5.40 32.45
CA GLY F 208 -1.00 -4.58 33.63
C GLY F 208 0.11 -3.62 34.06
N GLU F 209 1.00 -4.10 34.93
CA GLU F 209 1.89 -3.22 35.68
C GLU F 209 3.30 -3.09 35.11
N SER F 210 3.63 -1.85 34.71
CA SER F 210 5.01 -1.39 34.48
C SER F 210 5.27 -0.11 35.29
N GLU F 211 6.38 0.57 35.02
CA GLU F 211 6.67 1.93 35.56
C GLU F 211 7.11 1.94 37.01
N LYS F 212 6.70 0.94 37.78
CA LYS F 212 7.18 0.78 39.15
C LYS F 212 8.70 0.55 39.15
N LEU F 213 9.18 -0.31 38.26
CA LEU F 213 10.59 -0.54 38.11
C LEU F 213 11.33 0.73 37.74
N VAL F 214 10.69 1.56 36.92
CA VAL F 214 11.29 2.85 36.54
C VAL F 214 11.53 3.70 37.79
N LYS F 215 10.46 3.89 38.58
CA LYS F 215 10.53 4.67 39.79
C LYS F 215 11.61 4.08 40.74
N GLN F 216 11.65 2.78 40.83
CA GLN F 216 12.65 2.15 41.69
C GLN F 216 14.05 2.45 41.18
N LEU F 217 14.25 2.45 39.86
CA LEU F 217 15.53 2.77 39.28
C LEU F 217 15.93 4.20 39.65
N PHE F 218 14.96 5.12 39.49
CA PHE F 218 15.24 6.51 39.81
C PHE F 218 15.55 6.71 41.29
N ALA F 219 14.85 5.96 42.14
CA ALA F 219 15.08 5.95 43.57
C ALA F 219 16.48 5.48 43.91
N MET F 220 16.90 4.36 43.34
CA MET F 220 18.21 3.80 43.59
C MET F 220 19.28 4.76 43.09
N ALA F 221 19.09 5.39 41.95
CA ALA F 221 20.09 6.35 41.48
C ALA F 221 20.16 7.56 42.42
N ARG F 222 19.04 8.00 42.94
CA ARG F 222 19.05 9.07 43.94
C ARG F 222 19.73 8.64 45.25
N GLU F 223 19.67 7.36 45.58
CA GLU F 223 20.31 6.84 46.75
C GLU F 223 21.77 6.61 46.51
N ASN F 224 22.24 6.57 45.26
CA ASN F 224 23.64 6.26 44.93
C ASN F 224 24.40 7.45 44.31
N LYS F 225 24.04 8.67 44.72
CA LYS F 225 24.72 9.86 44.26
C LYS F 225 26.21 9.86 44.66
N PRO F 226 27.12 10.37 43.82
CA PRO F 226 26.81 10.87 42.47
C PRO F 226 26.54 9.69 41.54
N SER F 227 25.52 9.79 40.68
CA SER F 227 25.21 8.68 39.77
C SER F 227 24.94 9.07 38.32
N ILE F 228 25.07 8.08 37.45
CA ILE F 228 24.96 8.30 36.00
C ILE F 228 24.10 7.22 35.38
N ILE F 229 23.04 7.60 34.68
CA ILE F 229 22.25 6.64 33.88
C ILE F 229 22.70 6.78 32.42
N PHE F 230 23.08 5.65 31.82
CA PHE F 230 23.43 5.60 30.40
C PHE F 230 22.38 4.79 29.66
N ILE F 231 21.64 5.45 28.76
CA ILE F 231 20.66 4.79 27.92
C ILE F 231 21.17 4.78 26.49
N ASP F 232 21.51 3.60 25.99
CA ASP F 232 21.93 3.48 24.61
C ASP F 232 20.70 3.42 23.71
N GLN F 233 20.81 4.06 22.54
CA GLN F 233 19.79 4.05 21.51
C GLN F 233 18.49 4.57 22.09
N VAL F 234 18.60 5.80 22.56
CA VAL F 234 17.41 6.47 23.15
C VAL F 234 16.18 6.55 22.23
N ASP F 235 16.42 6.59 20.92
CA ASP F 235 15.34 6.62 19.94
C ASP F 235 14.41 5.41 20.03
N ALA F 236 14.86 4.29 20.59
CA ALA F 236 14.00 3.12 20.83
C ALA F 236 12.68 3.43 21.55
N LEU F 237 12.71 4.47 22.41
CA LEU F 237 11.49 5.05 22.98
C LEU F 237 11.13 6.29 22.18
N THR F 238 10.09 6.20 21.35
CA THR F 238 9.60 7.37 20.60
C THR F 238 8.14 7.20 20.11
N GLY F 239 7.45 8.32 19.91
CA GLY F 239 6.30 8.37 18.99
C GLY F 239 4.90 8.03 19.47
N THR F 240 4.02 7.86 18.48
CA THR F 240 2.56 7.85 18.66
C THR F 240 1.81 6.69 17.98
N ARG F 241 2.52 5.59 17.69
CA ARG F 241 1.90 4.44 17.02
C ARG F 241 0.96 3.66 17.93
N GLY F 242 0.23 2.71 17.35
CA GLY F 242 -0.68 1.83 18.11
C GLY F 242 -0.01 0.54 18.53
N GLU F 243 -0.84 -0.46 18.84
CA GLU F 243 -0.38 -1.80 19.27
C GLU F 243 0.43 -1.79 20.57
N GLY F 244 0.21 -0.78 21.43
CA GLY F 244 0.97 -0.61 22.68
C GLY F 244 1.47 0.80 22.91
N GLU F 245 2.04 1.42 21.87
CA GLU F 245 2.67 2.75 21.99
C GLU F 245 1.67 3.89 22.22
N SER F 246 0.44 3.74 21.71
CA SER F 246 -0.62 4.75 21.90
C SER F 246 -1.08 4.86 23.35
N GLU F 247 -1.17 3.72 24.04
CA GLU F 247 -1.67 3.67 25.42
C GLU F 247 -0.65 3.15 26.43
N ALA F 248 -0.13 1.95 26.21
CA ALA F 248 0.67 1.21 27.22
C ALA F 248 2.08 1.79 27.44
N SER F 249 2.81 2.03 26.35
CA SER F 249 4.15 2.61 26.42
C SER F 249 4.11 4.13 26.42
N ARG F 250 2.92 4.70 26.20
CA ARG F 250 2.64 6.12 26.37
C ARG F 250 2.84 6.52 27.84
N ARG F 251 2.26 5.70 28.73
CA ARG F 251 2.39 5.90 30.17
C ARG F 251 3.80 5.61 30.66
N ILE F 252 4.50 4.67 30.03
CA ILE F 252 5.91 4.48 30.31
C ILE F 252 6.71 5.73 29.94
N LYS F 253 6.44 6.23 28.73
CA LYS F 253 7.03 7.44 28.21
C LYS F 253 6.81 8.61 29.17
N THR F 254 5.56 8.73 29.60
CA THR F 254 5.15 9.78 30.52
C THR F 254 5.92 9.70 31.83
N GLU F 255 5.98 8.47 32.36
CA GLU F 255 6.73 8.17 33.56
C GLU F 255 8.16 8.66 33.44
N LEU F 256 8.79 8.31 32.31
CA LEU F 256 10.13 8.71 32.05
C LEU F 256 10.20 10.24 32.17
N LEU F 257 9.28 10.90 31.44
CA LEU F 257 9.31 12.34 31.33
C LEU F 257 9.18 13.03 32.67
N VAL F 258 8.37 12.45 33.57
CA VAL F 258 8.15 12.97 34.89
C VAL F 258 9.33 12.71 35.82
N GLN F 259 9.98 11.55 35.66
CA GLN F 259 11.21 11.29 36.40
C GLN F 259 12.31 12.27 36.00
N MET F 260 12.46 12.52 34.70
CA MET F 260 13.53 13.41 34.23
C MET F 260 13.22 14.88 34.46
N ASN F 261 11.95 15.16 34.72
CA ASN F 261 11.49 16.46 35.19
C ASN F 261 11.93 16.66 36.64
N GLY F 262 11.74 15.63 37.46
CA GLY F 262 12.06 15.71 38.89
C GLY F 262 13.53 15.65 39.22
N VAL F 263 14.30 15.14 38.25
CA VAL F 263 15.75 15.04 38.43
C VAL F 263 16.32 16.46 38.46
N GLY F 264 15.83 17.34 37.57
CA GLY F 264 16.20 18.76 37.58
C GLY F 264 15.67 19.50 38.80
N ASN F 265 14.63 18.96 39.44
CA ASN F 265 14.05 19.53 40.65
C ASN F 265 14.90 19.18 41.87
N ASP F 266 15.01 20.16 42.78
CA ASP F 266 15.81 20.08 44.00
C ASP F 266 17.34 19.98 43.70
N SER F 267 18.08 19.15 44.43
CA SER F 267 19.53 18.98 44.23
C SER F 267 19.83 17.67 43.53
N GLN F 268 20.59 17.75 42.44
CA GLN F 268 20.85 16.60 41.59
C GLN F 268 22.23 15.98 41.89
N GLY F 269 22.28 14.64 41.93
CA GLY F 269 23.51 13.86 41.86
C GLY F 269 23.44 12.82 40.74
N VAL F 270 22.38 12.88 39.93
CA VAL F 270 22.18 11.94 38.83
C VAL F 270 22.46 12.61 37.49
N LEU F 271 23.15 11.89 36.62
CA LEU F 271 23.47 12.36 35.28
C LEU F 271 22.79 11.47 34.26
N VAL F 272 22.16 12.06 33.25
CA VAL F 272 21.56 11.25 32.18
C VAL F 272 22.45 11.41 30.97
N LEU F 273 22.97 10.30 30.42
CA LEU F 273 23.68 10.31 29.14
C LEU F 273 22.84 9.60 28.10
N GLY F 274 22.47 10.31 27.04
CA GLY F 274 21.78 9.70 25.90
C GLY F 274 22.74 9.22 24.83
N ALA F 275 22.44 8.10 24.18
CA ALA F 275 23.20 7.74 22.98
C ALA F 275 22.22 7.42 21.86
N THR F 276 22.47 8.00 20.68
CA THR F 276 21.69 7.64 19.49
C THR F 276 22.48 7.83 18.19
N ASN F 277 22.26 6.91 17.24
CA ASN F 277 22.70 7.09 15.85
C ASN F 277 21.71 7.87 14.98
N ILE F 278 20.42 7.84 15.36
CA ILE F 278 19.33 8.40 14.60
C ILE F 278 18.64 9.52 15.42
N PRO F 279 19.32 10.67 15.60
CA PRO F 279 18.67 11.70 16.46
C PRO F 279 17.32 12.17 15.92
N TRP F 280 17.16 12.17 14.60
CA TRP F 280 15.92 12.59 13.97
C TRP F 280 14.75 11.66 14.27
N GLN F 281 15.03 10.46 14.79
CA GLN F 281 13.96 9.55 15.26
C GLN F 281 13.76 9.60 16.79
N LEU F 282 14.30 10.63 17.44
CA LEU F 282 14.16 10.79 18.89
C LEU F 282 12.95 11.67 19.21
N ASP F 283 12.02 11.10 19.97
CA ASP F 283 10.81 11.82 20.40
C ASP F 283 11.13 13.24 20.88
N SER F 284 10.47 14.21 20.24
CA SER F 284 10.60 15.64 20.54
C SER F 284 10.44 16.03 21.98
N ALA F 285 9.37 15.54 22.61
CA ALA F 285 9.11 15.80 24.03
C ALA F 285 10.33 15.54 24.91
N ILE F 286 11.09 14.50 24.55
CA ILE F 286 12.35 14.25 25.25
C ILE F 286 13.27 15.43 24.99
N ARG F 287 13.44 15.76 23.71
CA ARG F 287 14.32 16.82 23.28
C ARG F 287 13.98 18.13 23.98
N ARG F 288 12.69 18.41 24.11
CA ARG F 288 12.26 19.61 24.81
C ARG F 288 12.64 19.54 26.29
N ARG F 289 12.46 18.37 26.91
CA ARG F 289 12.89 18.20 28.28
C ARG F 289 14.41 18.17 28.37
N PHE F 290 15.10 17.76 27.32
CA PHE F 290 16.52 17.41 27.38
C PHE F 290 17.49 18.58 27.16
N GLU F 291 18.67 18.49 27.78
CA GLU F 291 19.66 19.59 27.82
C GLU F 291 20.75 19.60 26.72
N ARG F 292 21.95 19.09 27.01
CA ARG F 292 23.11 19.38 26.17
C ARG F 292 23.25 18.27 25.14
N ARG F 293 23.57 18.64 23.90
CA ARG F 293 23.77 17.69 22.80
C ARG F 293 25.20 17.82 22.24
N ILE F 294 25.88 16.70 22.07
CA ILE F 294 27.23 16.71 21.52
C ILE F 294 27.34 15.72 20.37
N TYR F 295 27.76 16.25 19.22
CA TYR F 295 27.98 15.47 18.01
C TYR F 295 29.30 14.71 18.11
N ILE F 296 29.24 13.41 17.85
CA ILE F 296 30.44 12.59 17.82
C ILE F 296 30.77 12.28 16.36
N PRO F 297 31.69 13.06 15.75
CA PRO F 297 32.05 12.87 14.34
C PRO F 297 32.97 11.69 14.15
N LEU F 298 33.14 11.29 12.90
CA LEU F 298 34.19 10.35 12.55
C LEU F 298 35.53 10.97 12.88
N PRO F 299 36.52 10.14 13.25
CA PRO F 299 37.86 10.65 13.63
C PRO F 299 38.57 11.33 12.46
N ASP F 300 39.33 12.38 12.76
CA ASP F 300 40.12 13.09 11.75
C ASP F 300 41.53 12.50 11.70
N LEU F 301 42.37 13.02 10.82
CA LEU F 301 43.70 12.49 10.49
C LEU F 301 44.42 12.12 11.77
N ALA F 302 44.49 13.11 12.67
CA ALA F 302 45.21 12.96 13.93
C ALA F 302 44.67 11.82 14.79
N ALA F 303 43.34 11.83 14.97
CA ALA F 303 42.66 10.83 15.81
C ALA F 303 42.88 9.45 15.23
N ARG F 304 42.76 9.32 13.91
CA ARG F 304 43.07 8.03 13.26
C ARG F 304 44.50 7.60 13.53
N THR F 305 45.46 8.49 13.33
CA THR F 305 46.86 8.19 13.52
C THR F 305 47.15 7.67 14.93
N THR F 306 46.67 8.44 15.91
CA THR F 306 46.87 8.09 17.30
C THR F 306 46.25 6.72 17.59
N MET F 307 45.05 6.51 17.05
CA MET F 307 44.36 5.23 17.29
C MET F 307 45.18 4.09 16.75
N PHE F 308 45.80 4.25 15.58
CA PHE F 308 46.71 3.23 15.08
C PHE F 308 47.81 2.85 16.11
N GLU F 309 48.47 3.91 16.58
CA GLU F 309 49.55 3.76 17.54
C GLU F 309 49.06 3.04 18.78
N ILE F 310 47.86 3.39 19.23
CA ILE F 310 47.22 2.73 20.37
C ILE F 310 47.08 1.22 20.09
N ASN F 311 46.63 0.93 18.87
CA ASN F 311 46.37 -0.44 18.46
C ASN F 311 47.65 -1.25 18.37
N VAL F 312 48.78 -0.59 18.10
CA VAL F 312 50.03 -1.35 18.00
C VAL F 312 50.47 -1.91 19.36
N GLY F 313 50.75 -1.00 20.29
CA GLY F 313 51.15 -1.37 21.64
C GLY F 313 52.44 -2.16 21.66
N ASP F 314 52.36 -3.42 22.02
CA ASP F 314 53.55 -4.27 22.18
C ASP F 314 54.12 -4.77 20.83
N THR F 315 53.25 -4.86 19.83
CA THR F 315 53.67 -5.38 18.54
C THR F 315 54.85 -4.55 17.99
N PRO F 316 55.88 -5.22 17.45
CA PRO F 316 56.96 -4.52 16.76
C PRO F 316 56.46 -3.42 15.80
N CYS F 317 56.90 -2.20 16.09
CA CYS F 317 56.31 -0.93 15.60
C CYS F 317 56.78 -0.42 14.23
N VAL F 318 57.61 -1.19 13.53
CA VAL F 318 58.26 -0.78 12.28
C VAL F 318 58.90 0.63 12.37
N LEU F 319 59.11 1.33 11.24
CA LEU F 319 59.83 2.63 11.26
C LEU F 319 58.91 3.82 11.45
N THR F 320 59.24 4.65 12.45
CA THR F 320 58.74 6.03 12.68
C THR F 320 57.21 6.27 12.72
N LYS F 321 56.87 7.55 12.74
CA LYS F 321 55.49 8.03 12.67
C LYS F 321 55.01 8.29 11.25
N GLU F 322 55.94 8.35 10.30
CA GLU F 322 55.59 8.65 8.92
C GLU F 322 54.54 7.67 8.39
N ASP F 323 54.70 6.40 8.75
CA ASP F 323 53.73 5.39 8.34
C ASP F 323 52.38 5.59 8.99
N TYR F 324 52.39 5.84 10.29
CA TYR F 324 51.16 6.05 11.06
C TYR F 324 50.38 7.24 10.53
N ARG F 325 51.09 8.30 10.16
CA ARG F 325 50.47 9.47 9.57
C ARG F 325 49.97 9.14 8.19
N THR F 326 50.72 8.34 7.42
CA THR F 326 50.31 8.00 6.07
C THR F 326 49.00 7.20 6.03
N LEU F 327 48.97 6.14 6.82
CA LEU F 327 47.83 5.26 6.91
C LEU F 327 46.68 6.02 7.59
N GLY F 328 47.03 6.97 8.47
CA GLY F 328 46.08 7.95 9.00
C GLY F 328 45.39 8.69 7.88
N ALA F 329 46.20 9.33 7.02
CA ALA F 329 45.68 10.06 5.86
C ALA F 329 44.88 9.18 4.88
N MET F 330 45.42 7.99 4.61
CA MET F 330 44.85 7.06 3.66
C MET F 330 43.52 6.42 4.13
N THR F 331 43.29 6.34 5.44
CA THR F 331 41.95 6.03 5.92
C THR F 331 41.25 7.38 6.02
N GLU F 332 40.24 7.61 5.16
CA GLU F 332 39.39 8.81 5.22
C GLU F 332 37.94 8.37 5.43
N GLY F 333 37.30 8.96 6.45
CA GLY F 333 35.89 8.70 6.76
C GLY F 333 35.58 7.45 7.58
N TYR F 334 36.60 6.66 7.94
CA TYR F 334 36.39 5.40 8.63
C TYR F 334 36.23 5.62 10.11
N SER F 335 35.52 4.71 10.77
CA SER F 335 35.26 4.79 12.19
C SER F 335 36.33 4.08 13.03
N GLY F 336 36.19 4.23 14.33
CA GLY F 336 37.05 3.49 15.25
C GLY F 336 36.98 2.00 14.95
N SER F 337 35.76 1.51 14.78
CA SER F 337 35.52 0.11 14.51
C SER F 337 36.21 -0.31 13.21
N ASP F 338 36.01 0.54 12.20
CA ASP F 338 36.61 0.31 10.88
C ASP F 338 38.13 0.23 11.00
N ILE F 339 38.73 1.07 11.80
CA ILE F 339 40.16 0.96 12.06
C ILE F 339 40.52 -0.38 12.72
N ALA F 340 39.75 -0.73 13.74
CA ALA F 340 40.06 -1.86 14.60
C ALA F 340 40.06 -3.15 13.80
N VAL F 341 39.08 -3.31 12.91
CA VAL F 341 39.01 -4.52 12.10
C VAL F 341 40.23 -4.63 11.21
N VAL F 342 40.61 -3.51 10.60
CA VAL F 342 41.78 -3.46 9.73
C VAL F 342 43.03 -3.85 10.52
N VAL F 343 43.14 -3.33 11.73
CA VAL F 343 44.26 -3.62 12.61
C VAL F 343 44.33 -5.12 12.89
N LYS F 344 43.17 -5.71 13.21
CA LYS F 344 43.11 -7.12 13.57
C LYS F 344 43.50 -7.96 12.36
N ASP F 345 43.11 -7.51 11.17
CA ASP F 345 43.46 -8.20 9.95
C ASP F 345 44.98 -8.20 9.78
N ALA F 346 45.59 -7.01 9.94
CA ALA F 346 47.03 -6.92 9.83
C ALA F 346 47.77 -7.82 10.84
N LEU F 347 47.20 -7.86 12.04
CA LEU F 347 47.73 -8.72 13.11
C LEU F 347 47.70 -10.20 12.68
N MET F 348 46.59 -10.61 12.06
CA MET F 348 46.44 -11.94 11.56
C MET F 348 47.31 -12.25 10.34
N GLN F 349 47.78 -11.22 9.63
CA GLN F 349 48.65 -11.45 8.51
C GLN F 349 49.95 -12.22 8.82
N PRO F 350 50.76 -11.86 9.85
CA PRO F 350 51.90 -12.71 10.19
C PRO F 350 51.50 -14.13 10.55
N ILE F 351 50.38 -14.27 11.22
CA ILE F 351 49.83 -15.59 11.51
C ILE F 351 49.52 -16.34 10.22
N ARG F 352 48.99 -15.65 9.23
CA ARG F 352 48.80 -16.24 7.89
C ARG F 352 50.14 -16.69 7.27
N LYS F 353 51.15 -15.85 7.42
CA LYS F 353 52.48 -16.12 6.98
C LYS F 353 53.04 -17.35 7.65
N ILE F 354 52.63 -17.66 8.88
CA ILE F 354 53.08 -18.87 9.55
C ILE F 354 52.30 -20.08 9.03
N GLN F 355 51.00 -19.88 8.83
CA GLN F 355 50.11 -20.94 8.32
C GLN F 355 50.62 -21.48 6.98
N SER F 356 50.99 -20.61 6.03
CA SER F 356 51.65 -21.05 4.80
C SER F 356 53.17 -21.12 5.01
N ALA F 357 53.68 -22.31 5.29
CA ALA F 357 55.11 -22.48 5.66
C ALA F 357 55.69 -23.84 5.28
N THR F 358 56.76 -23.82 4.50
CA THR F 358 57.65 -24.96 4.36
C THR F 358 58.98 -24.63 5.04
N HIS F 359 59.77 -23.76 4.41
CA HIS F 359 61.08 -23.37 4.91
C HIS F 359 61.07 -22.41 6.12
N PHE F 360 61.82 -22.80 7.15
CA PHE F 360 62.15 -21.88 8.25
C PHE F 360 63.65 -21.68 8.36
N LYS F 361 64.07 -20.74 9.21
CA LYS F 361 65.47 -20.37 9.40
C LYS F 361 65.68 -19.80 10.80
N ASP F 362 66.84 -20.08 11.40
CA ASP F 362 67.17 -19.55 12.73
C ASP F 362 67.52 -18.06 12.70
N VAL F 363 67.00 -17.33 13.71
CA VAL F 363 67.21 -15.89 13.87
C VAL F 363 68.23 -15.67 14.99
N SER F 364 67.88 -16.09 16.21
CA SER F 364 68.67 -15.80 17.43
C SER F 364 70.01 -16.56 17.53
N THR F 365 71.06 -15.80 17.86
CA THR F 365 72.41 -16.35 18.03
C THR F 365 72.54 -17.19 19.31
N GLU F 366 73.71 -17.81 19.50
CA GLU F 366 73.95 -18.69 20.66
C GLU F 366 73.96 -17.99 22.03
N ASP F 367 74.06 -16.65 22.04
CA ASP F 367 73.94 -15.87 23.28
C ASP F 367 72.55 -15.98 23.93
N ASP F 368 71.51 -16.12 23.11
CA ASP F 368 70.13 -16.30 23.60
C ASP F 368 69.90 -17.70 24.18
N GLU F 369 68.74 -17.89 24.80
CA GLU F 369 68.39 -19.17 25.46
C GLU F 369 68.35 -20.36 24.50
N THR F 370 67.81 -20.15 23.30
CA THR F 370 67.74 -21.21 22.28
C THR F 370 67.61 -20.64 20.87
N ARG F 371 67.91 -21.50 19.88
CA ARG F 371 67.71 -21.19 18.46
C ARG F 371 66.25 -20.87 18.15
N LYS F 372 65.99 -19.79 17.41
CA LYS F 372 64.62 -19.25 17.19
C LYS F 372 64.27 -19.09 15.69
N LEU F 373 63.24 -19.82 15.24
CA LEU F 373 63.01 -20.08 13.80
C LEU F 373 61.80 -19.34 13.19
N THR F 374 61.97 -18.72 12.01
CA THR F 374 60.90 -17.97 11.34
C THR F 374 60.68 -18.53 9.90
N PRO F 375 59.44 -18.44 9.38
CA PRO F 375 59.24 -19.03 8.05
C PRO F 375 59.87 -18.17 6.96
N CYS F 376 60.46 -18.82 5.96
CA CYS F 376 61.21 -18.12 4.91
C CYS F 376 60.98 -18.71 3.52
N SER F 377 61.42 -17.99 2.49
CA SER F 377 61.32 -18.47 1.10
C SER F 377 62.32 -19.61 0.82
N PRO F 378 62.00 -20.49 -0.16
CA PRO F 378 62.96 -21.55 -0.54
C PRO F 378 64.36 -21.07 -0.99
N GLY F 379 64.46 -19.85 -1.52
CA GLY F 379 65.74 -19.26 -1.89
C GLY F 379 66.66 -18.85 -0.76
N ASP F 380 66.17 -18.90 0.49
CA ASP F 380 66.97 -18.54 1.66
C ASP F 380 68.09 -19.57 1.96
N ASP F 381 69.18 -19.09 2.59
CA ASP F 381 70.36 -19.87 2.94
C ASP F 381 70.27 -20.26 4.42
N GLY F 382 70.33 -21.56 4.71
CA GLY F 382 70.01 -22.10 6.05
C GLY F 382 68.50 -22.30 6.24
N ALA F 383 67.82 -22.57 5.13
CA ALA F 383 66.37 -22.68 5.07
C ALA F 383 65.94 -24.12 5.34
N ILE F 384 65.52 -24.43 6.57
CA ILE F 384 65.06 -25.82 6.89
C ILE F 384 63.55 -26.00 6.65
N GLU F 385 63.13 -27.11 6.02
CA GLU F 385 61.74 -27.25 5.56
C GLU F 385 60.94 -28.24 6.41
N MET F 386 59.84 -27.74 6.98
CA MET F 386 58.84 -28.56 7.69
C MET F 386 57.48 -27.83 7.76
N SER F 387 56.53 -28.28 8.57
CA SER F 387 55.30 -27.51 8.71
C SER F 387 55.33 -26.70 10.01
N TRP F 388 54.56 -25.62 10.06
CA TRP F 388 54.48 -24.75 11.26
C TRP F 388 54.15 -25.54 12.52
N THR F 389 53.34 -26.58 12.34
CA THR F 389 52.95 -27.49 13.40
C THR F 389 54.16 -28.22 13.99
N ASP F 390 55.17 -28.48 13.16
CA ASP F 390 56.40 -29.13 13.60
C ASP F 390 57.26 -28.24 14.50
N ILE F 391 57.02 -26.93 14.52
CA ILE F 391 57.88 -26.05 15.32
C ILE F 391 57.27 -25.73 16.69
N GLU F 392 58.10 -25.79 17.73
CA GLU F 392 57.67 -25.52 19.11
C GLU F 392 57.41 -24.03 19.32
N ALA F 393 56.45 -23.71 20.21
CA ALA F 393 55.91 -22.35 20.33
C ALA F 393 56.93 -21.24 20.68
N ASP F 394 57.80 -21.50 21.65
CA ASP F 394 58.85 -20.53 22.02
C ASP F 394 59.90 -20.35 20.93
N GLU F 395 60.36 -21.45 20.35
CA GLU F 395 61.38 -21.43 19.31
C GLU F 395 60.85 -20.97 17.93
N LEU F 396 59.59 -20.53 17.88
CA LEU F 396 58.99 -19.94 16.69
C LEU F 396 59.12 -18.42 16.72
N LYS F 397 59.54 -17.84 15.60
CA LYS F 397 59.70 -16.40 15.48
C LYS F 397 58.71 -15.93 14.41
N GLU F 398 57.63 -15.32 14.88
CA GLU F 398 56.61 -14.74 14.00
C GLU F 398 57.23 -13.65 13.12
N PRO F 399 56.82 -13.58 11.84
CA PRO F 399 57.26 -12.44 11.05
C PRO F 399 56.84 -11.12 11.69
N ASP F 400 57.65 -10.10 11.49
CA ASP F 400 57.33 -8.74 11.94
C ASP F 400 56.16 -8.17 11.14
N LEU F 401 55.68 -7.03 11.61
CA LEU F 401 54.58 -6.36 10.94
C LEU F 401 55.15 -5.34 9.99
N THR F 402 54.95 -5.57 8.69
CA THR F 402 55.32 -4.61 7.66
C THR F 402 54.12 -3.78 7.19
N ILE F 403 54.44 -2.73 6.45
CA ILE F 403 53.41 -1.83 5.91
C ILE F 403 52.52 -2.59 4.93
N LYS F 404 53.06 -3.60 4.26
CA LYS F 404 52.30 -4.39 3.28
C LYS F 404 51.13 -5.13 3.93
N ASP F 405 51.34 -5.55 5.18
CA ASP F 405 50.25 -6.19 5.94
C ASP F 405 49.10 -5.20 6.11
N PHE F 406 49.43 -3.94 6.40
CA PHE F 406 48.44 -2.88 6.55
C PHE F 406 47.84 -2.49 5.20
N LEU F 407 48.66 -2.52 4.15
CA LEU F 407 48.16 -2.28 2.80
C LEU F 407 47.07 -3.25 2.40
N LYS F 408 47.30 -4.52 2.71
CA LYS F 408 46.36 -5.61 2.53
C LYS F 408 45.15 -5.50 3.45
N ALA F 409 45.37 -5.05 4.68
CA ALA F 409 44.27 -4.72 5.58
C ALA F 409 43.38 -3.60 5.04
N ILE F 410 43.99 -2.62 4.39
CA ILE F 410 43.23 -1.62 3.65
C ILE F 410 42.45 -2.29 2.50
N LYS F 411 43.17 -3.16 1.78
CA LYS F 411 42.57 -3.87 0.66
C LYS F 411 41.35 -4.65 1.14
N SER F 412 41.41 -5.22 2.33
CA SER F 412 40.24 -5.96 2.82
C SER F 412 39.11 -5.03 3.32
N THR F 413 39.30 -3.70 3.39
CA THR F 413 38.24 -2.79 3.81
C THR F 413 37.92 -1.74 2.74
N ARG F 414 36.82 -1.98 2.03
CA ARG F 414 36.35 -1.04 1.02
C ARG F 414 35.67 0.11 1.74
N PRO F 415 35.55 1.29 1.11
CA PRO F 415 34.89 2.44 1.78
C PRO F 415 33.58 2.12 2.52
N THR F 416 33.46 2.60 3.77
CA THR F 416 32.40 2.13 4.70
C THR F 416 31.32 3.19 4.93
N VAL F 417 31.29 4.23 4.10
CA VAL F 417 30.55 5.44 4.43
C VAL F 417 29.25 5.54 3.63
N ASN F 418 28.13 5.67 4.33
CA ASN F 418 26.85 6.06 3.69
C ASN F 418 26.64 7.56 3.96
N GLU F 419 26.78 8.37 2.92
CA GLU F 419 26.87 9.84 3.06
C GLU F 419 25.55 10.51 3.44
N ASP F 420 24.45 9.84 3.08
CA ASP F 420 23.11 10.29 3.47
C ASP F 420 23.02 10.48 4.98
N ASP F 421 23.59 9.51 5.71
CA ASP F 421 23.61 9.61 7.17
C ASP F 421 24.34 10.86 7.60
N LEU F 422 25.48 11.14 6.97
CA LEU F 422 26.27 12.31 7.29
C LEU F 422 25.46 13.59 7.07
N LEU F 423 24.75 13.62 5.95
CA LEU F 423 23.90 14.74 5.59
C LEU F 423 22.81 14.96 6.68
N LYS F 424 22.21 13.86 7.09
CA LYS F 424 21.15 13.92 8.07
C LYS F 424 21.70 14.43 9.43
N GLN F 425 22.87 13.96 9.79
CA GLN F 425 23.51 14.41 11.03
C GLN F 425 23.85 15.90 10.94
N GLU F 426 24.27 16.37 9.79
CA GLU F 426 24.53 17.79 9.58
C GLU F 426 23.25 18.63 9.75
N GLN F 427 22.16 18.11 9.18
CA GLN F 427 20.87 18.73 9.25
C GLN F 427 20.44 18.88 10.71
N PHE F 428 20.45 17.76 11.42
CA PHE F 428 20.08 17.73 12.83
C PHE F 428 20.99 18.72 13.62
N THR F 429 22.26 18.73 13.26
CA THR F 429 23.23 19.54 13.98
C THR F 429 22.92 21.03 13.84
N ARG F 430 22.56 21.42 12.62
CA ARG F 430 22.18 22.79 12.29
C ARG F 430 20.86 23.15 12.96
N ASP F 431 19.91 22.24 13.02
CA ASP F 431 18.54 22.53 13.46
C ASP F 431 18.34 22.43 14.98
N PHE F 432 18.86 21.35 15.57
CA PHE F 432 18.74 21.11 17.00
C PHE F 432 20.14 20.95 17.60
N GLY F 433 20.38 21.55 18.77
CA GLY F 433 21.70 21.52 19.41
C GLY F 433 22.29 22.91 19.55
N GLN F 434 22.09 23.75 18.53
CA GLN F 434 22.51 25.15 18.57
C GLN F 434 21.64 25.92 19.57
N GLU F 435 20.33 25.81 19.39
CA GLU F 435 19.35 26.33 20.35
C GLU F 435 19.13 25.29 21.45
N GLY F 436 18.73 25.76 22.63
CA GLY F 436 18.54 24.91 23.81
C GLY F 436 17.43 23.87 23.70
N ASN F 437 16.32 24.25 23.05
CA ASN F 437 15.14 23.40 22.85
C ASN F 437 14.45 23.04 24.16
N LYS G 277 -55.34 9.17 -25.32
CA LYS G 277 -56.15 9.18 -26.58
C LYS G 277 -56.08 10.54 -27.26
N SER G 278 -56.14 10.52 -28.59
CA SER G 278 -56.09 11.72 -29.45
C SER G 278 -54.80 12.54 -29.26
N TYR G 279 -53.74 12.11 -29.94
CA TYR G 279 -52.43 12.77 -29.87
C TYR G 279 -51.60 12.48 -31.13
N THR G 280 -51.31 13.52 -31.90
CA THR G 280 -50.57 13.39 -33.17
C THR G 280 -49.05 13.32 -33.01
N LYS G 281 -48.53 13.67 -31.82
CA LYS G 281 -47.10 13.64 -31.48
C LYS G 281 -46.23 14.76 -32.08
N ASP G 282 -46.83 15.66 -32.87
CA ASP G 282 -46.16 16.89 -33.33
C ASP G 282 -46.56 18.12 -32.49
N GLU G 283 -47.52 17.94 -31.58
CA GLU G 283 -47.98 19.00 -30.69
C GLU G 283 -46.96 19.28 -29.61
N LEU G 284 -46.26 18.24 -29.14
CA LEU G 284 -45.36 18.29 -28.02
C LEU G 284 -44.33 19.38 -28.21
N THR G 285 -43.89 19.63 -29.43
CA THR G 285 -42.89 20.66 -29.70
C THR G 285 -43.46 22.02 -29.31
N LYS G 286 -44.60 22.36 -29.90
CA LYS G 286 -45.29 23.61 -29.65
C LYS G 286 -45.60 23.76 -28.16
N ILE G 287 -45.98 22.64 -27.53
CA ILE G 287 -46.41 22.63 -26.14
C ILE G 287 -45.23 23.00 -25.27
N MET G 288 -44.09 22.34 -25.45
CA MET G 288 -42.92 22.64 -24.68
C MET G 288 -42.39 24.01 -24.97
N ASP G 289 -42.54 24.50 -26.20
CA ASP G 289 -42.12 25.85 -26.55
C ASP G 289 -42.91 26.89 -25.75
N ARG G 290 -44.23 26.77 -25.82
CA ARG G 290 -45.15 27.63 -25.12
C ARG G 290 -44.96 27.54 -23.62
N ALA G 291 -44.56 26.38 -23.10
CA ALA G 291 -44.26 26.22 -21.69
C ALA G 291 -43.02 26.98 -21.28
N SER G 292 -41.98 26.91 -22.13
CA SER G 292 -40.76 27.68 -21.96
C SER G 292 -41.04 29.18 -21.98
N LYS G 293 -41.95 29.58 -22.86
CA LYS G 293 -42.36 30.97 -22.99
C LYS G 293 -43.04 31.44 -21.70
N ILE G 294 -43.93 30.59 -21.17
CA ILE G 294 -44.62 30.86 -19.93
C ILE G 294 -43.62 31.04 -18.78
N GLU G 295 -42.62 30.14 -18.75
CA GLU G 295 -41.58 30.17 -17.75
C GLU G 295 -40.80 31.48 -17.80
N GLN G 296 -40.49 31.88 -19.03
CA GLN G 296 -39.75 33.13 -19.25
C GLN G 296 -40.56 34.33 -18.78
N ILE G 297 -41.86 34.32 -19.07
CA ILE G 297 -42.76 35.36 -18.62
C ILE G 297 -42.76 35.46 -17.09
N GLN G 298 -42.84 34.29 -16.45
CA GLN G 298 -42.85 34.19 -15.01
C GLN G 298 -41.57 34.79 -14.42
N LYS G 299 -40.45 34.46 -15.06
CA LYS G 299 -39.15 34.98 -14.65
C LYS G 299 -39.13 36.51 -14.74
N LEU G 300 -39.61 37.00 -15.86
CA LEU G 300 -39.68 38.43 -16.12
C LEU G 300 -40.48 39.15 -15.05
N ALA G 301 -41.64 38.57 -14.69
CA ALA G 301 -42.52 39.10 -13.68
C ALA G 301 -41.81 39.20 -12.32
N LYS G 302 -41.08 38.13 -11.99
CA LYS G 302 -40.32 38.07 -10.75
C LYS G 302 -39.25 39.12 -10.70
N TYR G 303 -38.60 39.32 -11.85
CA TYR G 303 -37.54 40.33 -11.97
C TYR G 303 -38.14 41.72 -11.79
N ALA G 304 -39.31 41.94 -12.38
CA ALA G 304 -40.01 43.20 -12.24
C ALA G 304 -40.33 43.49 -10.78
N ILE G 305 -40.82 42.45 -10.08
CA ILE G 305 -41.10 42.59 -8.64
C ILE G 305 -39.83 42.93 -7.86
N SER G 306 -38.73 42.30 -8.25
CA SER G 306 -37.45 42.57 -7.61
C SER G 306 -37.04 44.04 -7.80
N ALA G 307 -37.21 44.51 -9.03
CA ALA G 307 -36.92 45.88 -9.40
C ALA G 307 -37.77 46.89 -8.62
N LEU G 308 -39.02 46.53 -8.41
CA LEU G 308 -39.93 47.32 -7.60
C LEU G 308 -39.52 47.39 -6.14
N ASN G 309 -39.08 46.24 -5.59
CA ASN G 309 -38.47 46.25 -4.26
C ASN G 309 -37.23 47.16 -4.15
N TYR G 310 -36.60 47.48 -5.28
CA TYR G 310 -35.47 48.41 -5.36
C TYR G 310 -35.87 49.80 -5.90
N GLU G 311 -37.18 50.05 -5.99
CA GLU G 311 -37.71 51.36 -6.42
C GLU G 311 -37.15 51.80 -7.78
N ASP G 312 -36.99 50.81 -8.67
CA ASP G 312 -36.45 50.94 -10.02
C ASP G 312 -37.58 50.80 -11.05
N LEU G 313 -38.34 51.87 -11.23
CA LEU G 313 -39.55 51.83 -12.04
C LEU G 313 -39.28 51.51 -13.52
N PRO G 314 -38.25 52.14 -14.14
CA PRO G 314 -38.06 51.93 -15.57
C PRO G 314 -37.75 50.49 -15.89
N THR G 315 -36.93 49.85 -15.04
CA THR G 315 -36.59 48.45 -15.21
C THR G 315 -37.85 47.58 -15.14
N ALA G 316 -38.68 47.88 -14.14
CA ALA G 316 -39.93 47.18 -13.93
C ALA G 316 -40.81 47.28 -15.18
N LYS G 317 -40.89 48.49 -15.72
CA LYS G 317 -41.70 48.79 -16.89
C LYS G 317 -41.20 47.97 -18.09
N ASP G 318 -39.88 47.93 -18.25
CA ASP G 318 -39.28 47.26 -19.38
C ASP G 318 -39.52 45.76 -19.27
N GLU G 319 -39.41 45.20 -18.07
CA GLU G 319 -39.58 43.77 -17.89
C GLU G 319 -41.02 43.34 -18.06
N LEU G 320 -41.94 44.14 -17.53
CA LEU G 320 -43.37 43.90 -17.75
C LEU G 320 -43.73 44.07 -19.22
N THR G 321 -43.12 45.03 -19.91
CA THR G 321 -43.39 45.21 -21.34
C THR G 321 -42.90 44.02 -22.13
N LYS G 322 -41.70 43.53 -21.78
CA LYS G 322 -41.13 42.36 -22.44
C LYS G 322 -41.96 41.13 -22.16
N ALA G 323 -42.54 41.03 -20.98
CA ALA G 323 -43.40 39.89 -20.63
C ALA G 323 -44.69 40.00 -21.46
N LEU G 324 -45.16 41.24 -21.59
CA LEU G 324 -46.44 41.52 -22.21
C LEU G 324 -46.40 41.17 -23.69
N ASP G 325 -45.34 41.63 -24.35
CA ASP G 325 -45.14 41.38 -25.76
C ASP G 325 -44.82 39.91 -26.02
N LEU G 326 -44.10 39.27 -25.08
CA LEU G 326 -43.85 37.84 -25.18
C LEU G 326 -45.13 37.02 -25.06
N LEU G 327 -46.06 37.50 -24.23
CA LEU G 327 -47.35 36.86 -24.07
C LEU G 327 -48.20 37.01 -25.34
N ASN G 328 -48.18 38.21 -25.91
CA ASN G 328 -48.93 38.59 -27.10
C ASN G 328 -48.55 37.82 -28.35
N SER G 329 -47.30 37.39 -28.46
CA SER G 329 -46.79 36.80 -29.68
C SER G 329 -47.36 35.41 -30.01
N ILE G 330 -47.59 34.59 -28.98
CA ILE G 330 -48.27 33.29 -29.16
C ILE G 330 -49.79 33.49 -29.31
N ASP H 289 -48.45 58.78 -3.46
CA ASP H 289 -48.22 58.00 -2.20
C ASP H 289 -47.06 57.02 -2.35
N ARG H 290 -47.19 56.12 -3.33
CA ARG H 290 -46.16 55.12 -3.68
C ARG H 290 -45.78 54.08 -2.59
N ALA H 291 -46.70 53.16 -2.36
CA ALA H 291 -46.44 51.97 -1.53
C ALA H 291 -47.54 50.92 -1.75
N SER H 292 -48.76 51.37 -1.51
CA SER H 292 -49.97 50.61 -1.83
C SER H 292 -50.16 50.37 -3.33
N LYS H 293 -49.76 51.30 -4.20
CA LYS H 293 -49.81 51.08 -5.65
C LYS H 293 -48.86 49.96 -6.07
N ILE H 294 -47.67 49.95 -5.49
CA ILE H 294 -46.73 48.86 -5.73
C ILE H 294 -47.31 47.53 -5.23
N GLU H 295 -47.96 47.55 -4.07
CA GLU H 295 -48.59 46.37 -3.54
C GLU H 295 -49.66 45.85 -4.51
N GLN H 296 -50.45 46.77 -5.03
CA GLN H 296 -51.49 46.42 -5.99
C GLN H 296 -50.90 45.80 -7.27
N ILE H 297 -49.80 46.37 -7.73
CA ILE H 297 -49.08 45.84 -8.88
C ILE H 297 -48.64 44.40 -8.62
N GLN H 298 -48.10 44.19 -7.41
CA GLN H 298 -47.63 42.87 -7.01
C GLN H 298 -48.77 41.86 -7.01
N LYS H 299 -49.91 42.30 -6.48
CA LYS H 299 -51.12 41.49 -6.41
C LYS H 299 -51.55 41.08 -7.83
N LEU H 300 -51.55 42.06 -8.73
CA LEU H 300 -51.95 41.83 -10.11
C LEU H 300 -51.00 40.82 -10.77
N ALA H 301 -49.71 40.94 -10.49
CA ALA H 301 -48.70 40.02 -10.99
C ALA H 301 -48.98 38.59 -10.51
N LYS H 302 -49.30 38.47 -9.21
CA LYS H 302 -49.62 37.22 -8.61
C LYS H 302 -50.81 36.57 -9.28
N TYR H 303 -51.81 37.41 -9.56
CA TYR H 303 -53.05 36.98 -10.23
C TYR H 303 -52.74 36.49 -11.65
N ALA H 304 -51.90 37.23 -12.37
CA ALA H 304 -51.43 36.83 -13.68
C ALA H 304 -50.73 35.48 -13.68
N ILE H 305 -49.90 35.26 -12.64
CA ILE H 305 -49.16 34.02 -12.48
C ILE H 305 -50.08 32.85 -12.18
N SER H 306 -51.07 33.05 -11.31
CA SER H 306 -52.10 32.08 -11.05
C SER H 306 -52.84 31.69 -12.34
N ALA H 307 -53.15 32.71 -13.13
CA ALA H 307 -53.85 32.54 -14.38
C ALA H 307 -53.06 31.67 -15.38
N LEU H 308 -51.78 31.99 -15.49
CA LEU H 308 -50.86 31.26 -16.32
C LEU H 308 -50.69 29.83 -15.84
N ASN H 309 -50.63 29.66 -14.54
CA ASN H 309 -50.54 28.34 -13.91
C ASN H 309 -51.73 27.49 -14.40
N TYR H 310 -52.91 28.07 -14.64
CA TYR H 310 -54.09 27.35 -15.19
C TYR H 310 -54.38 27.65 -16.68
N GLU H 311 -53.36 28.14 -17.38
CA GLU H 311 -53.39 28.39 -18.81
C GLU H 311 -54.52 29.33 -19.25
N ASP H 312 -54.92 30.23 -18.37
CA ASP H 312 -55.94 31.22 -18.66
C ASP H 312 -55.23 32.44 -19.27
N LEU H 313 -54.93 32.38 -20.57
CA LEU H 313 -54.09 33.39 -21.19
C LEU H 313 -54.69 34.79 -21.22
N PRO H 314 -56.00 34.92 -21.53
CA PRO H 314 -56.57 36.27 -21.63
C PRO H 314 -56.55 37.00 -20.29
N THR H 315 -56.85 36.25 -19.23
CA THR H 315 -56.79 36.82 -17.88
C THR H 315 -55.38 37.31 -17.56
N ALA H 316 -54.40 36.48 -17.92
CA ALA H 316 -52.99 36.82 -17.70
C ALA H 316 -52.63 38.10 -18.44
N LYS H 317 -53.09 38.20 -19.68
CA LYS H 317 -52.84 39.34 -20.54
C LYS H 317 -53.40 40.61 -19.88
N ASP H 318 -54.65 40.52 -19.43
CA ASP H 318 -55.35 41.67 -18.90
C ASP H 318 -54.74 42.12 -17.57
N GLU H 319 -54.28 41.15 -16.77
CA GLU H 319 -53.71 41.45 -15.47
C GLU H 319 -52.33 42.05 -15.60
N LEU H 320 -51.52 41.52 -16.50
CA LEU H 320 -50.21 42.10 -16.79
C LEU H 320 -50.40 43.50 -17.38
N THR H 321 -51.43 43.69 -18.19
CA THR H 321 -51.67 44.99 -18.80
C THR H 321 -52.06 46.01 -17.74
N LYS H 322 -52.89 45.60 -16.78
CA LYS H 322 -53.31 46.45 -15.69
C LYS H 322 -52.14 46.78 -14.79
N ALA H 323 -51.28 45.81 -14.54
CA ALA H 323 -50.08 46.02 -13.73
C ALA H 323 -49.19 47.06 -14.38
N LEU H 324 -49.07 46.96 -15.72
CA LEU H 324 -48.17 47.84 -16.46
C LEU H 324 -48.70 49.26 -16.54
N ASP H 325 -50.00 49.35 -16.78
CA ASP H 325 -50.66 50.66 -16.85
C ASP H 325 -50.56 51.37 -15.50
N LEU H 326 -50.82 50.61 -14.43
CA LEU H 326 -50.71 51.14 -13.07
C LEU H 326 -49.28 51.58 -12.76
N LEU H 327 -48.31 50.80 -13.23
CA LEU H 327 -46.92 51.16 -13.04
C LEU H 327 -46.56 52.47 -13.76
N ASN H 328 -47.11 52.65 -14.95
CA ASN H 328 -46.95 53.87 -15.71
C ASN H 328 -47.61 55.09 -15.06
N SER H 329 -48.71 54.82 -14.37
CA SER H 329 -49.46 55.84 -13.66
C SER H 329 -48.74 56.32 -12.42
N ILE H 330 -47.87 55.51 -11.82
CA ILE H 330 -47.02 55.97 -10.69
C ILE H 330 -45.99 56.98 -11.21
N LYS I 277 -18.66 -41.07 -39.13
CA LYS I 277 -18.52 -39.77 -39.82
C LYS I 277 -19.89 -39.23 -40.25
N SER I 278 -20.09 -37.93 -40.10
CA SER I 278 -21.36 -37.28 -40.43
C SER I 278 -21.25 -35.76 -40.59
N TYR I 279 -20.95 -35.07 -39.49
CA TYR I 279 -20.98 -33.60 -39.44
C TYR I 279 -19.64 -32.95 -39.78
N THR I 280 -19.48 -32.56 -41.05
CA THR I 280 -18.29 -31.85 -41.53
C THR I 280 -18.41 -30.35 -41.22
N LYS I 281 -17.28 -29.66 -41.15
CA LYS I 281 -17.25 -28.22 -40.78
C LYS I 281 -17.94 -27.25 -41.77
N ASP I 282 -18.05 -27.63 -43.04
CA ASP I 282 -18.64 -26.74 -44.07
C ASP I 282 -20.15 -26.52 -43.89
N GLU I 283 -20.89 -27.57 -43.53
CA GLU I 283 -22.30 -27.47 -43.21
C GLU I 283 -22.52 -26.85 -41.86
N LEU I 284 -21.57 -27.04 -40.93
CA LEU I 284 -21.71 -26.56 -39.56
C LEU I 284 -21.84 -25.04 -39.51
N THR I 285 -21.12 -24.35 -40.39
CA THR I 285 -21.22 -22.90 -40.47
C THR I 285 -22.65 -22.49 -40.86
N LYS I 286 -23.18 -23.19 -41.86
CA LYS I 286 -24.54 -22.94 -42.33
C LYS I 286 -25.55 -23.15 -41.21
N ILE I 287 -25.33 -24.25 -40.47
CA ILE I 287 -26.18 -24.60 -39.33
C ILE I 287 -26.18 -23.47 -38.31
N MET I 288 -24.98 -22.94 -38.01
CA MET I 288 -24.79 -21.86 -37.08
C MET I 288 -25.53 -20.60 -37.53
N ASP I 289 -25.42 -20.32 -38.81
CA ASP I 289 -26.06 -19.17 -39.44
C ASP I 289 -27.59 -19.26 -39.26
N ARG I 290 -28.11 -20.43 -39.60
CA ARG I 290 -29.53 -20.72 -39.45
C ARG I 290 -29.96 -20.54 -38.01
N ALA I 291 -29.16 -21.01 -37.07
CA ALA I 291 -29.46 -20.86 -35.66
C ALA I 291 -29.54 -19.39 -35.22
N SER I 292 -28.56 -18.60 -35.68
CA SER I 292 -28.51 -17.20 -35.35
C SER I 292 -29.76 -16.51 -35.90
N LYS I 293 -30.11 -16.84 -37.14
CA LYS I 293 -31.24 -16.20 -37.79
C LYS I 293 -32.55 -16.57 -37.14
N ILE I 294 -32.70 -17.81 -36.71
CA ILE I 294 -33.86 -18.23 -35.95
C ILE I 294 -33.95 -17.50 -34.62
N GLU I 295 -32.81 -17.36 -33.94
CA GLU I 295 -32.76 -16.58 -32.71
C GLU I 295 -33.28 -15.16 -32.94
N GLN I 296 -32.81 -14.58 -34.05
CA GLN I 296 -33.22 -13.23 -34.44
C GLN I 296 -34.74 -13.19 -34.66
N ILE I 297 -35.27 -14.23 -35.31
CA ILE I 297 -36.68 -14.28 -35.60
C ILE I 297 -37.49 -14.34 -34.31
N GLN I 298 -37.02 -15.14 -33.35
CA GLN I 298 -37.66 -15.27 -32.06
C GLN I 298 -37.64 -13.96 -31.31
N LYS I 299 -36.53 -13.24 -31.40
CA LYS I 299 -36.39 -11.94 -30.75
C LYS I 299 -37.38 -10.93 -31.33
N LEU I 300 -37.48 -10.92 -32.65
CA LEU I 300 -38.42 -10.07 -33.36
C LEU I 300 -39.86 -10.38 -32.96
N ALA I 301 -40.19 -11.66 -32.84
CA ALA I 301 -41.50 -12.08 -32.39
C ALA I 301 -41.78 -11.59 -30.99
N LYS I 302 -40.77 -11.66 -30.12
CA LYS I 302 -40.91 -11.20 -28.74
C LYS I 302 -41.19 -9.71 -28.73
N TYR I 303 -40.51 -8.97 -29.59
CA TYR I 303 -40.72 -7.52 -29.72
C TYR I 303 -42.17 -7.23 -30.15
N ALA I 304 -42.60 -7.97 -31.16
CA ALA I 304 -43.97 -7.87 -31.65
C ALA I 304 -44.99 -8.06 -30.52
N ILE I 305 -44.72 -9.08 -29.71
CA ILE I 305 -45.52 -9.39 -28.55
C ILE I 305 -45.56 -8.18 -27.61
N SER I 306 -44.37 -7.56 -27.40
CA SER I 306 -44.26 -6.44 -26.50
C SER I 306 -45.13 -5.25 -26.97
N ALA I 307 -44.96 -4.93 -28.25
CA ALA I 307 -45.64 -3.84 -28.89
C ALA I 307 -47.14 -4.02 -28.89
N LEU I 308 -47.56 -5.26 -29.09
CA LEU I 308 -48.98 -5.63 -28.98
C LEU I 308 -49.54 -5.54 -27.54
N ASN I 309 -48.66 -5.76 -26.56
CA ASN I 309 -49.00 -5.48 -25.18
C ASN I 309 -49.25 -3.99 -24.93
N TYR I 310 -48.87 -3.11 -25.84
CA TYR I 310 -49.25 -1.68 -25.80
C TYR I 310 -50.39 -1.33 -26.78
N GLU I 311 -51.00 -2.34 -27.39
CA GLU I 311 -51.93 -2.14 -28.50
C GLU I 311 -51.34 -1.24 -29.61
N ASP I 312 -50.02 -1.36 -29.81
CA ASP I 312 -49.30 -0.60 -30.83
C ASP I 312 -49.19 -1.44 -32.10
N LEU I 313 -50.28 -1.45 -32.88
CA LEU I 313 -50.42 -2.29 -34.06
C LEU I 313 -49.34 -2.09 -35.13
N PRO I 314 -49.00 -0.84 -35.50
CA PRO I 314 -47.99 -0.65 -36.56
C PRO I 314 -46.63 -1.23 -36.22
N THR I 315 -46.18 -1.04 -34.97
CA THR I 315 -44.87 -1.53 -34.57
C THR I 315 -44.85 -3.07 -34.60
N ALA I 316 -45.90 -3.67 -34.04
CA ALA I 316 -46.03 -5.11 -34.00
C ALA I 316 -46.05 -5.71 -35.40
N LYS I 317 -46.80 -5.06 -36.28
CA LYS I 317 -46.92 -5.45 -37.67
C LYS I 317 -45.57 -5.37 -38.36
N ASP I 318 -44.81 -4.33 -38.10
CA ASP I 318 -43.51 -4.13 -38.69
C ASP I 318 -42.52 -5.20 -38.23
N GLU I 319 -42.56 -5.51 -36.94
CA GLU I 319 -41.65 -6.48 -36.37
C GLU I 319 -41.96 -7.90 -36.84
N LEU I 320 -43.23 -8.24 -36.90
CA LEU I 320 -43.68 -9.51 -37.46
C LEU I 320 -43.35 -9.54 -38.95
N THR I 321 -43.40 -8.41 -39.65
CA THR I 321 -43.01 -8.39 -41.07
C THR I 321 -41.52 -8.71 -41.23
N LYS I 322 -40.72 -8.12 -40.34
CA LYS I 322 -39.29 -8.36 -40.32
C LYS I 322 -38.99 -9.86 -40.09
N ALA I 323 -39.72 -10.42 -39.13
CA ALA I 323 -39.58 -11.82 -38.77
C ALA I 323 -39.94 -12.71 -39.95
N LEU I 324 -40.99 -12.34 -40.67
CA LEU I 324 -41.59 -13.11 -41.73
C LEU I 324 -40.70 -13.09 -42.96
N ASP I 325 -40.11 -11.93 -43.26
CA ASP I 325 -39.25 -11.82 -44.42
C ASP I 325 -37.90 -12.46 -44.17
N LEU I 326 -37.46 -12.44 -42.91
CA LEU I 326 -36.25 -13.15 -42.49
C LEU I 326 -36.46 -14.68 -42.55
N LEU I 327 -37.60 -15.15 -42.08
CA LEU I 327 -37.90 -16.58 -42.11
C LEU I 327 -38.02 -17.07 -43.55
N ASN I 328 -38.50 -16.20 -44.44
CA ASN I 328 -38.54 -16.49 -45.87
C ASN I 328 -37.17 -16.58 -46.51
N SER I 329 -36.20 -15.87 -45.95
CA SER I 329 -34.84 -15.86 -46.49
C SER I 329 -33.94 -17.00 -45.98
N ILE I 330 -34.46 -17.87 -45.12
CA ILE I 330 -33.75 -19.10 -44.68
C ILE I 330 -34.45 -20.35 -45.21
N ASP J 289 -64.50 -8.16 -32.59
CA ASP J 289 -64.14 -7.70 -31.21
C ASP J 289 -62.63 -7.49 -31.07
N ARG J 290 -62.25 -6.81 -29.99
CA ARG J 290 -60.84 -6.50 -29.69
C ARG J 290 -60.43 -6.83 -28.25
N ALA J 291 -60.07 -8.09 -28.03
CA ALA J 291 -59.48 -8.56 -26.76
C ALA J 291 -59.10 -10.05 -26.86
N SER J 292 -60.11 -10.84 -27.17
CA SER J 292 -59.93 -12.25 -27.48
C SER J 292 -59.16 -12.47 -28.79
N LYS J 293 -59.32 -11.60 -29.79
CA LYS J 293 -58.54 -11.66 -31.03
C LYS J 293 -57.07 -11.43 -30.74
N ILE J 294 -56.78 -10.46 -29.88
CA ILE J 294 -55.40 -10.19 -29.46
C ILE J 294 -54.83 -11.43 -28.74
N GLU J 295 -55.63 -12.03 -27.87
CA GLU J 295 -55.24 -13.22 -27.15
C GLU J 295 -54.89 -14.35 -28.13
N GLN J 296 -55.74 -14.50 -29.14
CA GLN J 296 -55.53 -15.52 -30.16
C GLN J 296 -54.23 -15.27 -30.94
N ILE J 297 -53.96 -14.01 -31.27
CA ILE J 297 -52.74 -13.62 -31.92
C ILE J 297 -51.52 -14.00 -31.08
N GLN J 298 -51.62 -13.70 -29.78
CA GLN J 298 -50.56 -14.02 -28.84
C GLN J 298 -50.28 -15.53 -28.81
N LYS J 299 -51.36 -16.30 -28.79
CA LYS J 299 -51.31 -17.74 -28.78
C LYS J 299 -50.59 -18.26 -30.01
N LEU J 300 -51.02 -17.75 -31.16
CA LEU J 300 -50.44 -18.12 -32.45
C LEU J 300 -48.94 -17.81 -32.46
N ALA J 301 -48.55 -16.66 -31.93
CA ALA J 301 -47.16 -16.29 -31.86
C ALA J 301 -46.37 -17.28 -30.98
N LYS J 302 -46.97 -17.66 -29.86
CA LYS J 302 -46.36 -18.62 -28.96
C LYS J 302 -46.14 -19.95 -29.69
N TYR J 303 -47.14 -20.37 -30.45
CA TYR J 303 -47.06 -21.60 -31.23
C TYR J 303 -45.93 -21.53 -32.25
N ALA J 304 -45.81 -20.39 -32.89
CA ALA J 304 -44.76 -20.14 -33.86
C ALA J 304 -43.37 -20.23 -33.24
N ILE J 305 -43.26 -19.68 -32.03
CA ILE J 305 -42.04 -19.71 -31.24
C ILE J 305 -41.63 -21.12 -30.85
N SER J 306 -42.61 -21.90 -30.37
CA SER J 306 -42.44 -23.30 -30.06
C SER J 306 -41.93 -24.08 -31.29
N ALA J 307 -42.54 -23.77 -32.43
CA ALA J 307 -42.24 -24.41 -33.69
C ALA J 307 -40.77 -24.15 -34.12
N LEU J 308 -40.38 -22.88 -34.02
CA LEU J 308 -39.03 -22.46 -34.30
C LEU J 308 -38.03 -23.08 -33.35
N ASN J 309 -38.41 -23.16 -32.09
CA ASN J 309 -37.59 -23.79 -31.05
C ASN J 309 -37.26 -25.23 -31.50
N TYR J 310 -38.20 -25.92 -32.18
CA TYR J 310 -37.98 -27.29 -32.70
C TYR J 310 -37.77 -27.35 -34.24
N GLU J 311 -37.33 -26.23 -34.80
CA GLU J 311 -36.87 -26.14 -36.17
C GLU J 311 -37.94 -26.51 -37.21
N ASP J 312 -39.22 -26.35 -36.85
CA ASP J 312 -40.32 -26.64 -37.74
C ASP J 312 -40.68 -25.37 -38.52
N LEU J 313 -39.96 -25.07 -39.60
CA LEU J 313 -40.09 -23.79 -40.26
C LEU J 313 -41.46 -23.56 -40.91
N PRO J 314 -42.04 -24.58 -41.59
CA PRO J 314 -43.30 -24.35 -42.28
C PRO J 314 -44.44 -24.03 -41.30
N THR J 315 -44.44 -24.74 -40.16
CA THR J 315 -45.41 -24.49 -39.12
C THR J 315 -45.28 -23.06 -38.60
N ALA J 316 -44.05 -22.64 -38.40
CA ALA J 316 -43.75 -21.29 -37.93
C ALA J 316 -44.30 -20.25 -38.90
N LYS J 317 -44.05 -20.51 -40.19
CA LYS J 317 -44.47 -19.63 -41.27
C LYS J 317 -46.00 -19.48 -41.24
N ASP J 318 -46.68 -20.62 -41.14
CA ASP J 318 -48.13 -20.64 -41.21
C ASP J 318 -48.76 -19.95 -39.99
N GLU J 319 -48.13 -20.12 -38.83
CA GLU J 319 -48.65 -19.55 -37.60
C GLU J 319 -48.43 -18.05 -37.56
N LEU J 320 -47.25 -17.60 -37.98
CA LEU J 320 -46.97 -16.17 -38.10
C LEU J 320 -47.88 -15.56 -39.15
N THR J 321 -48.18 -16.29 -40.22
CA THR J 321 -49.05 -15.75 -41.27
C THR J 321 -50.46 -15.60 -40.76
N LYS J 322 -50.94 -16.57 -39.98
CA LYS J 322 -52.27 -16.51 -39.38
C LYS J 322 -52.36 -15.38 -38.37
N ALA J 323 -51.29 -15.20 -37.60
CA ALA J 323 -51.24 -14.13 -36.61
C ALA J 323 -51.34 -12.78 -37.31
N LEU J 324 -50.65 -12.67 -38.45
CA LEU J 324 -50.56 -11.40 -39.18
C LEU J 324 -51.87 -11.07 -39.87
N ASP J 325 -52.47 -12.09 -40.47
CA ASP J 325 -53.75 -11.93 -41.15
C ASP J 325 -54.83 -11.53 -40.13
N LEU J 326 -54.81 -12.21 -38.98
CA LEU J 326 -55.76 -11.90 -37.91
C LEU J 326 -55.56 -10.48 -37.39
N LEU J 327 -54.30 -10.06 -37.28
CA LEU J 327 -53.98 -8.71 -36.86
C LEU J 327 -54.51 -7.66 -37.84
N ASN J 328 -54.40 -7.96 -39.12
CA ASN J 328 -54.92 -7.13 -40.18
C ASN J 328 -56.45 -7.05 -40.18
N SER J 329 -57.08 -8.15 -39.77
CA SER J 329 -58.52 -8.24 -39.68
C SER J 329 -59.08 -7.45 -38.52
N ILE J 330 -58.31 -7.21 -37.46
CA ILE J 330 -58.72 -6.30 -36.38
C ILE J 330 -58.75 -4.86 -36.89
N LYS K 277 40.44 -41.82 -25.63
CA LYS K 277 39.76 -41.19 -26.80
C LYS K 277 40.19 -39.74 -26.95
N SER K 278 40.20 -39.25 -28.19
CA SER K 278 40.57 -37.86 -28.50
C SER K 278 39.57 -36.84 -27.97
N TYR K 279 38.29 -37.20 -27.98
CA TYR K 279 37.18 -36.41 -27.40
C TYR K 279 36.86 -35.13 -28.17
N THR K 280 35.73 -35.16 -28.89
CA THR K 280 35.20 -33.98 -29.58
C THR K 280 34.64 -32.92 -28.61
N LYS K 281 34.30 -31.75 -29.16
CA LYS K 281 33.74 -30.62 -28.39
C LYS K 281 32.55 -29.97 -29.09
N ASP K 282 32.76 -29.50 -30.32
CA ASP K 282 31.70 -28.83 -31.10
C ASP K 282 30.57 -29.76 -31.58
N GLU K 283 30.84 -31.07 -31.64
CA GLU K 283 29.86 -32.06 -31.97
C GLU K 283 28.90 -32.30 -30.86
N LEU K 284 29.22 -31.91 -29.62
CA LEU K 284 28.28 -32.11 -28.51
C LEU K 284 26.98 -31.36 -28.76
N THR K 285 27.08 -30.13 -29.28
CA THR K 285 25.91 -29.34 -29.60
C THR K 285 25.06 -30.02 -30.68
N LYS K 286 25.71 -30.58 -31.68
CA LYS K 286 25.01 -31.33 -32.71
C LYS K 286 24.30 -32.60 -32.21
N ILE K 287 24.98 -33.25 -31.27
CA ILE K 287 24.41 -34.40 -30.57
C ILE K 287 23.14 -34.01 -29.81
N MET K 288 23.22 -32.85 -29.16
CA MET K 288 22.11 -32.23 -28.46
C MET K 288 20.96 -31.94 -29.41
N ASP K 289 21.28 -31.51 -30.63
CA ASP K 289 20.33 -31.17 -31.66
C ASP K 289 19.57 -32.41 -32.15
N ARG K 290 20.36 -33.43 -32.44
CA ARG K 290 19.85 -34.75 -32.83
C ARG K 290 18.94 -35.29 -31.70
N ALA K 291 19.33 -35.12 -30.44
CA ALA K 291 18.50 -35.52 -29.32
C ALA K 291 17.20 -34.73 -29.27
N SER K 292 17.28 -33.45 -29.59
CA SER K 292 16.07 -32.62 -29.65
C SER K 292 15.12 -33.15 -30.71
N LYS K 293 15.67 -33.55 -31.85
CA LYS K 293 14.88 -34.09 -32.95
C LYS K 293 14.19 -35.42 -32.56
N ILE K 294 14.99 -36.28 -31.93
CA ILE K 294 14.51 -37.53 -31.39
C ILE K 294 13.43 -37.32 -30.34
N GLU K 295 13.64 -36.33 -29.47
CA GLU K 295 12.65 -35.96 -28.48
C GLU K 295 11.34 -35.56 -29.16
N GLN K 296 11.45 -34.76 -30.21
CA GLN K 296 10.29 -34.31 -30.96
C GLN K 296 9.52 -35.50 -31.54
N ILE K 297 10.27 -36.44 -32.10
CA ILE K 297 9.71 -37.66 -32.67
C ILE K 297 8.93 -38.44 -31.59
N GLN K 298 9.55 -38.55 -30.43
CA GLN K 298 8.95 -39.26 -29.30
C GLN K 298 7.68 -38.58 -28.87
N LYS K 299 7.66 -37.26 -28.85
CA LYS K 299 6.49 -36.47 -28.51
C LYS K 299 5.36 -36.73 -29.49
N LEU K 300 5.72 -36.74 -30.78
CA LEU K 300 4.77 -37.03 -31.86
C LEU K 300 4.12 -38.41 -31.67
N ALA K 301 4.97 -39.37 -31.31
CA ALA K 301 4.55 -40.74 -31.08
C ALA K 301 3.58 -40.80 -29.89
N LYS K 302 3.90 -40.05 -28.85
CA LYS K 302 3.06 -40.00 -27.66
C LYS K 302 1.68 -39.44 -27.98
N TYR K 303 1.69 -38.35 -28.76
CA TYR K 303 0.44 -37.72 -29.17
C TYR K 303 -0.39 -38.66 -30.02
N ALA K 304 0.29 -39.41 -30.89
CA ALA K 304 -0.38 -40.38 -31.73
C ALA K 304 -1.05 -41.46 -30.87
N ILE K 305 -0.32 -41.95 -29.87
CA ILE K 305 -0.84 -42.93 -28.94
C ILE K 305 -2.10 -42.40 -28.25
N SER K 306 -2.01 -41.15 -27.80
CA SER K 306 -3.10 -40.50 -27.12
C SER K 306 -4.33 -40.47 -27.99
N ALA K 307 -4.13 -40.10 -29.28
CA ALA K 307 -5.21 -39.99 -30.23
C ALA K 307 -5.82 -41.32 -30.66
N LEU K 308 -5.00 -42.39 -30.57
CA LEU K 308 -5.49 -43.74 -30.83
C LEU K 308 -6.29 -44.31 -29.69
N ASN K 309 -6.07 -43.83 -28.45
CA ASN K 309 -6.88 -44.24 -27.29
C ASN K 309 -8.37 -43.94 -27.45
N TYR K 310 -8.68 -42.85 -28.17
CA TYR K 310 -10.07 -42.46 -28.49
C TYR K 310 -10.41 -42.69 -29.97
N GLU K 311 -9.60 -43.50 -30.65
CA GLU K 311 -9.84 -43.90 -32.04
C GLU K 311 -9.94 -42.72 -33.03
N ASP K 312 -9.04 -41.75 -32.86
CA ASP K 312 -8.88 -40.63 -33.78
C ASP K 312 -7.74 -40.94 -34.75
N LEU K 313 -8.06 -41.77 -35.75
CA LEU K 313 -7.06 -42.22 -36.74
C LEU K 313 -6.40 -41.09 -37.53
N PRO K 314 -7.18 -40.12 -38.04
CA PRO K 314 -6.57 -39.01 -38.79
C PRO K 314 -5.50 -38.25 -38.04
N THR K 315 -5.73 -37.96 -36.76
CA THR K 315 -4.79 -37.18 -35.93
C THR K 315 -3.48 -37.99 -35.76
N ALA K 316 -3.68 -39.25 -35.37
CA ALA K 316 -2.59 -40.15 -35.07
C ALA K 316 -1.74 -40.36 -36.32
N LYS K 317 -2.39 -40.52 -37.48
CA LYS K 317 -1.68 -40.81 -38.70
C LYS K 317 -0.98 -39.60 -39.26
N ASP K 318 -1.50 -38.41 -39.03
CA ASP K 318 -0.78 -37.18 -39.42
C ASP K 318 0.47 -37.04 -38.56
N GLU K 319 0.33 -37.30 -37.26
CA GLU K 319 1.45 -37.16 -36.35
C GLU K 319 2.54 -38.18 -36.67
N LEU K 320 2.13 -39.44 -36.89
CA LEU K 320 3.06 -40.46 -37.31
C LEU K 320 3.74 -40.12 -38.62
N THR K 321 2.99 -39.57 -39.57
CA THR K 321 3.56 -39.15 -40.84
C THR K 321 4.66 -38.12 -40.64
N LYS K 322 4.36 -37.17 -39.76
CA LYS K 322 5.30 -36.09 -39.41
C LYS K 322 6.59 -36.68 -38.81
N ALA K 323 6.39 -37.63 -37.90
CA ALA K 323 7.49 -38.26 -37.19
C ALA K 323 8.40 -39.00 -38.15
N LEU K 324 7.77 -39.72 -39.09
CA LEU K 324 8.46 -40.55 -40.05
C LEU K 324 9.18 -39.72 -41.07
N ASP K 325 8.56 -38.64 -41.53
CA ASP K 325 9.19 -37.79 -42.53
C ASP K 325 10.41 -37.12 -41.89
N LEU K 326 10.23 -36.64 -40.65
CA LEU K 326 11.38 -35.93 -40.05
C LEU K 326 12.52 -36.90 -39.70
N LEU K 327 12.19 -38.12 -39.33
CA LEU K 327 13.21 -39.13 -39.11
C LEU K 327 13.90 -39.51 -40.41
N ASN K 328 13.21 -39.53 -41.51
CA ASN K 328 13.82 -39.71 -42.82
C ASN K 328 14.72 -38.55 -43.24
N SER K 329 14.39 -37.36 -42.76
CA SER K 329 15.27 -36.20 -42.91
C SER K 329 16.44 -36.29 -41.97
N ILE K 330 16.24 -36.91 -40.79
CA ILE K 330 17.40 -37.17 -39.90
C ILE K 330 18.34 -38.19 -40.55
N ASP L 289 -10.50 -57.67 -38.09
CA ASP L 289 -11.60 -56.73 -37.69
C ASP L 289 -11.02 -55.34 -37.42
N ARG L 290 -11.77 -54.49 -36.70
CA ARG L 290 -11.26 -53.20 -36.23
C ARG L 290 -11.35 -53.08 -34.70
N ALA L 291 -10.29 -53.55 -34.02
CA ALA L 291 -10.13 -53.35 -32.56
C ALA L 291 -8.76 -53.87 -32.09
N SER L 292 -8.56 -55.16 -32.28
CA SER L 292 -7.28 -55.78 -32.06
C SER L 292 -6.22 -55.35 -33.08
N LYS L 293 -6.59 -55.01 -34.31
CA LYS L 293 -5.65 -54.43 -35.28
C LYS L 293 -5.13 -53.08 -34.78
N ILE L 294 -6.03 -52.26 -34.26
CA ILE L 294 -5.63 -50.99 -33.66
C ILE L 294 -4.71 -51.23 -32.47
N GLU L 295 -5.02 -52.24 -31.66
CA GLU L 295 -4.19 -52.59 -30.53
C GLU L 295 -2.78 -52.97 -30.98
N GLN L 296 -2.72 -53.78 -32.02
CA GLN L 296 -1.46 -54.21 -32.60
C GLN L 296 -0.65 -53.01 -33.10
N ILE L 297 -1.32 -52.06 -33.75
CA ILE L 297 -0.70 -50.85 -34.19
C ILE L 297 -0.08 -50.10 -33.00
N GLN L 298 -0.86 -50.04 -31.91
CA GLN L 298 -0.40 -49.34 -30.71
C GLN L 298 0.86 -49.99 -30.14
N LYS L 299 0.85 -51.32 -30.14
CA LYS L 299 1.96 -52.12 -29.67
C LYS L 299 3.21 -51.83 -30.50
N LEU L 300 3.02 -51.80 -31.80
CA LEU L 300 4.11 -51.54 -32.74
C LEU L 300 4.68 -50.14 -32.48
N ALA L 301 3.80 -49.17 -32.25
CA ALA L 301 4.22 -47.80 -31.94
C ALA L 301 5.06 -47.75 -30.67
N LYS L 302 4.60 -48.49 -29.66
CA LYS L 302 5.29 -48.60 -28.38
C LYS L 302 6.71 -49.15 -28.58
N TYR L 303 6.78 -50.20 -29.40
CA TYR L 303 8.04 -50.84 -29.74
C TYR L 303 9.00 -49.87 -30.42
N ALA L 304 8.46 -49.10 -31.35
CA ALA L 304 9.21 -48.08 -32.07
C ALA L 304 9.77 -47.03 -31.14
N ILE L 305 8.95 -46.63 -30.17
CA ILE L 305 9.32 -45.66 -29.15
C ILE L 305 10.44 -46.15 -28.25
N SER L 306 10.31 -47.41 -27.80
CA SER L 306 11.35 -48.09 -27.04
C SER L 306 12.68 -48.10 -27.82
N ALA L 307 12.57 -48.42 -29.11
CA ALA L 307 13.70 -48.51 -30.00
C ALA L 307 14.44 -47.16 -30.13
N LEU L 308 13.65 -46.12 -30.34
CA LEU L 308 14.16 -44.77 -30.40
C LEU L 308 14.79 -44.33 -29.09
N ASN L 309 14.17 -44.70 -27.99
CA ASN L 309 14.68 -44.41 -26.65
C ASN L 309 16.11 -44.98 -26.55
N TYR L 310 16.41 -46.13 -27.20
CA TYR L 310 17.75 -46.74 -27.22
C TYR L 310 18.49 -46.57 -28.56
N GLU L 311 18.09 -45.55 -29.32
CA GLU L 311 18.79 -45.09 -30.53
C GLU L 311 18.84 -46.14 -31.65
N ASP L 312 17.95 -47.13 -31.61
CA ASP L 312 17.92 -48.20 -32.60
C ASP L 312 17.06 -47.74 -33.77
N LEU L 313 17.63 -46.96 -34.68
CA LEU L 313 16.85 -46.31 -35.72
C LEU L 313 16.21 -47.28 -36.71
N PRO L 314 16.94 -48.32 -37.17
CA PRO L 314 16.36 -49.21 -38.18
C PRO L 314 15.15 -49.96 -37.64
N THR L 315 15.24 -50.41 -36.38
CA THR L 315 14.13 -51.06 -35.73
C THR L 315 12.92 -50.14 -35.67
N ALA L 316 13.17 -48.90 -35.31
CA ALA L 316 12.12 -47.88 -35.22
C ALA L 316 11.44 -47.70 -36.57
N LYS L 317 12.26 -47.63 -37.61
CA LYS L 317 11.80 -47.45 -38.97
C LYS L 317 10.87 -48.61 -39.37
N ASP L 318 11.34 -49.83 -39.09
CA ASP L 318 10.61 -51.01 -39.49
C ASP L 318 9.29 -51.16 -38.73
N GLU L 319 9.30 -50.75 -37.47
CA GLU L 319 8.11 -50.87 -36.63
C GLU L 319 7.07 -49.82 -37.01
N LEU L 320 7.52 -48.60 -37.26
CA LEU L 320 6.63 -47.56 -37.75
C LEU L 320 6.10 -47.94 -39.12
N THR L 321 6.92 -48.58 -39.95
CA THR L 321 6.46 -48.96 -41.29
C THR L 321 5.41 -50.05 -41.19
N LYS L 322 5.58 -51.00 -40.29
CA LYS L 322 4.62 -52.06 -40.07
C LYS L 322 3.33 -51.50 -39.51
N ALA L 323 3.43 -50.52 -38.61
CA ALA L 323 2.26 -49.88 -38.03
C ALA L 323 1.46 -49.20 -39.11
N LEU L 324 2.18 -48.55 -40.04
CA LEU L 324 1.55 -47.74 -41.09
C LEU L 324 0.89 -48.63 -42.13
N ASP L 325 1.59 -49.69 -42.50
CA ASP L 325 1.06 -50.65 -43.47
C ASP L 325 -0.20 -51.31 -42.91
N LEU L 326 -0.13 -51.71 -41.64
CA LEU L 326 -1.27 -52.31 -40.97
C LEU L 326 -2.44 -51.34 -40.90
N LEU L 327 -2.15 -50.07 -40.64
CA LEU L 327 -3.18 -49.04 -40.61
C LEU L 327 -3.86 -48.87 -41.96
N ASN L 328 -3.07 -48.95 -43.03
CA ASN L 328 -3.56 -48.89 -44.38
C ASN L 328 -4.42 -50.10 -44.76
N SER L 329 -4.08 -51.24 -44.18
CA SER L 329 -4.79 -52.49 -44.39
C SER L 329 -6.14 -52.50 -43.71
N ILE L 330 -6.34 -51.74 -42.64
CA ILE L 330 -7.66 -51.58 -42.01
C ILE L 330 -8.56 -50.76 -42.94
N LYS M 277 59.86 8.52 2.75
CA LYS M 277 60.49 7.21 2.37
C LYS M 277 60.25 6.89 0.89
N SER M 278 60.87 7.68 0.02
CA SER M 278 60.74 7.56 -1.43
C SER M 278 59.27 7.59 -1.89
N TYR M 279 58.63 8.75 -1.69
CA TYR M 279 57.21 8.98 -2.02
C TYR M 279 56.26 8.03 -1.28
N THR M 280 55.81 8.46 -0.10
CA THR M 280 55.00 7.61 0.79
C THR M 280 53.54 7.42 0.33
N LYS M 281 53.09 8.17 -0.68
CA LYS M 281 51.74 8.05 -1.23
C LYS M 281 51.72 7.32 -2.58
N ASP M 282 52.40 7.89 -3.57
CA ASP M 282 52.34 7.40 -4.96
C ASP M 282 53.07 6.06 -5.16
N GLU M 283 54.33 6.03 -4.79
CA GLU M 283 55.11 4.80 -4.93
C GLU M 283 54.50 3.69 -4.09
N LEU M 284 53.98 4.01 -2.91
CA LEU M 284 53.38 3.01 -2.06
C LEU M 284 52.07 2.48 -2.65
N THR M 285 51.34 3.31 -3.35
CA THR M 285 50.15 2.82 -4.07
C THR M 285 50.56 1.87 -5.19
N LYS M 286 51.62 2.19 -5.91
CA LYS M 286 52.13 1.27 -6.92
C LYS M 286 52.55 -0.08 -6.32
N ILE M 287 53.21 -0.01 -5.18
CA ILE M 287 53.62 -1.16 -4.42
C ILE M 287 52.43 -2.03 -4.04
N MET M 288 51.36 -1.38 -3.57
CA MET M 288 50.13 -2.03 -3.21
C MET M 288 49.48 -2.73 -4.39
N ASP M 289 49.52 -2.06 -5.52
CA ASP M 289 49.01 -2.59 -6.79
C ASP M 289 49.77 -3.89 -7.15
N ARG M 290 51.11 -3.81 -7.05
CA ARG M 290 51.91 -4.97 -7.34
C ARG M 290 51.58 -6.13 -6.40
N ALA M 291 51.41 -5.82 -5.12
CA ALA M 291 51.03 -6.79 -4.12
C ALA M 291 49.68 -7.41 -4.41
N SER M 292 48.76 -6.62 -4.96
CA SER M 292 47.46 -7.14 -5.35
C SER M 292 47.60 -8.17 -6.47
N LYS M 293 48.47 -7.87 -7.42
CA LYS M 293 48.76 -8.80 -8.51
C LYS M 293 49.37 -10.10 -7.98
N ILE M 294 50.32 -9.94 -7.07
CA ILE M 294 50.97 -11.06 -6.40
C ILE M 294 49.95 -11.92 -5.62
N GLU M 295 49.04 -11.25 -4.94
CA GLU M 295 47.98 -11.88 -4.21
C GLU M 295 47.09 -12.72 -5.14
N GLN M 296 46.76 -12.13 -6.27
CA GLN M 296 45.97 -12.81 -7.30
C GLN M 296 46.71 -14.07 -7.78
N ILE M 297 48.02 -13.94 -7.98
CA ILE M 297 48.81 -15.09 -8.40
C ILE M 297 48.78 -16.22 -7.35
N GLN M 298 48.89 -15.82 -6.10
CA GLN M 298 48.81 -16.75 -4.99
C GLN M 298 47.47 -17.50 -4.98
N LYS M 299 46.40 -16.73 -5.20
CA LYS M 299 45.07 -17.29 -5.26
C LYS M 299 44.94 -18.31 -6.39
N LEU M 300 45.50 -17.95 -7.54
CA LEU M 300 45.53 -18.83 -8.70
C LEU M 300 46.24 -20.16 -8.36
N ALA M 301 47.37 -20.03 -7.69
CA ALA M 301 48.15 -21.17 -7.26
C ALA M 301 47.32 -22.08 -6.33
N LYS M 302 46.61 -21.45 -5.42
CA LYS M 302 45.72 -22.18 -4.51
C LYS M 302 44.64 -22.94 -5.26
N TYR M 303 44.04 -22.27 -6.24
CA TYR M 303 43.04 -22.87 -7.10
C TYR M 303 43.59 -24.11 -7.81
N ALA M 304 44.81 -23.95 -8.34
CA ALA M 304 45.50 -25.04 -9.02
C ALA M 304 45.71 -26.24 -8.11
N ILE M 305 46.13 -25.94 -6.89
CA ILE M 305 46.34 -26.94 -5.87
C ILE M 305 45.03 -27.73 -5.61
N SER M 306 43.93 -26.99 -5.44
CA SER M 306 42.64 -27.61 -5.19
C SER M 306 42.22 -28.49 -6.36
N ALA M 307 42.48 -28.01 -7.57
CA ALA M 307 42.16 -28.75 -8.79
C ALA M 307 42.92 -30.07 -8.85
N LEU M 308 44.21 -30.01 -8.49
CA LEU M 308 45.03 -31.20 -8.45
C LEU M 308 44.60 -32.21 -7.37
N ASN M 309 44.16 -31.66 -6.25
CA ASN M 309 43.59 -32.47 -5.18
C ASN M 309 42.41 -33.28 -5.72
N TYR M 310 41.68 -32.80 -6.73
CA TYR M 310 40.60 -33.54 -7.39
C TYR M 310 40.96 -34.13 -8.76
N GLU M 311 42.26 -34.20 -9.06
CA GLU M 311 42.78 -34.81 -10.28
C GLU M 311 42.21 -34.19 -11.57
N ASP M 312 42.15 -32.86 -11.56
CA ASP M 312 41.57 -32.03 -12.62
C ASP M 312 42.68 -31.29 -13.38
N LEU M 313 43.42 -32.06 -14.18
CA LEU M 313 44.67 -31.62 -14.79
C LEU M 313 44.56 -30.35 -15.65
N PRO M 314 43.60 -30.28 -16.60
CA PRO M 314 43.61 -29.16 -17.54
C PRO M 314 43.38 -27.82 -16.85
N THR M 315 42.50 -27.83 -15.84
CA THR M 315 42.19 -26.64 -15.07
C THR M 315 43.40 -26.14 -14.26
N ALA M 316 44.09 -27.11 -13.65
CA ALA M 316 45.32 -26.81 -12.92
C ALA M 316 46.35 -26.22 -13.86
N LYS M 317 46.46 -26.79 -15.05
CA LYS M 317 47.41 -26.30 -16.05
C LYS M 317 47.12 -24.86 -16.41
N ASP M 318 45.83 -24.57 -16.60
CA ASP M 318 45.35 -23.24 -16.95
C ASP M 318 45.73 -22.23 -15.84
N GLU M 319 45.43 -22.61 -14.60
CA GLU M 319 45.62 -21.71 -13.48
C GLU M 319 47.11 -21.42 -13.27
N LEU M 320 47.91 -22.48 -13.28
CA LEU M 320 49.36 -22.35 -13.21
C LEU M 320 49.89 -21.48 -14.34
N THR M 321 49.39 -21.67 -15.55
CA THR M 321 49.88 -20.94 -16.71
C THR M 321 49.59 -19.44 -16.57
N LYS M 322 48.36 -19.15 -16.14
CA LYS M 322 47.91 -17.78 -15.91
C LYS M 322 48.72 -17.12 -14.83
N ALA M 323 49.07 -17.88 -13.78
CA ALA M 323 49.91 -17.32 -12.73
C ALA M 323 51.29 -16.95 -13.30
N LEU M 324 51.86 -17.92 -14.04
CA LEU M 324 53.21 -17.79 -14.56
C LEU M 324 53.34 -16.67 -15.57
N ASP M 325 52.26 -16.45 -16.31
CA ASP M 325 52.23 -15.35 -17.30
C ASP M 325 52.31 -14.03 -16.55
N LEU M 326 51.54 -13.92 -15.45
CA LEU M 326 51.57 -12.67 -14.70
C LEU M 326 52.92 -12.43 -14.00
N LEU M 327 53.53 -13.54 -13.55
CA LEU M 327 54.91 -13.53 -13.03
C LEU M 327 55.87 -12.99 -14.08
N ASN M 328 55.77 -13.50 -15.30
CA ASN M 328 56.62 -13.11 -16.39
C ASN M 328 56.44 -11.66 -16.84
N SER M 329 55.20 -11.17 -16.67
CA SER M 329 54.88 -9.76 -16.91
C SER M 329 55.42 -8.88 -15.80
N ILE M 330 55.34 -9.34 -14.55
CA ILE M 330 55.95 -8.64 -13.43
C ILE M 330 57.49 -8.60 -13.55
N ASP N 289 53.87 -43.81 -11.75
CA ASP N 289 54.00 -42.77 -12.80
C ASP N 289 53.10 -41.56 -12.52
N ARG N 290 51.86 -41.80 -12.09
CA ARG N 290 50.91 -40.72 -11.78
C ARG N 290 50.33 -40.81 -10.37
N ALA N 291 50.96 -40.10 -9.44
CA ALA N 291 50.46 -39.95 -8.04
C ALA N 291 51.49 -39.17 -7.19
N SER N 292 52.68 -39.72 -7.11
CA SER N 292 53.81 -39.05 -6.49
C SER N 292 54.29 -37.84 -7.30
N LYS N 293 54.19 -37.87 -8.63
CA LYS N 293 54.49 -36.72 -9.48
C LYS N 293 53.53 -35.58 -9.20
N ILE N 294 52.24 -35.91 -9.04
CA ILE N 294 51.26 -34.91 -8.67
C ILE N 294 51.58 -34.31 -7.31
N GLU N 295 51.97 -35.16 -6.36
CA GLU N 295 52.36 -34.71 -5.03
C GLU N 295 53.53 -33.72 -5.12
N GLN N 296 54.49 -34.08 -5.95
CA GLN N 296 55.67 -33.22 -6.15
C GLN N 296 55.28 -31.86 -6.75
N ILE N 297 54.36 -31.89 -7.72
CA ILE N 297 53.84 -30.68 -8.31
C ILE N 297 53.18 -29.79 -7.24
N GLN N 298 52.38 -30.43 -6.39
CA GLN N 298 51.70 -29.72 -5.32
C GLN N 298 52.70 -29.05 -4.37
N LYS N 299 53.76 -29.80 -4.06
CA LYS N 299 54.82 -29.33 -3.19
C LYS N 299 55.55 -28.11 -3.77
N LEU N 300 55.83 -28.21 -5.06
CA LEU N 300 56.46 -27.11 -5.80
C LEU N 300 55.55 -25.88 -5.76
N ALA N 301 54.26 -26.08 -5.96
CA ALA N 301 53.31 -24.99 -5.91
C ALA N 301 53.31 -24.30 -4.54
N LYS N 302 53.34 -25.13 -3.50
CA LYS N 302 53.40 -24.66 -2.12
C LYS N 302 54.65 -23.79 -1.91
N TYR N 303 55.77 -24.29 -2.41
CA TYR N 303 57.05 -23.60 -2.32
C TYR N 303 56.97 -22.23 -2.98
N ALA N 304 56.37 -22.23 -4.17
CA ALA N 304 56.17 -21.00 -4.95
C ALA N 304 55.34 -19.98 -4.20
N ILE N 305 54.29 -20.47 -3.55
CA ILE N 305 53.39 -19.66 -2.74
C ILE N 305 54.10 -19.04 -1.54
N SER N 306 54.89 -19.86 -0.84
CA SER N 306 55.73 -19.40 0.25
C SER N 306 56.68 -18.28 -0.21
N ALA N 307 57.27 -18.51 -1.38
CA ALA N 307 58.21 -17.58 -1.98
C ALA N 307 57.56 -16.21 -2.27
N LEU N 308 56.38 -16.28 -2.87
CA LEU N 308 55.59 -15.11 -3.15
C LEU N 308 55.17 -14.38 -1.89
N ASN N 309 54.81 -15.14 -0.88
CA ASN N 309 54.44 -14.59 0.42
C ASN N 309 55.60 -13.73 0.93
N TYR N 310 56.86 -14.10 0.65
CA TYR N 310 58.06 -13.31 1.01
C TYR N 310 58.71 -12.53 -0.14
N GLU N 311 57.91 -12.28 -1.19
CA GLU N 311 58.26 -11.41 -2.29
C GLU N 311 59.54 -11.86 -3.03
N ASP N 312 59.79 -13.17 -3.02
CA ASP N 312 60.95 -13.76 -3.67
C ASP N 312 60.53 -14.19 -5.08
N LEU N 313 60.50 -13.25 -6.03
CA LEU N 313 59.92 -13.51 -7.33
C LEU N 313 60.67 -14.55 -8.15
N PRO N 314 62.03 -14.53 -8.17
CA PRO N 314 62.75 -15.48 -9.01
C PRO N 314 62.52 -16.92 -8.57
N THR N 315 62.52 -17.12 -7.25
CA THR N 315 62.24 -18.43 -6.69
C THR N 315 60.86 -18.92 -7.11
N ALA N 316 59.89 -18.02 -7.03
CA ALA N 316 58.52 -18.31 -7.41
C ALA N 316 58.45 -18.74 -8.88
N LYS N 317 59.16 -18.00 -9.71
CA LYS N 317 59.21 -18.24 -11.14
C LYS N 317 59.76 -19.65 -11.41
N ASP N 318 60.88 -19.96 -10.74
CA ASP N 318 61.56 -21.22 -10.98
C ASP N 318 60.73 -22.41 -10.49
N GLU N 319 60.02 -22.21 -9.39
CA GLU N 319 59.23 -23.27 -8.81
C GLU N 319 57.97 -23.54 -9.62
N LEU N 320 57.32 -22.47 -10.08
CA LEU N 320 56.18 -22.60 -10.97
C LEU N 320 56.63 -23.21 -12.29
N THR N 321 57.82 -22.87 -12.76
CA THR N 321 58.30 -23.42 -14.03
C THR N 321 58.57 -24.91 -13.89
N LYS N 322 59.14 -25.33 -12.76
CA LYS N 322 59.41 -26.73 -12.49
C LYS N 322 58.12 -27.51 -12.37
N ALA N 323 57.12 -26.90 -11.71
CA ALA N 323 55.81 -27.52 -11.55
C ALA N 323 55.19 -27.75 -12.90
N LEU N 324 55.33 -26.77 -13.80
CA LEU N 324 54.68 -26.79 -15.10
C LEU N 324 55.35 -27.80 -16.02
N ASP N 325 56.68 -27.81 -15.99
CA ASP N 325 57.46 -28.76 -16.79
C ASP N 325 57.14 -30.18 -16.36
N LEU N 326 57.11 -30.39 -15.04
CA LEU N 326 56.79 -31.70 -14.49
C LEU N 326 55.38 -32.13 -14.87
N LEU N 327 54.45 -31.19 -14.86
CA LEU N 327 53.08 -31.46 -15.26
C LEU N 327 52.99 -31.87 -16.73
N ASN N 328 53.77 -31.22 -17.57
CA ASN N 328 53.87 -31.54 -18.98
C ASN N 328 54.49 -32.92 -19.24
N SER N 329 55.42 -33.30 -18.35
CA SER N 329 56.09 -34.59 -18.41
C SER N 329 55.19 -35.74 -18.04
N ILE N 330 54.15 -35.51 -17.24
CA ILE N 330 53.15 -36.55 -16.96
C ILE N 330 52.32 -36.81 -18.21
#